data_1GZ0
#
_entry.id   1GZ0
#
_cell.length_a   87.478
_cell.length_b   132.288
_cell.length_c   90.710
_cell.angle_alpha   90.00
_cell.angle_beta   96.40
_cell.angle_gamma   90.00
#
_symmetry.space_group_name_H-M   'P 1 21 1'
#
loop_
_entity.id
_entity.type
_entity.pdbx_description
1 polymer 'HYPOTHETICAL TRNA/RRNA METHYLTRANSFERASE YJFH'
2 water water
#
_entity_poly.entity_id   1
_entity_poly.type   'polypeptide(L)'
_entity_poly.pdbx_seq_one_letter_code
;SSGLVPRGSH(MSE)SE(MSE)IYGIHAVQALLERAPERFQEVFILKGREDKRLLPLIHALESQGVVIQLANRQYLDEKS
DGAVHQGIIARVKPGRQYQENDLPDLIASLDQPFLLILDGVTDPHNLGACLRSADAAGVHAVIVPKDRSAQLNATAKKVA
CGAAESVPLIRVTNLART(MSE)R(MSE)LQEENIWIVGTAGEADHTLYQSK(MSE)TGRLALV(MSE)GAEGEG(MSE)
RRLTREHCDELISIP(MSE)AGSVSSLNVSVATGICLFEAVRQRS
;
_entity_poly.pdbx_strand_id   A,B,C,D,E,F,G,H
#
# COMPACT_ATOMS: atom_id res chain seq x y z
N SER A 12 11.80 -47.62 5.04
CA SER A 12 11.00 -48.41 4.05
C SER A 12 9.52 -48.04 4.08
N GLU A 13 8.98 -47.71 2.91
CA GLU A 13 7.56 -47.34 2.79
C GLU A 13 6.80 -48.34 1.93
N MSE A 14 5.52 -48.56 2.27
CA MSE A 14 4.65 -49.49 1.55
C MSE A 14 3.61 -48.80 0.69
O MSE A 14 2.78 -48.03 1.19
CB MSE A 14 3.93 -50.40 2.55
CG MSE A 14 4.81 -51.43 3.22
SE MSE A 14 5.47 -52.72 1.94
CE MSE A 14 7.19 -53.08 2.73
N ILE A 15 3.63 -49.06 -0.61
CA ILE A 15 2.67 -48.46 -1.52
C ILE A 15 1.76 -49.52 -2.13
N TYR A 16 0.50 -49.16 -2.31
CA TYR A 16 -0.49 -50.04 -2.90
C TYR A 16 -1.19 -49.27 -3.99
N GLY A 17 -1.69 -49.99 -5.00
CA GLY A 17 -2.37 -49.33 -6.10
C GLY A 17 -1.56 -49.26 -7.37
N ILE A 18 -2.23 -49.25 -8.51
CA ILE A 18 -1.58 -49.20 -9.80
C ILE A 18 -1.11 -47.78 -10.14
N HIS A 19 -1.81 -46.78 -9.63
CA HIS A 19 -1.44 -45.40 -9.90
C HIS A 19 -0.20 -44.94 -9.15
N ALA A 20 0.07 -45.55 -8.01
CA ALA A 20 1.24 -45.20 -7.20
C ALA A 20 2.43 -46.08 -7.64
N VAL A 21 2.15 -47.30 -8.07
CA VAL A 21 3.21 -48.21 -8.51
C VAL A 21 3.76 -47.69 -9.83
N GLN A 22 2.88 -47.11 -10.64
CA GLN A 22 3.28 -46.60 -11.94
C GLN A 22 3.87 -45.20 -11.89
N ALA A 23 3.33 -44.32 -11.06
CA ALA A 23 3.88 -42.97 -10.98
C ALA A 23 5.36 -43.09 -10.60
N LEU A 24 5.68 -44.16 -9.87
CA LEU A 24 7.04 -44.43 -9.43
C LEU A 24 7.87 -45.04 -10.55
N LEU A 25 7.22 -45.81 -11.41
CA LEU A 25 7.91 -46.45 -12.53
C LEU A 25 8.31 -45.37 -13.54
N GLU A 26 7.46 -44.36 -13.69
CA GLU A 26 7.73 -43.25 -14.60
C GLU A 26 8.72 -42.26 -14.00
N ARG A 27 8.57 -42.00 -12.71
CA ARG A 27 9.44 -41.04 -12.03
C ARG A 27 10.65 -41.59 -11.28
N ALA A 28 10.43 -42.37 -10.22
CA ALA A 28 11.55 -42.93 -9.46
C ALA A 28 11.53 -44.46 -9.42
N PRO A 29 11.89 -45.10 -10.54
CA PRO A 29 11.90 -46.56 -10.56
C PRO A 29 12.99 -47.06 -9.62
N GLU A 30 13.98 -46.20 -9.39
CA GLU A 30 15.10 -46.58 -8.53
C GLU A 30 14.66 -46.73 -7.08
N ARG A 31 13.41 -46.36 -6.79
CA ARG A 31 12.88 -46.47 -5.44
C ARG A 31 12.29 -47.85 -5.19
N PHE A 32 12.15 -48.64 -6.24
CA PHE A 32 11.61 -49.99 -6.12
C PHE A 32 12.62 -50.96 -5.54
N GLN A 33 12.19 -51.68 -4.50
CA GLN A 33 13.03 -52.67 -3.86
C GLN A 33 12.44 -54.06 -4.12
N GLU A 34 11.16 -54.23 -3.78
CA GLU A 34 10.50 -55.50 -3.99
C GLU A 34 9.01 -55.32 -4.28
N VAL A 35 8.53 -56.04 -5.29
CA VAL A 35 7.13 -55.97 -5.71
C VAL A 35 6.35 -57.22 -5.31
N PHE A 36 5.10 -57.03 -4.89
CA PHE A 36 4.21 -58.11 -4.50
C PHE A 36 2.93 -58.07 -5.31
N ILE A 37 2.66 -59.15 -6.03
CA ILE A 37 1.47 -59.24 -6.86
C ILE A 37 0.73 -60.55 -6.64
N LEU A 38 -0.60 -60.51 -6.79
CA LEU A 38 -1.43 -61.71 -6.59
C LEU A 38 -0.96 -62.92 -7.40
N LYS A 39 -0.68 -64.01 -6.72
CA LYS A 39 -0.21 -65.23 -7.39
C LYS A 39 -1.37 -66.08 -7.93
N GLY A 40 -1.86 -65.72 -9.11
CA GLY A 40 -2.94 -66.48 -9.71
C GLY A 40 -4.16 -65.65 -10.06
N ARG A 41 -4.03 -64.86 -11.12
CA ARG A 41 -5.11 -64.00 -11.60
C ARG A 41 -4.56 -63.01 -12.60
N GLU A 42 -4.68 -63.35 -13.88
CA GLU A 42 -4.18 -62.48 -14.95
C GLU A 42 -5.04 -61.23 -15.14
N ASP A 43 -4.38 -60.10 -15.41
CA ASP A 43 -5.08 -58.84 -15.64
C ASP A 43 -4.28 -58.02 -16.62
N LYS A 44 -4.90 -57.61 -17.72
CA LYS A 44 -4.19 -56.79 -18.70
C LYS A 44 -3.99 -55.41 -18.12
N ARG A 45 -4.25 -55.32 -16.82
CA ARG A 45 -4.09 -54.06 -16.10
C ARG A 45 -2.76 -54.13 -15.34
N LEU A 46 -2.19 -55.33 -15.28
CA LEU A 46 -0.93 -55.52 -14.55
C LEU A 46 0.29 -55.88 -15.40
N LEU A 47 0.11 -56.78 -16.38
CA LEU A 47 1.25 -57.14 -17.22
C LEU A 47 2.00 -55.93 -17.77
N PRO A 48 1.29 -54.93 -18.30
CA PRO A 48 2.03 -53.76 -18.83
C PRO A 48 2.78 -53.02 -17.73
N LEU A 49 2.75 -53.59 -16.52
CA LEU A 49 3.42 -53.02 -15.39
C LEU A 49 4.44 -54.08 -14.95
N ILE A 50 3.97 -55.31 -14.85
CA ILE A 50 4.82 -56.43 -14.47
C ILE A 50 6.05 -56.48 -15.37
N HIS A 51 5.83 -56.32 -16.68
CA HIS A 51 6.90 -56.33 -17.66
C HIS A 51 7.87 -55.20 -17.44
N ALA A 52 7.33 -54.00 -17.20
CA ALA A 52 8.15 -52.81 -16.98
C ALA A 52 9.03 -53.02 -15.77
N LEU A 53 8.45 -53.63 -14.73
CA LEU A 53 9.17 -53.93 -13.51
C LEU A 53 10.30 -54.90 -13.83
N GLU A 54 9.98 -55.92 -14.64
CA GLU A 54 10.98 -56.91 -15.04
C GLU A 54 12.10 -56.24 -15.83
N SER A 55 11.73 -55.34 -16.74
CA SER A 55 12.70 -54.62 -17.57
C SER A 55 13.58 -53.75 -16.70
N GLN A 56 13.00 -53.19 -15.64
CA GLN A 56 13.71 -52.34 -14.70
C GLN A 56 14.67 -53.12 -13.84
N GLY A 57 14.47 -54.43 -13.78
CA GLY A 57 15.33 -55.26 -12.95
C GLY A 57 14.85 -55.23 -11.52
N VAL A 58 13.55 -55.06 -11.34
CA VAL A 58 12.97 -55.03 -10.02
C VAL A 58 12.61 -56.46 -9.63
N VAL A 59 12.98 -56.84 -8.41
CA VAL A 59 12.68 -58.19 -7.94
C VAL A 59 11.17 -58.30 -7.70
N ILE A 60 10.52 -59.21 -8.42
CA ILE A 60 9.09 -59.40 -8.26
C ILE A 60 8.87 -60.55 -7.30
N GLN A 61 7.76 -60.51 -6.56
CA GLN A 61 7.48 -61.57 -5.60
C GLN A 61 6.03 -62.04 -5.61
N LEU A 62 5.86 -63.36 -5.69
CA LEU A 62 4.56 -64.01 -5.71
C LEU A 62 3.98 -64.06 -4.30
N ALA A 63 2.71 -63.65 -4.17
CA ALA A 63 2.05 -63.66 -2.86
C ALA A 63 0.54 -63.85 -2.97
N ASN A 64 -0.02 -64.64 -2.06
CA ASN A 64 -1.47 -64.89 -2.05
C ASN A 64 -2.22 -63.60 -1.81
N ARG A 65 -3.54 -63.69 -1.64
CA ARG A 65 -4.34 -62.50 -1.40
C ARG A 65 -4.28 -62.03 0.05
N GLN A 66 -4.06 -62.95 0.98
CA GLN A 66 -3.97 -62.58 2.39
C GLN A 66 -2.71 -61.74 2.61
N TYR A 67 -1.60 -62.21 2.07
CA TYR A 67 -0.30 -61.54 2.19
C TYR A 67 -0.44 -60.07 1.79
N LEU A 68 -1.42 -59.77 0.95
CA LEU A 68 -1.65 -58.39 0.48
C LEU A 68 -2.86 -57.70 1.13
N ASP A 69 -3.66 -58.44 1.89
CA ASP A 69 -4.81 -57.86 2.56
C ASP A 69 -4.37 -57.31 3.91
N GLU A 70 -3.32 -57.90 4.46
CA GLU A 70 -2.78 -57.49 5.74
C GLU A 70 -1.83 -56.30 5.57
N LYS A 71 -0.71 -56.55 4.89
CA LYS A 71 0.30 -55.52 4.65
C LYS A 71 -0.16 -54.35 3.78
N SER A 72 -1.31 -53.79 4.13
CA SER A 72 -1.88 -52.65 3.41
C SER A 72 -3.12 -52.17 4.16
N ASP A 73 -3.51 -52.91 5.19
CA ASP A 73 -4.68 -52.57 5.98
C ASP A 73 -5.93 -52.48 5.12
N GLY A 74 -6.33 -53.62 4.56
CA GLY A 74 -7.52 -53.68 3.73
C GLY A 74 -7.67 -52.50 2.79
N ALA A 75 -6.75 -52.39 1.84
CA ALA A 75 -6.77 -51.32 0.86
C ALA A 75 -7.25 -51.86 -0.48
N VAL A 76 -7.60 -50.95 -1.39
CA VAL A 76 -8.06 -51.32 -2.72
C VAL A 76 -6.81 -51.51 -3.59
N HIS A 77 -5.89 -52.33 -3.10
CA HIS A 77 -4.62 -52.61 -3.78
C HIS A 77 -4.72 -53.05 -5.23
N GLN A 78 -5.90 -53.51 -5.65
CA GLN A 78 -6.11 -53.96 -7.02
C GLN A 78 -5.12 -55.05 -7.41
N GLY A 79 -4.56 -55.71 -6.39
CA GLY A 79 -3.62 -56.79 -6.62
C GLY A 79 -2.14 -56.44 -6.64
N ILE A 80 -1.79 -55.20 -6.33
CA ILE A 80 -0.39 -54.81 -6.36
C ILE A 80 0.08 -53.93 -5.19
N ILE A 81 1.21 -54.31 -4.61
CA ILE A 81 1.84 -53.59 -3.50
C ILE A 81 3.35 -53.77 -3.61
N ALA A 82 4.10 -52.75 -3.20
CA ALA A 82 5.55 -52.84 -3.29
C ALA A 82 6.29 -52.26 -2.09
N ARG A 83 7.56 -52.65 -1.96
CA ARG A 83 8.42 -52.16 -0.89
C ARG A 83 9.26 -51.07 -1.54
N VAL A 84 9.09 -49.84 -1.08
CA VAL A 84 9.81 -48.72 -1.65
C VAL A 84 10.60 -47.89 -0.65
N LYS A 85 11.71 -47.31 -1.13
CA LYS A 85 12.55 -46.45 -0.30
C LYS A 85 11.80 -45.13 -0.23
N PRO A 86 11.67 -44.54 0.97
CA PRO A 86 10.96 -43.27 1.11
C PRO A 86 11.44 -42.25 0.07
N GLY A 87 10.52 -41.46 -0.46
CA GLY A 87 10.87 -40.48 -1.48
C GLY A 87 11.50 -39.21 -0.94
N ARG A 88 12.52 -38.73 -1.64
CA ARG A 88 13.24 -37.50 -1.29
C ARG A 88 12.27 -36.38 -0.94
N GLN A 89 12.26 -35.96 0.33
CA GLN A 89 11.36 -34.89 0.72
C GLN A 89 12.16 -33.59 0.74
N TYR A 90 11.72 -32.62 -0.07
CA TYR A 90 12.42 -31.35 -0.15
C TYR A 90 11.97 -30.40 0.94
N GLN A 91 12.95 -29.76 1.59
CA GLN A 91 12.64 -28.78 2.63
C GLN A 91 12.94 -27.41 2.03
N GLU A 92 12.36 -26.38 2.63
CA GLU A 92 12.55 -25.01 2.18
C GLU A 92 13.98 -24.70 1.85
N ASN A 93 14.88 -25.24 2.66
CA ASN A 93 16.31 -25.02 2.49
C ASN A 93 16.87 -25.50 1.16
N ASP A 94 16.44 -26.68 0.69
CA ASP A 94 16.97 -27.17 -0.56
C ASP A 94 16.22 -26.74 -1.82
N LEU A 95 15.42 -25.69 -1.69
CA LEU A 95 14.66 -25.18 -2.82
C LEU A 95 15.59 -24.50 -3.84
N PRO A 96 16.49 -23.62 -3.38
CA PRO A 96 17.41 -22.93 -4.27
C PRO A 96 18.26 -23.85 -5.15
N ASP A 97 18.59 -25.02 -4.65
CA ASP A 97 19.37 -25.99 -5.42
C ASP A 97 18.46 -26.65 -6.45
N LEU A 98 17.24 -27.02 -6.02
CA LEU A 98 16.27 -27.65 -6.91
C LEU A 98 16.05 -26.74 -8.11
N ILE A 99 15.85 -25.46 -7.82
CA ILE A 99 15.65 -24.48 -8.87
C ILE A 99 16.87 -24.43 -9.78
N ALA A 100 18.05 -24.33 -9.19
CA ALA A 100 19.29 -24.28 -9.98
C ALA A 100 19.43 -25.47 -10.94
N SER A 101 18.85 -26.61 -10.58
CA SER A 101 18.94 -27.80 -11.45
C SER A 101 17.85 -27.77 -12.51
N LEU A 102 17.07 -26.69 -12.53
CA LEU A 102 15.97 -26.57 -13.48
C LEU A 102 16.31 -25.69 -14.68
N ASP A 103 16.14 -26.26 -15.87
CA ASP A 103 16.42 -25.50 -17.07
C ASP A 103 15.55 -24.25 -17.15
N GLN A 104 14.27 -24.41 -16.86
CA GLN A 104 13.32 -23.31 -16.89
C GLN A 104 12.17 -23.61 -15.91
N PRO A 105 12.37 -23.23 -14.63
CA PRO A 105 11.41 -23.41 -13.55
C PRO A 105 9.96 -23.09 -13.91
N PHE A 106 9.08 -24.04 -13.58
CA PHE A 106 7.66 -23.92 -13.80
C PHE A 106 7.09 -24.30 -12.43
N LEU A 107 6.78 -23.31 -11.60
CA LEU A 107 6.29 -23.60 -10.25
C LEU A 107 4.84 -23.21 -9.94
N LEU A 108 4.28 -23.90 -8.95
CA LEU A 108 2.93 -23.67 -8.49
C LEU A 108 2.96 -23.36 -6.99
N ILE A 109 2.36 -22.24 -6.62
CA ILE A 109 2.31 -21.83 -5.25
C ILE A 109 0.85 -21.80 -4.80
N LEU A 110 0.57 -22.46 -3.69
CA LEU A 110 -0.78 -22.46 -3.17
C LEU A 110 -0.85 -21.69 -1.86
N ASP A 111 -1.56 -20.58 -1.89
CA ASP A 111 -1.73 -19.73 -0.70
C ASP A 111 -3.15 -19.89 -0.18
N GLY A 112 -3.32 -20.64 0.90
CA GLY A 112 -4.65 -20.83 1.46
C GLY A 112 -5.38 -22.12 1.17
N VAL A 113 -4.68 -23.16 0.72
CA VAL A 113 -5.35 -24.42 0.47
C VAL A 113 -5.24 -25.24 1.74
N THR A 114 -6.35 -25.24 2.49
CA THR A 114 -6.42 -25.90 3.78
C THR A 114 -7.08 -27.27 3.75
N ASP A 115 -7.82 -27.53 2.68
CA ASP A 115 -8.53 -28.80 2.53
C ASP A 115 -7.70 -29.90 1.81
N PRO A 116 -7.30 -30.96 2.54
CA PRO A 116 -6.50 -32.07 2.01
C PRO A 116 -6.95 -32.56 0.63
N HIS A 117 -8.23 -32.47 0.36
CA HIS A 117 -8.77 -32.90 -0.92
C HIS A 117 -8.34 -31.95 -2.04
N ASN A 118 -8.37 -30.65 -1.79
CA ASN A 118 -7.99 -29.69 -2.81
C ASN A 118 -6.48 -29.76 -3.08
N LEU A 119 -5.71 -30.03 -2.03
CA LEU A 119 -4.27 -30.14 -2.17
C LEU A 119 -3.94 -31.29 -3.09
N GLY A 120 -4.69 -32.37 -2.95
CA GLY A 120 -4.48 -33.53 -3.80
C GLY A 120 -4.84 -33.19 -5.24
N ALA A 121 -6.00 -32.55 -5.45
CA ALA A 121 -6.44 -32.22 -6.82
C ALA A 121 -5.45 -31.31 -7.53
N CYS A 122 -4.96 -30.30 -6.80
CA CYS A 122 -3.99 -29.36 -7.36
C CYS A 122 -2.69 -30.09 -7.70
N LEU A 123 -2.31 -31.06 -6.87
CA LEU A 123 -1.13 -31.85 -7.10
C LEU A 123 -1.30 -32.68 -8.37
N ARG A 124 -2.46 -33.32 -8.51
CA ARG A 124 -2.73 -34.14 -9.68
C ARG A 124 -2.55 -33.31 -10.95
N SER A 125 -3.17 -32.12 -10.98
CA SER A 125 -3.11 -31.20 -12.13
C SER A 125 -1.73 -30.59 -12.38
N ALA A 126 -0.96 -30.36 -11.31
CA ALA A 126 0.37 -29.79 -11.46
C ALA A 126 1.25 -30.81 -12.16
N ASP A 127 1.07 -32.07 -11.75
CA ASP A 127 1.83 -33.15 -12.33
C ASP A 127 1.48 -33.17 -13.79
N ALA A 128 0.18 -33.26 -14.07
CA ALA A 128 -0.30 -33.29 -15.43
C ALA A 128 0.28 -32.15 -16.25
N ALA A 129 0.43 -30.98 -15.64
CA ALA A 129 0.96 -29.82 -16.33
C ALA A 129 2.47 -29.81 -16.45
N GLY A 130 3.15 -30.67 -15.68
CA GLY A 130 4.60 -30.68 -15.72
C GLY A 130 5.22 -29.69 -14.77
N VAL A 131 4.50 -29.31 -13.72
CA VAL A 131 5.05 -28.40 -12.73
C VAL A 131 6.17 -29.12 -11.98
N HIS A 132 7.29 -28.42 -11.78
CA HIS A 132 8.45 -29.02 -11.10
C HIS A 132 8.31 -29.08 -9.60
N ALA A 133 7.44 -28.25 -9.04
CA ALA A 133 7.27 -28.27 -7.60
C ALA A 133 6.12 -27.41 -7.13
N VAL A 134 5.46 -27.87 -6.07
CA VAL A 134 4.35 -27.13 -5.46
C VAL A 134 4.86 -26.59 -4.12
N ILE A 135 4.79 -25.26 -4.01
CA ILE A 135 5.25 -24.55 -2.84
C ILE A 135 4.02 -24.09 -2.05
N VAL A 136 4.04 -24.31 -0.73
CA VAL A 136 2.92 -23.95 0.13
C VAL A 136 3.35 -23.39 1.51
N PRO A 137 2.51 -22.54 2.11
CA PRO A 137 2.78 -21.93 3.40
C PRO A 137 2.77 -23.03 4.45
N LYS A 138 3.93 -23.33 5.03
CA LYS A 138 4.06 -24.37 6.06
C LYS A 138 2.99 -24.28 7.12
N ASP A 139 2.53 -23.05 7.39
CA ASP A 139 1.51 -22.79 8.40
C ASP A 139 0.16 -22.39 7.82
N ARG A 140 -0.87 -23.12 8.22
CA ARG A 140 -2.25 -22.93 7.77
C ARG A 140 -2.44 -23.35 6.31
N SER A 141 -2.09 -24.61 6.07
CA SER A 141 -2.17 -25.26 4.78
C SER A 141 -2.42 -26.74 5.04
N ALA A 142 -3.14 -27.39 4.14
CA ALA A 142 -3.46 -28.81 4.32
C ALA A 142 -2.22 -29.70 4.35
N GLN A 143 -2.39 -30.87 4.92
CA GLN A 143 -1.29 -31.79 5.01
C GLN A 143 -1.48 -32.93 4.03
N LEU A 144 -0.35 -33.47 3.58
CA LEU A 144 -0.35 -34.58 2.65
C LEU A 144 -0.64 -35.86 3.43
N ASN A 145 -1.91 -36.11 3.69
CA ASN A 145 -2.32 -37.29 4.41
C ASN A 145 -2.82 -38.34 3.42
N ALA A 146 -3.39 -39.42 3.94
CA ALA A 146 -3.90 -40.49 3.12
C ALA A 146 -4.80 -39.96 2.01
N THR A 147 -5.77 -39.14 2.41
CA THR A 147 -6.71 -38.56 1.45
C THR A 147 -6.11 -37.67 0.37
N ALA A 148 -5.14 -36.85 0.72
CA ALA A 148 -4.53 -35.99 -0.28
C ALA A 148 -3.85 -36.88 -1.34
N LYS A 149 -2.99 -37.78 -0.88
CA LYS A 149 -2.29 -38.69 -1.77
C LYS A 149 -3.28 -39.41 -2.65
N LYS A 150 -4.35 -39.90 -2.06
CA LYS A 150 -5.38 -40.61 -2.81
C LYS A 150 -5.96 -39.75 -3.93
N VAL A 151 -6.41 -38.55 -3.59
CA VAL A 151 -6.98 -37.67 -4.61
C VAL A 151 -5.92 -37.23 -5.62
N ALA A 152 -4.66 -37.28 -5.20
CA ALA A 152 -3.55 -36.87 -6.07
C ALA A 152 -3.29 -37.84 -7.22
N CYS A 153 -3.86 -39.05 -7.09
CA CYS A 153 -3.70 -40.11 -8.08
C CYS A 153 -2.27 -40.43 -8.45
N GLY A 154 -1.41 -40.43 -7.43
CA GLY A 154 0.00 -40.73 -7.63
C GLY A 154 0.90 -39.50 -7.68
N ALA A 155 0.29 -38.33 -7.93
CA ALA A 155 1.06 -37.09 -8.04
C ALA A 155 1.93 -36.83 -6.81
N ALA A 156 1.51 -37.35 -5.67
CA ALA A 156 2.29 -37.15 -4.46
C ALA A 156 3.71 -37.66 -4.66
N GLU A 157 3.84 -38.80 -5.33
CA GLU A 157 5.15 -39.41 -5.57
C GLU A 157 5.99 -38.75 -6.65
N SER A 158 5.39 -37.90 -7.48
CA SER A 158 6.12 -37.26 -8.57
C SER A 158 6.49 -35.81 -8.36
N VAL A 159 5.53 -35.00 -7.91
CA VAL A 159 5.79 -33.58 -7.73
C VAL A 159 6.05 -33.24 -6.28
N PRO A 160 7.26 -32.77 -5.98
CA PRO A 160 7.57 -32.42 -4.61
C PRO A 160 6.71 -31.27 -4.12
N LEU A 161 6.35 -31.34 -2.84
CA LEU A 161 5.55 -30.33 -2.17
C LEU A 161 6.48 -29.80 -1.08
N ILE A 162 6.87 -28.55 -1.22
CA ILE A 162 7.79 -27.93 -0.31
C ILE A 162 7.04 -26.98 0.61
N ARG A 163 7.11 -27.24 1.91
CA ARG A 163 6.42 -26.43 2.91
C ARG A 163 7.37 -25.30 3.36
N VAL A 164 6.87 -24.08 3.31
CA VAL A 164 7.72 -22.95 3.61
C VAL A 164 7.23 -22.09 4.78
N THR A 165 8.18 -21.61 5.59
CA THR A 165 7.87 -20.77 6.75
C THR A 165 7.09 -19.52 6.39
N ASN A 166 7.74 -18.65 5.62
CA ASN A 166 7.15 -17.38 5.18
C ASN A 166 7.08 -17.40 3.64
N LEU A 167 5.86 -17.21 3.12
CA LEU A 167 5.64 -17.21 1.68
C LEU A 167 6.35 -16.05 0.99
N ALA A 168 6.17 -14.85 1.54
CA ALA A 168 6.76 -13.64 1.01
C ALA A 168 8.28 -13.78 0.90
N ARG A 169 8.91 -14.37 1.91
CA ARG A 169 10.35 -14.54 1.89
C ARG A 169 10.73 -15.43 0.71
N THR A 170 10.07 -16.58 0.61
CA THR A 170 10.34 -17.51 -0.47
C THR A 170 10.09 -16.87 -1.86
N MSE A 171 9.02 -16.10 -1.98
CA MSE A 171 8.70 -15.46 -3.24
C MSE A 171 9.83 -14.52 -3.65
O MSE A 171 10.20 -14.47 -4.83
CB MSE A 171 7.37 -14.71 -3.14
CG MSE A 171 6.18 -15.66 -3.05
SE MSE A 171 4.48 -14.85 -2.66
CE MSE A 171 4.12 -14.09 -4.42
N ARG A 172 10.36 -13.77 -2.69
CA ARG A 172 11.46 -12.84 -2.99
C ARG A 172 12.66 -13.64 -3.46
N MSE A 173 12.87 -14.79 -2.82
CA MSE A 173 13.98 -15.64 -3.22
C MSE A 173 13.79 -16.04 -4.68
O MSE A 173 14.71 -15.91 -5.49
CB MSE A 173 14.03 -16.87 -2.32
CG MSE A 173 15.20 -17.81 -2.57
SE MSE A 173 14.83 -19.07 -3.97
CE MSE A 173 13.42 -20.09 -3.12
N LEU A 174 12.59 -16.50 -5.02
CA LEU A 174 12.29 -16.90 -6.39
C LEU A 174 12.54 -15.74 -7.37
N GLN A 175 12.16 -14.52 -6.97
CA GLN A 175 12.36 -13.33 -7.81
C GLN A 175 13.84 -12.92 -7.91
N GLU A 176 14.60 -13.12 -6.83
CA GLU A 176 16.02 -12.81 -6.89
C GLU A 176 16.67 -13.85 -7.78
N GLU A 177 15.88 -14.87 -8.16
CA GLU A 177 16.36 -15.93 -9.04
C GLU A 177 15.67 -15.89 -10.42
N ASN A 178 15.21 -14.72 -10.82
CA ASN A 178 14.57 -14.50 -12.11
C ASN A 178 13.33 -15.30 -12.48
N ILE A 179 12.57 -15.74 -11.49
CA ILE A 179 11.35 -16.49 -11.75
C ILE A 179 10.21 -15.48 -11.71
N TRP A 180 9.50 -15.34 -12.83
CA TRP A 180 8.38 -14.39 -12.89
C TRP A 180 7.18 -14.97 -12.13
N ILE A 181 6.65 -14.15 -11.22
CA ILE A 181 5.51 -14.55 -10.39
C ILE A 181 4.19 -13.93 -10.83
N VAL A 182 3.28 -14.78 -11.27
CA VAL A 182 1.97 -14.33 -11.72
C VAL A 182 0.94 -14.99 -10.82
N GLY A 183 0.09 -14.16 -10.21
CA GLY A 183 -0.94 -14.63 -9.30
C GLY A 183 -2.33 -14.24 -9.77
N THR A 184 -3.29 -15.14 -9.58
CA THR A 184 -4.66 -14.93 -10.00
C THR A 184 -5.39 -14.11 -8.93
N ALA A 185 -6.15 -13.11 -9.34
CA ALA A 185 -6.87 -12.29 -8.38
C ALA A 185 -7.97 -11.54 -9.08
N GLY A 186 -9.07 -11.31 -8.38
CA GLY A 186 -10.18 -10.60 -8.97
C GLY A 186 -9.82 -9.17 -9.37
N GLU A 187 -9.05 -8.51 -8.51
CA GLU A 187 -8.66 -7.13 -8.80
C GLU A 187 -7.49 -7.01 -9.78
N ALA A 188 -7.48 -7.83 -10.82
CA ALA A 188 -6.40 -7.76 -11.81
C ALA A 188 -6.89 -6.88 -12.96
N ASP A 189 -5.98 -6.32 -13.75
CA ASP A 189 -6.38 -5.44 -14.84
C ASP A 189 -6.52 -6.18 -16.16
N HIS A 190 -5.89 -7.35 -16.28
CA HIS A 190 -6.00 -8.13 -17.51
C HIS A 190 -6.34 -9.56 -17.16
N THR A 191 -6.67 -10.34 -18.18
CA THR A 191 -7.05 -11.72 -17.95
C THR A 191 -5.91 -12.67 -18.20
N LEU A 192 -6.13 -13.88 -17.73
CA LEU A 192 -5.20 -14.99 -17.88
C LEU A 192 -4.72 -15.09 -19.34
N TYR A 193 -5.57 -14.75 -20.28
CA TYR A 193 -5.19 -14.85 -21.69
C TYR A 193 -4.35 -13.68 -22.21
N GLN A 194 -4.25 -12.62 -21.43
CA GLN A 194 -3.46 -11.47 -21.83
C GLN A 194 -2.17 -11.46 -21.01
N SER A 195 -1.75 -12.64 -20.58
CA SER A 195 -0.55 -12.79 -19.77
C SER A 195 0.53 -13.56 -20.55
N LYS A 196 1.78 -13.46 -20.12
CA LYS A 196 2.89 -14.18 -20.78
C LYS A 196 3.37 -15.26 -19.81
N MSE A 197 3.04 -16.50 -20.11
CA MSE A 197 3.39 -17.58 -19.22
C MSE A 197 4.49 -18.49 -19.68
O MSE A 197 4.47 -19.70 -19.46
CB MSE A 197 2.11 -18.32 -18.90
CG MSE A 197 1.05 -17.31 -18.42
SE MSE A 197 -0.56 -18.09 -17.76
CE MSE A 197 0.10 -18.43 -15.95
N THR A 198 5.50 -17.88 -20.29
CA THR A 198 6.68 -18.58 -20.80
C THR A 198 7.87 -18.20 -19.93
N GLY A 199 8.94 -18.97 -20.00
CA GLY A 199 10.13 -18.64 -19.21
C GLY A 199 10.14 -19.10 -17.78
N ARG A 200 10.82 -18.37 -16.91
CA ARG A 200 10.90 -18.73 -15.51
C ARG A 200 9.59 -18.33 -14.85
N LEU A 201 8.75 -19.31 -14.51
CA LEU A 201 7.45 -18.98 -13.97
C LEU A 201 6.93 -19.68 -12.70
N ALA A 202 6.19 -18.92 -11.90
CA ALA A 202 5.55 -19.45 -10.70
C ALA A 202 4.11 -18.93 -10.74
N LEU A 203 3.15 -19.85 -10.66
CA LEU A 203 1.73 -19.49 -10.66
C LEU A 203 1.20 -19.55 -9.23
N VAL A 204 0.53 -18.49 -8.80
CA VAL A 204 -0.02 -18.46 -7.45
C VAL A 204 -1.54 -18.45 -7.49
N MSE A 205 -2.11 -19.37 -6.70
CA MSE A 205 -3.56 -19.50 -6.56
C MSE A 205 -3.80 -19.29 -5.08
O MSE A 205 -2.99 -19.69 -4.24
CB MSE A 205 -4.05 -20.89 -6.95
CG MSE A 205 -3.61 -21.40 -8.33
SE MSE A 205 -4.17 -20.28 -9.78
CE MSE A 205 -6.10 -20.37 -9.60
N GLY A 206 -4.91 -18.65 -4.76
CA GLY A 206 -5.23 -18.43 -3.37
C GLY A 206 -6.52 -19.19 -3.07
N ALA A 207 -6.92 -19.19 -1.80
CA ALA A 207 -8.14 -19.87 -1.37
C ALA A 207 -9.33 -19.43 -2.22
N GLU A 208 -10.33 -20.30 -2.30
CA GLU A 208 -11.53 -20.04 -3.07
C GLU A 208 -12.34 -18.77 -2.73
N GLY A 209 -12.30 -18.32 -1.48
CA GLY A 209 -13.06 -17.12 -1.17
C GLY A 209 -12.23 -15.86 -0.94
N GLU A 210 -11.24 -15.99 -0.08
CA GLU A 210 -10.38 -14.88 0.25
C GLU A 210 -9.29 -14.60 -0.79
N GLY A 211 -8.97 -15.61 -1.61
CA GLY A 211 -7.94 -15.44 -2.60
C GLY A 211 -6.60 -15.40 -1.89
N MSE A 212 -5.57 -14.90 -2.57
CA MSE A 212 -4.25 -14.80 -1.95
C MSE A 212 -4.34 -13.76 -0.84
O MSE A 212 -5.16 -12.84 -0.90
CB MSE A 212 -3.21 -14.31 -2.95
CG MSE A 212 -3.01 -15.12 -4.21
SE MSE A 212 -1.64 -14.25 -5.30
CE MSE A 212 -2.77 -12.95 -6.22
N ARG A 213 -3.48 -13.89 0.16
CA ARG A 213 -3.46 -12.90 1.22
C ARG A 213 -2.84 -11.64 0.59
N ARG A 214 -3.23 -10.45 1.06
CA ARG A 214 -2.74 -9.17 0.54
C ARG A 214 -1.22 -9.17 0.31
N LEU A 215 -0.47 -9.63 1.30
CA LEU A 215 0.98 -9.67 1.22
C LEU A 215 1.45 -10.52 0.02
N THR A 216 0.83 -11.67 -0.17
CA THR A 216 1.15 -12.58 -1.26
C THR A 216 0.92 -11.95 -2.62
N ARG A 217 -0.22 -11.28 -2.80
CA ARG A 217 -0.48 -10.69 -4.09
C ARG A 217 0.37 -9.45 -4.36
N GLU A 218 0.96 -8.90 -3.32
CA GLU A 218 1.79 -7.73 -3.51
C GLU A 218 3.18 -8.16 -3.93
N HIS A 219 3.55 -9.39 -3.58
CA HIS A 219 4.86 -9.91 -3.96
C HIS A 219 4.87 -10.52 -5.36
N CYS A 220 3.77 -10.34 -6.09
CA CYS A 220 3.62 -10.85 -7.44
C CYS A 220 4.08 -9.82 -8.47
N ASP A 221 4.73 -10.29 -9.52
CA ASP A 221 5.16 -9.40 -10.59
C ASP A 221 3.91 -8.99 -11.34
N GLU A 222 3.00 -9.95 -11.51
CA GLU A 222 1.77 -9.70 -12.25
C GLU A 222 0.52 -10.31 -11.61
N LEU A 223 -0.63 -9.76 -11.96
CA LEU A 223 -1.90 -10.28 -11.46
C LEU A 223 -2.85 -10.58 -12.63
N ILE A 224 -3.43 -11.77 -12.65
CA ILE A 224 -4.37 -12.14 -13.71
C ILE A 224 -5.70 -12.58 -13.11
N SER A 225 -6.75 -12.43 -13.91
CA SER A 225 -8.09 -12.81 -13.49
C SER A 225 -8.64 -13.77 -14.53
N ILE A 226 -9.46 -14.72 -14.09
CA ILE A 226 -10.05 -15.65 -15.02
C ILE A 226 -11.39 -15.04 -15.43
N PRO A 227 -11.65 -14.88 -16.74
CA PRO A 227 -12.90 -14.30 -17.21
C PRO A 227 -14.15 -15.14 -16.97
N MSE A 228 -15.15 -14.54 -16.34
CA MSE A 228 -16.40 -15.22 -16.05
C MSE A 228 -17.49 -14.72 -17.00
O MSE A 228 -17.41 -13.62 -17.55
CB MSE A 228 -16.82 -14.97 -14.61
CG MSE A 228 -15.78 -15.36 -13.53
SE MSE A 228 -15.74 -17.24 -13.02
CE MSE A 228 -14.20 -17.80 -14.02
N ALA A 229 -18.48 -15.58 -17.25
CA ALA A 229 -19.61 -15.23 -18.08
C ALA A 229 -20.75 -15.33 -17.08
N GLY A 230 -20.92 -14.26 -16.32
CA GLY A 230 -21.95 -14.22 -15.29
C GLY A 230 -21.35 -13.49 -14.09
N SER A 231 -22.02 -12.45 -13.61
CA SER A 231 -21.51 -11.70 -12.48
C SER A 231 -21.63 -12.51 -11.18
N VAL A 232 -22.16 -13.72 -11.31
CA VAL A 232 -22.32 -14.63 -10.17
C VAL A 232 -21.50 -15.90 -10.38
N SER A 233 -21.06 -16.10 -11.62
CA SER A 233 -20.25 -17.27 -11.96
C SER A 233 -18.98 -17.25 -11.14
N SER A 234 -18.63 -18.40 -10.56
CA SER A 234 -17.39 -18.54 -9.79
C SER A 234 -16.76 -19.89 -10.17
N LEU A 235 -15.54 -20.13 -9.73
CA LEU A 235 -14.84 -21.37 -10.08
C LEU A 235 -14.18 -22.04 -8.87
N ASN A 236 -14.29 -23.36 -8.82
CA ASN A 236 -13.69 -24.16 -7.76
C ASN A 236 -12.16 -23.94 -7.80
N VAL A 237 -11.46 -24.14 -6.68
CA VAL A 237 -10.01 -23.89 -6.67
C VAL A 237 -9.20 -24.84 -7.56
N SER A 238 -9.43 -26.14 -7.43
CA SER A 238 -8.67 -27.08 -8.24
C SER A 238 -8.98 -27.01 -9.72
N VAL A 239 -10.12 -26.41 -10.08
CA VAL A 239 -10.46 -26.26 -11.50
C VAL A 239 -9.78 -24.98 -12.00
N ALA A 240 -9.76 -23.96 -11.15
CA ALA A 240 -9.12 -22.70 -11.49
C ALA A 240 -7.62 -22.98 -11.71
N THR A 241 -7.03 -23.70 -10.79
CA THR A 241 -5.62 -24.08 -10.88
C THR A 241 -5.37 -24.74 -12.23
N GLY A 242 -6.17 -25.76 -12.56
CA GLY A 242 -6.01 -26.46 -13.83
C GLY A 242 -6.07 -25.54 -15.04
N ILE A 243 -7.11 -24.72 -15.10
CA ILE A 243 -7.32 -23.78 -16.21
C ILE A 243 -6.12 -22.83 -16.37
N CYS A 244 -5.55 -22.39 -15.26
CA CYS A 244 -4.41 -21.50 -15.32
C CYS A 244 -3.16 -22.25 -15.75
N LEU A 245 -2.93 -23.40 -15.12
CA LEU A 245 -1.78 -24.20 -15.43
C LEU A 245 -1.76 -24.59 -16.92
N PHE A 246 -2.88 -25.06 -17.45
CA PHE A 246 -2.88 -25.45 -18.85
C PHE A 246 -2.83 -24.30 -19.84
N GLU A 247 -3.26 -23.12 -19.42
CA GLU A 247 -3.11 -21.97 -20.30
C GLU A 247 -1.56 -21.80 -20.47
N ALA A 248 -0.82 -21.99 -19.38
CA ALA A 248 0.64 -21.92 -19.43
C ALA A 248 1.17 -23.02 -20.35
N VAL A 249 0.72 -24.25 -20.10
CA VAL A 249 1.12 -25.41 -20.90
C VAL A 249 0.93 -25.09 -22.38
N ARG A 250 -0.16 -24.40 -22.67
CA ARG A 250 -0.45 -24.04 -24.03
C ARG A 250 0.59 -23.06 -24.59
N GLN A 251 0.84 -21.97 -23.87
CA GLN A 251 1.80 -20.99 -24.33
C GLN A 251 3.23 -21.47 -24.30
N ARG A 252 3.48 -22.49 -23.49
CA ARG A 252 4.82 -23.04 -23.36
C ARG A 252 5.13 -24.16 -24.35
N SER A 253 4.21 -24.43 -25.25
CA SER A 253 4.44 -25.48 -26.21
C SER A 253 4.59 -24.95 -27.64
N HIS B 10 39.42 -10.40 -33.56
CA HIS B 10 38.88 -9.04 -33.86
C HIS B 10 38.26 -8.97 -35.24
N MSE B 11 37.24 -8.12 -35.35
CA MSE B 11 36.53 -7.93 -36.61
C MSE B 11 36.64 -6.45 -37.02
O MSE B 11 37.56 -5.75 -36.62
CB MSE B 11 35.05 -8.29 -36.44
CG MSE B 11 34.79 -9.73 -35.96
SE MSE B 11 34.86 -11.07 -37.37
CE MSE B 11 32.96 -11.42 -37.54
N SER B 12 35.69 -6.01 -37.84
CA SER B 12 35.66 -4.63 -38.30
C SER B 12 34.27 -4.25 -38.78
N GLU B 13 33.64 -3.36 -38.02
CA GLU B 13 32.30 -2.87 -38.32
C GLU B 13 32.41 -1.94 -39.52
N MSE B 14 32.36 -2.53 -40.71
CA MSE B 14 32.47 -1.78 -41.96
C MSE B 14 31.25 -0.92 -42.31
O MSE B 14 30.12 -1.40 -42.31
CB MSE B 14 32.75 -2.75 -43.11
CG MSE B 14 33.21 -2.09 -44.39
SE MSE B 14 34.02 -3.29 -45.66
CE MSE B 14 35.29 -4.17 -44.51
N ILE B 15 31.51 0.35 -42.64
CA ILE B 15 30.46 1.31 -42.98
C ILE B 15 30.63 1.84 -44.42
N TYR B 16 29.53 2.25 -45.04
CA TYR B 16 29.57 2.80 -46.38
C TYR B 16 28.82 4.13 -46.38
N GLY B 17 28.72 4.77 -47.53
CA GLY B 17 28.00 6.03 -47.58
C GLY B 17 28.80 7.22 -47.12
N ILE B 18 28.31 8.41 -47.47
CA ILE B 18 28.98 9.65 -47.10
C ILE B 18 28.72 10.02 -45.64
N HIS B 19 27.46 9.98 -45.24
CA HIS B 19 27.07 10.29 -43.88
C HIS B 19 27.83 9.41 -42.86
N ALA B 20 27.72 8.10 -43.02
CA ALA B 20 28.39 7.18 -42.13
C ALA B 20 29.89 7.48 -41.94
N VAL B 21 30.59 7.78 -43.03
CA VAL B 21 32.01 8.09 -42.93
C VAL B 21 32.21 9.30 -42.00
N GLN B 22 31.43 10.36 -42.26
CA GLN B 22 31.49 11.59 -41.46
C GLN B 22 31.10 11.36 -40.00
N ALA B 23 30.02 10.63 -39.75
CA ALA B 23 29.59 10.35 -38.38
C ALA B 23 30.59 9.45 -37.67
N LEU B 24 31.81 9.45 -38.15
CA LEU B 24 32.82 8.61 -37.51
C LEU B 24 34.12 9.38 -37.43
N LEU B 25 34.41 10.16 -38.45
CA LEU B 25 35.64 10.93 -38.44
C LEU B 25 35.60 12.00 -37.36
N GLU B 26 34.39 12.51 -37.08
CA GLU B 26 34.21 13.53 -36.07
C GLU B 26 33.64 12.95 -34.80
N ARG B 27 33.40 11.64 -34.81
CA ARG B 27 32.85 10.97 -33.65
C ARG B 27 33.86 10.01 -33.03
N ALA B 28 34.64 9.32 -33.85
CA ALA B 28 35.65 8.39 -33.34
C ALA B 28 36.54 7.83 -34.47
N PRO B 29 37.36 8.69 -35.08
CA PRO B 29 38.25 8.31 -36.18
C PRO B 29 39.31 7.24 -35.90
N GLU B 30 39.71 7.08 -34.63
CA GLU B 30 40.71 6.08 -34.25
C GLU B 30 40.27 4.69 -34.67
N ARG B 31 38.97 4.48 -34.69
CA ARG B 31 38.42 3.18 -35.06
C ARG B 31 38.60 2.85 -36.54
N PHE B 32 38.96 3.82 -37.37
CA PHE B 32 39.14 3.55 -38.80
C PHE B 32 40.35 2.66 -39.05
N GLN B 33 40.28 1.86 -40.10
CA GLN B 33 41.37 0.96 -40.42
C GLN B 33 41.70 0.93 -41.93
N GLU B 34 40.70 1.06 -42.80
CA GLU B 34 40.95 1.02 -44.24
C GLU B 34 39.78 1.52 -45.06
N VAL B 35 40.01 2.58 -45.82
CA VAL B 35 38.97 3.17 -46.68
C VAL B 35 39.20 2.84 -48.18
N PHE B 36 38.10 2.58 -48.89
CA PHE B 36 38.16 2.27 -50.31
C PHE B 36 37.33 3.30 -51.09
N ILE B 37 37.88 3.79 -52.20
CA ILE B 37 37.16 4.76 -53.03
C ILE B 37 37.21 4.34 -54.49
N LEU B 38 36.38 5.02 -55.30
CA LEU B 38 36.29 4.79 -56.74
C LEU B 38 37.61 5.15 -57.42
N LYS B 39 38.34 4.14 -57.89
CA LYS B 39 39.63 4.36 -58.53
C LYS B 39 39.65 5.23 -59.79
N GLY B 40 40.18 6.44 -59.67
CA GLY B 40 40.29 7.34 -60.80
C GLY B 40 39.11 8.23 -61.13
N ARG B 41 38.13 8.30 -60.24
CA ARG B 41 36.97 9.14 -60.51
C ARG B 41 36.86 10.31 -59.53
N GLU B 42 36.78 11.52 -60.10
CA GLU B 42 36.66 12.73 -59.31
C GLU B 42 35.33 12.80 -58.61
N ASP B 43 35.36 13.28 -57.37
CA ASP B 43 34.15 13.42 -56.56
C ASP B 43 34.47 14.51 -55.55
N LYS B 44 34.04 15.73 -55.83
CA LYS B 44 34.28 16.88 -54.96
C LYS B 44 33.71 16.72 -53.55
N ARG B 45 32.68 15.90 -53.44
CA ARG B 45 32.02 15.67 -52.17
C ARG B 45 32.88 14.74 -51.30
N LEU B 46 33.52 13.76 -51.94
CA LEU B 46 34.36 12.82 -51.21
C LEU B 46 35.71 13.42 -50.80
N LEU B 47 36.20 14.39 -51.57
CA LEU B 47 37.49 14.99 -51.29
C LEU B 47 37.67 15.48 -49.84
N PRO B 48 36.80 16.40 -49.36
CA PRO B 48 36.94 16.90 -47.98
C PRO B 48 36.38 15.85 -47.04
N LEU B 49 37.03 14.69 -47.06
CA LEU B 49 36.65 13.54 -46.27
C LEU B 49 37.82 12.58 -46.44
N ILE B 50 38.28 12.46 -47.69
CA ILE B 50 39.42 11.61 -48.05
C ILE B 50 40.72 12.26 -47.52
N HIS B 51 40.71 13.59 -47.42
CA HIS B 51 41.86 14.33 -46.91
C HIS B 51 41.98 14.19 -45.39
N ALA B 52 40.84 14.21 -44.70
CA ALA B 52 40.81 14.07 -43.26
C ALA B 52 41.32 12.66 -42.87
N LEU B 53 41.07 11.69 -43.74
CA LEU B 53 41.49 10.30 -43.53
C LEU B 53 42.97 10.07 -43.82
N GLU B 54 43.56 10.95 -44.65
CA GLU B 54 44.98 10.87 -44.99
C GLU B 54 45.78 11.61 -43.91
N SER B 55 45.20 12.72 -43.43
CA SER B 55 45.84 13.52 -42.38
C SER B 55 45.71 12.83 -41.05
N GLN B 56 45.24 11.59 -41.10
CA GLN B 56 45.03 10.78 -39.90
C GLN B 56 45.71 9.43 -40.02
N GLY B 57 46.44 9.23 -41.11
CA GLY B 57 47.14 7.97 -41.31
C GLY B 57 46.30 6.80 -41.80
N VAL B 58 45.01 7.00 -42.05
CA VAL B 58 44.18 5.91 -42.52
C VAL B 58 44.41 5.50 -43.96
N VAL B 59 45.03 4.34 -44.14
CA VAL B 59 45.32 3.81 -45.46
C VAL B 59 44.07 3.87 -46.33
N ILE B 60 44.21 4.34 -47.56
CA ILE B 60 43.08 4.40 -48.47
C ILE B 60 43.45 3.67 -49.75
N GLN B 61 42.62 2.72 -50.14
CA GLN B 61 42.88 1.96 -51.35
C GLN B 61 41.99 2.45 -52.52
N LEU B 62 42.54 2.44 -53.74
CA LEU B 62 41.78 2.82 -54.93
C LEU B 62 41.25 1.50 -55.45
N ALA B 63 39.94 1.41 -55.69
CA ALA B 63 39.37 0.15 -56.17
C ALA B 63 38.29 0.30 -57.26
N ASN B 64 37.94 -0.84 -57.86
CA ASN B 64 36.92 -0.93 -58.92
C ASN B 64 35.49 -0.78 -58.37
N ARG B 65 34.56 -0.46 -59.26
CA ARG B 65 33.17 -0.31 -58.84
C ARG B 65 32.69 -1.68 -58.35
N GLN B 66 33.10 -2.74 -59.05
CA GLN B 66 32.72 -4.09 -58.67
C GLN B 66 33.11 -4.38 -57.23
N TYR B 67 34.38 -4.12 -56.91
CA TYR B 67 34.89 -4.35 -55.57
C TYR B 67 34.00 -3.69 -54.52
N LEU B 68 33.80 -2.37 -54.63
CA LEU B 68 32.97 -1.62 -53.67
C LEU B 68 31.54 -2.16 -53.57
N ASP B 69 30.99 -2.57 -54.71
CA ASP B 69 29.63 -3.11 -54.75
C ASP B 69 29.52 -4.43 -53.97
N GLU B 70 30.56 -5.26 -54.04
CA GLU B 70 30.55 -6.53 -53.34
C GLU B 70 30.81 -6.42 -51.84
N LYS B 71 31.74 -5.54 -51.45
CA LYS B 71 32.05 -5.37 -50.04
C LYS B 71 31.11 -4.42 -49.29
N SER B 72 29.98 -4.07 -49.93
CA SER B 72 28.99 -3.19 -49.32
C SER B 72 27.64 -3.87 -49.48
N ASP B 73 27.65 -4.99 -50.20
CA ASP B 73 26.46 -5.77 -50.48
C ASP B 73 25.40 -4.97 -51.26
N GLY B 74 25.77 -4.57 -52.47
CA GLY B 74 24.86 -3.80 -53.31
C GLY B 74 24.29 -2.62 -52.56
N ALA B 75 25.13 -1.97 -51.77
CA ALA B 75 24.69 -0.80 -51.01
C ALA B 75 24.97 0.46 -51.82
N VAL B 76 24.32 1.56 -51.44
CA VAL B 76 24.56 2.82 -52.12
C VAL B 76 25.75 3.41 -51.40
N HIS B 77 26.94 2.94 -51.74
CA HIS B 77 28.16 3.38 -51.08
C HIS B 77 28.62 4.78 -51.44
N GLN B 78 27.99 5.39 -52.46
CA GLN B 78 28.33 6.74 -52.91
C GLN B 78 29.84 6.99 -53.16
N GLY B 79 30.53 5.95 -53.62
CA GLY B 79 31.94 6.07 -53.92
C GLY B 79 32.88 5.91 -52.73
N ILE B 80 32.38 5.38 -51.62
CA ILE B 80 33.23 5.21 -50.45
C ILE B 80 32.75 4.17 -49.44
N ILE B 81 33.66 3.26 -49.10
CA ILE B 81 33.41 2.22 -48.11
C ILE B 81 34.63 2.21 -47.19
N ALA B 82 34.39 1.99 -45.91
CA ALA B 82 35.46 1.98 -44.91
C ALA B 82 35.33 0.79 -43.93
N ARG B 83 36.47 0.32 -43.42
CA ARG B 83 36.47 -0.79 -42.47
C ARG B 83 36.88 -0.21 -41.12
N VAL B 84 35.95 -0.18 -40.18
CA VAL B 84 36.21 0.38 -38.85
C VAL B 84 36.35 -0.72 -37.82
N LYS B 85 37.19 -0.49 -36.81
CA LYS B 85 37.39 -1.50 -35.78
C LYS B 85 36.19 -1.47 -34.85
N PRO B 86 35.94 -2.58 -34.14
CA PRO B 86 34.83 -2.71 -33.21
C PRO B 86 34.96 -1.88 -31.93
N GLY B 87 33.84 -1.35 -31.46
CA GLY B 87 33.84 -0.58 -30.24
C GLY B 87 34.06 -1.59 -29.14
N ARG B 88 34.56 -1.14 -28.00
CA ARG B 88 34.81 -2.06 -26.90
C ARG B 88 33.53 -2.82 -26.55
N GLN B 89 33.69 -4.08 -26.19
CA GLN B 89 32.55 -4.92 -25.82
C GLN B 89 32.61 -5.07 -24.31
N TYR B 90 31.46 -5.22 -23.67
CA TYR B 90 31.45 -5.35 -22.22
C TYR B 90 30.70 -6.57 -21.70
N GLN B 91 31.14 -7.04 -20.54
CA GLN B 91 30.52 -8.19 -19.88
C GLN B 91 30.01 -7.64 -18.55
N GLU B 92 29.05 -8.33 -17.94
CA GLU B 92 28.49 -7.88 -16.68
C GLU B 92 29.57 -7.52 -15.64
N ASN B 93 30.69 -8.25 -15.65
CA ASN B 93 31.77 -7.98 -14.70
C ASN B 93 32.63 -6.77 -15.06
N ASP B 94 32.70 -6.43 -16.36
CA ASP B 94 33.47 -5.28 -16.80
C ASP B 94 32.75 -3.97 -16.51
N LEU B 95 31.51 -4.08 -16.04
CA LEU B 95 30.67 -2.91 -15.76
C LEU B 95 31.26 -1.84 -14.83
N PRO B 96 31.95 -2.22 -13.76
CA PRO B 96 32.51 -1.19 -12.89
C PRO B 96 33.57 -0.29 -13.54
N ASP B 97 34.53 -0.89 -14.25
CA ASP B 97 35.58 -0.11 -14.91
C ASP B 97 34.99 0.88 -15.91
N LEU B 98 33.82 0.53 -16.44
CA LEU B 98 33.15 1.40 -17.39
C LEU B 98 32.55 2.61 -16.68
N ILE B 99 31.81 2.37 -15.62
CA ILE B 99 31.17 3.45 -14.88
C ILE B 99 32.22 4.38 -14.32
N ALA B 100 33.38 3.81 -14.02
CA ALA B 100 34.50 4.55 -13.46
C ALA B 100 35.02 5.63 -14.40
N SER B 101 35.26 5.24 -15.65
CA SER B 101 35.76 6.15 -16.66
C SER B 101 34.79 7.27 -17.01
N LEU B 102 33.61 7.24 -16.42
CA LEU B 102 32.62 8.26 -16.70
C LEU B 102 32.40 9.18 -15.51
N ASP B 103 32.11 10.44 -15.80
CA ASP B 103 31.86 11.44 -14.75
C ASP B 103 30.41 11.31 -14.32
N GLN B 104 29.50 11.66 -15.22
CA GLN B 104 28.07 11.58 -14.98
C GLN B 104 27.48 10.49 -15.88
N PRO B 105 27.63 9.22 -15.51
CA PRO B 105 27.09 8.14 -16.35
C PRO B 105 25.63 8.38 -16.70
N PHE B 106 25.27 7.98 -17.91
CA PHE B 106 23.90 8.10 -18.39
C PHE B 106 23.54 6.69 -18.87
N LEU B 107 22.96 5.89 -17.99
CA LEU B 107 22.60 4.53 -18.33
C LEU B 107 21.10 4.28 -18.56
N LEU B 108 20.82 3.33 -19.44
CA LEU B 108 19.45 2.91 -19.77
C LEU B 108 19.36 1.41 -19.47
N ILE B 109 18.35 1.05 -18.67
CA ILE B 109 18.16 -0.36 -18.35
C ILE B 109 16.80 -0.77 -18.90
N LEU B 110 16.77 -1.86 -19.63
CA LEU B 110 15.51 -2.33 -20.19
C LEU B 110 15.13 -3.61 -19.48
N ASP B 111 14.03 -3.59 -18.74
CA ASP B 111 13.58 -4.79 -18.03
C ASP B 111 12.37 -5.42 -18.70
N GLY B 112 12.60 -6.35 -19.61
CA GLY B 112 11.51 -7.04 -20.27
C GLY B 112 11.27 -6.76 -21.75
N VAL B 113 12.28 -6.28 -22.48
CA VAL B 113 12.10 -6.01 -23.90
C VAL B 113 12.53 -7.25 -24.68
N THR B 114 11.57 -8.10 -24.99
CA THR B 114 11.83 -9.35 -25.67
C THR B 114 11.79 -9.36 -27.20
N ASP B 115 11.30 -8.29 -27.82
CA ASP B 115 11.22 -8.23 -29.27
C ASP B 115 12.42 -7.51 -29.84
N PRO B 116 13.19 -8.19 -30.72
CA PRO B 116 14.38 -7.62 -31.33
C PRO B 116 14.19 -6.21 -31.88
N HIS B 117 13.05 -6.01 -32.52
CA HIS B 117 12.72 -4.72 -33.11
C HIS B 117 12.66 -3.60 -32.06
N ASN B 118 12.06 -3.86 -30.90
CA ASN B 118 12.01 -2.83 -29.87
C ASN B 118 13.42 -2.59 -29.30
N LEU B 119 14.19 -3.66 -29.10
CA LEU B 119 15.54 -3.52 -28.59
C LEU B 119 16.33 -2.62 -29.52
N GLY B 120 16.27 -2.89 -30.81
CA GLY B 120 17.01 -2.06 -31.74
C GLY B 120 16.51 -0.62 -31.67
N ALA B 121 15.19 -0.46 -31.78
CA ALA B 121 14.52 0.84 -31.72
C ALA B 121 14.95 1.61 -30.48
N CYS B 122 15.09 0.91 -29.36
CA CYS B 122 15.52 1.54 -28.11
C CYS B 122 17.00 1.97 -28.15
N LEU B 123 17.84 1.19 -28.84
CA LEU B 123 19.26 1.50 -28.94
C LEU B 123 19.41 2.79 -29.74
N ARG B 124 18.68 2.85 -30.86
CA ARG B 124 18.73 4.04 -31.71
C ARG B 124 18.47 5.29 -30.83
N SER B 125 17.35 5.26 -30.09
CA SER B 125 16.99 6.37 -29.21
C SER B 125 18.06 6.60 -28.12
N ALA B 126 18.66 5.51 -27.64
CA ALA B 126 19.70 5.59 -26.63
C ALA B 126 20.91 6.34 -27.21
N ASP B 127 21.33 5.97 -28.43
CA ASP B 127 22.46 6.63 -29.07
C ASP B 127 22.14 8.10 -29.32
N ALA B 128 20.91 8.39 -29.74
CA ALA B 128 20.53 9.77 -29.99
C ALA B 128 20.54 10.57 -28.69
N ALA B 129 20.18 9.94 -27.57
CA ALA B 129 20.15 10.64 -26.29
C ALA B 129 21.53 10.86 -25.68
N GLY B 130 22.48 10.00 -26.06
CA GLY B 130 23.82 10.11 -25.54
C GLY B 130 24.06 9.19 -24.35
N VAL B 131 23.43 8.02 -24.41
CA VAL B 131 23.53 7.01 -23.37
C VAL B 131 24.83 6.26 -23.54
N HIS B 132 25.56 6.05 -22.44
CA HIS B 132 26.83 5.34 -22.48
C HIS B 132 26.64 3.85 -22.63
N ALA B 133 25.57 3.32 -22.07
CA ALA B 133 25.36 1.90 -22.20
C ALA B 133 23.93 1.50 -21.87
N VAL B 134 23.49 0.41 -22.49
CA VAL B 134 22.16 -0.10 -22.27
C VAL B 134 22.35 -1.44 -21.59
N ILE B 135 21.74 -1.60 -20.42
CA ILE B 135 21.83 -2.83 -19.63
C ILE B 135 20.53 -3.64 -19.70
N VAL B 136 20.67 -4.93 -19.98
CA VAL B 136 19.51 -5.79 -20.05
C VAL B 136 19.77 -7.09 -19.31
N PRO B 137 18.72 -7.67 -18.71
CA PRO B 137 18.88 -8.92 -18.00
C PRO B 137 19.02 -10.06 -18.99
N LYS B 138 19.88 -11.03 -18.70
CA LYS B 138 20.06 -12.14 -19.64
C LYS B 138 18.80 -12.96 -19.90
N ASP B 139 17.87 -12.96 -18.96
CA ASP B 139 16.64 -13.73 -19.14
C ASP B 139 15.48 -13.00 -19.77
N ARG B 140 14.96 -11.99 -19.07
CA ARG B 140 13.83 -11.21 -19.57
C ARG B 140 14.18 -10.21 -20.67
N SER B 141 14.82 -10.65 -21.76
CA SER B 141 15.14 -9.70 -22.81
C SER B 141 15.30 -10.34 -24.18
N ALA B 142 15.70 -9.52 -25.16
CA ALA B 142 15.87 -9.96 -26.53
C ALA B 142 17.33 -10.08 -26.93
N GLN B 143 17.57 -10.61 -28.13
CA GLN B 143 18.94 -10.75 -28.63
C GLN B 143 19.27 -9.71 -29.70
N LEU B 144 20.46 -9.12 -29.58
CA LEU B 144 20.94 -8.13 -30.53
C LEU B 144 21.31 -8.82 -31.83
N ASN B 145 20.30 -9.29 -32.54
CA ASN B 145 20.48 -9.98 -33.80
C ASN B 145 20.48 -9.06 -35.03
N ALA B 146 20.40 -9.66 -36.20
CA ALA B 146 20.42 -8.95 -37.47
C ALA B 146 19.32 -7.89 -37.55
N THR B 147 18.14 -8.22 -37.01
CA THR B 147 17.03 -7.29 -37.05
C THR B 147 17.28 -6.07 -36.16
N ALA B 148 17.50 -6.31 -34.88
CA ALA B 148 17.76 -5.24 -33.92
C ALA B 148 18.91 -4.35 -34.38
N LYS B 149 19.96 -4.98 -34.89
CA LYS B 149 21.10 -4.22 -35.37
C LYS B 149 20.66 -3.33 -36.52
N LYS B 150 19.79 -3.85 -37.37
CA LYS B 150 19.31 -3.09 -38.52
C LYS B 150 18.43 -1.93 -38.06
N VAL B 151 17.54 -2.22 -37.13
CA VAL B 151 16.65 -1.22 -36.57
C VAL B 151 17.43 -0.21 -35.73
N ALA B 152 18.54 -0.64 -35.16
CA ALA B 152 19.33 0.29 -34.36
C ALA B 152 19.88 1.40 -35.25
N CYS B 153 19.78 1.20 -36.57
CA CYS B 153 20.27 2.16 -37.57
C CYS B 153 21.64 2.71 -37.17
N GLY B 154 22.54 1.81 -36.80
CA GLY B 154 23.88 2.22 -36.44
C GLY B 154 24.24 2.23 -34.96
N ALA B 155 23.26 2.46 -34.08
CA ALA B 155 23.55 2.52 -32.64
C ALA B 155 24.10 1.20 -32.14
N ALA B 156 23.67 0.11 -32.78
CA ALA B 156 24.13 -1.21 -32.41
C ALA B 156 25.64 -1.30 -32.29
N GLU B 157 26.35 -0.60 -33.15
CA GLU B 157 27.80 -0.65 -33.08
C GLU B 157 28.40 0.60 -32.49
N SER B 158 27.64 1.31 -31.67
CA SER B 158 28.15 2.53 -31.06
C SER B 158 27.78 2.57 -29.58
N VAL B 159 26.68 1.91 -29.23
CA VAL B 159 26.27 1.89 -27.84
C VAL B 159 26.36 0.47 -27.32
N PRO B 160 27.21 0.24 -26.32
CA PRO B 160 27.37 -1.09 -25.76
C PRO B 160 26.09 -1.59 -25.07
N LEU B 161 25.75 -2.86 -25.33
CA LEU B 161 24.59 -3.52 -24.75
C LEU B 161 25.13 -4.57 -23.77
N ILE B 162 24.99 -4.33 -22.48
CA ILE B 162 25.53 -5.26 -21.50
C ILE B 162 24.49 -6.20 -20.91
N ARG B 163 24.60 -7.48 -21.24
CA ARG B 163 23.67 -8.47 -20.70
C ARG B 163 24.07 -8.72 -19.25
N VAL B 164 23.09 -8.83 -18.37
CA VAL B 164 23.38 -9.04 -16.96
C VAL B 164 22.58 -10.17 -16.29
N THR B 165 23.30 -11.04 -15.57
CA THR B 165 22.69 -12.18 -14.87
C THR B 165 21.44 -11.82 -14.08
N ASN B 166 21.63 -11.03 -13.03
CA ASN B 166 20.49 -10.59 -12.23
C ASN B 166 20.42 -9.07 -12.21
N LEU B 167 19.33 -8.53 -12.74
CA LEU B 167 19.13 -7.09 -12.82
C LEU B 167 19.16 -6.36 -11.47
N ALA B 168 18.54 -6.94 -10.45
CA ALA B 168 18.53 -6.32 -9.13
C ALA B 168 19.94 -6.22 -8.55
N ARG B 169 20.72 -7.29 -8.69
CA ARG B 169 22.07 -7.33 -8.19
C ARG B 169 22.95 -6.33 -8.95
N THR B 170 22.71 -6.18 -10.25
CA THR B 170 23.49 -5.23 -11.03
C THR B 170 23.11 -3.83 -10.61
N MSE B 171 21.83 -3.64 -10.32
CA MSE B 171 21.34 -2.34 -9.88
C MSE B 171 21.97 -1.94 -8.55
O MSE B 171 22.28 -0.77 -8.35
CB MSE B 171 19.81 -2.35 -9.75
CG MSE B 171 19.14 -2.01 -11.06
SE MSE B 171 17.32 -2.59 -11.18
CE MSE B 171 16.44 -0.99 -10.71
N ARG B 172 22.17 -2.92 -7.68
CA ARG B 172 22.78 -2.65 -6.38
C ARG B 172 24.18 -2.09 -6.62
N MSE B 173 24.94 -2.79 -7.46
CA MSE B 173 26.29 -2.38 -7.79
C MSE B 173 26.28 -0.95 -8.34
O MSE B 173 27.20 -0.17 -8.12
CB MSE B 173 26.90 -3.34 -8.79
CG MSE B 173 28.31 -2.98 -9.26
SE MSE B 173 28.36 -1.58 -10.60
CE MSE B 173 28.07 -2.70 -12.13
N LEU B 174 25.22 -0.61 -9.07
CA LEU B 174 25.13 0.73 -9.62
C LEU B 174 24.93 1.70 -8.47
N GLN B 175 24.05 1.35 -7.54
CA GLN B 175 23.78 2.22 -6.41
C GLN B 175 24.96 2.45 -5.45
N GLU B 176 25.90 1.52 -5.45
CA GLU B 176 27.08 1.64 -4.61
C GLU B 176 28.10 2.53 -5.31
N GLU B 177 27.82 2.84 -6.58
CA GLU B 177 28.69 3.70 -7.36
C GLU B 177 28.04 5.08 -7.42
N ASN B 178 27.06 5.29 -6.54
CA ASN B 178 26.36 6.57 -6.43
C ASN B 178 25.47 6.93 -7.62
N ILE B 179 24.97 5.93 -8.34
CA ILE B 179 24.08 6.22 -9.47
C ILE B 179 22.61 6.24 -9.04
N TRP B 180 21.93 7.35 -9.34
CA TRP B 180 20.52 7.55 -9.03
C TRP B 180 19.66 6.84 -10.06
N ILE B 181 18.96 5.79 -9.63
CA ILE B 181 18.11 4.98 -10.53
C ILE B 181 16.65 5.42 -10.58
N VAL B 182 16.16 5.71 -11.77
CA VAL B 182 14.79 6.14 -11.99
C VAL B 182 14.12 5.02 -12.79
N GLY B 183 12.86 4.74 -12.50
CA GLY B 183 12.14 3.69 -13.20
C GLY B 183 10.73 4.14 -13.51
N THR B 184 10.27 3.89 -14.73
CA THR B 184 8.91 4.28 -15.14
C THR B 184 7.90 3.25 -14.64
N ALA B 185 6.75 3.68 -14.15
CA ALA B 185 5.74 2.76 -13.64
C ALA B 185 4.54 3.54 -13.12
N GLY B 186 3.35 3.01 -13.35
CA GLY B 186 2.13 3.67 -12.90
C GLY B 186 2.04 3.81 -11.39
N GLU B 187 2.78 2.97 -10.66
CA GLU B 187 2.78 3.00 -9.20
C GLU B 187 3.55 4.20 -8.65
N ALA B 188 3.57 5.31 -9.39
CA ALA B 188 4.35 6.48 -8.97
C ALA B 188 3.59 7.81 -8.76
N ASP B 189 4.11 8.60 -7.82
CA ASP B 189 3.53 9.90 -7.49
C ASP B 189 3.71 10.87 -8.65
N HIS B 190 4.85 11.53 -8.63
CA HIS B 190 5.22 12.49 -9.64
C HIS B 190 5.34 11.88 -11.04
N THR B 191 5.15 12.74 -12.05
CA THR B 191 5.26 12.35 -13.45
C THR B 191 6.76 12.45 -13.73
N LEU B 192 7.19 12.11 -14.94
CA LEU B 192 8.63 12.18 -15.23
C LEU B 192 9.08 13.65 -15.30
N TYR B 193 8.09 14.52 -15.44
CA TYR B 193 8.32 15.94 -15.50
C TYR B 193 8.56 16.58 -14.12
N GLN B 194 8.53 15.76 -13.08
CA GLN B 194 8.79 16.25 -11.74
C GLN B 194 9.95 15.44 -11.19
N SER B 195 10.84 15.01 -12.09
CA SER B 195 11.97 14.19 -11.68
C SER B 195 13.35 14.83 -11.81
N LYS B 196 14.34 14.10 -11.30
CA LYS B 196 15.73 14.51 -11.33
C LYS B 196 16.46 13.61 -12.33
N MSE B 197 16.73 14.12 -13.52
CA MSE B 197 17.40 13.33 -14.54
C MSE B 197 18.86 13.74 -14.76
O MSE B 197 19.50 13.29 -15.71
CB MSE B 197 16.62 13.42 -15.83
CG MSE B 197 15.14 13.09 -15.64
SE MSE B 197 14.65 11.31 -16.17
CE MSE B 197 13.29 11.84 -17.41
N THR B 198 19.37 14.57 -13.86
CA THR B 198 20.74 15.05 -13.96
C THR B 198 21.73 14.21 -13.12
N GLY B 199 23.02 14.42 -13.36
CA GLY B 199 24.04 13.69 -12.61
C GLY B 199 24.27 12.25 -13.02
N ARG B 200 24.63 11.42 -12.05
CA ARG B 200 24.85 10.01 -12.32
C ARG B 200 23.44 9.44 -12.41
N LEU B 201 23.05 9.01 -13.61
CA LEU B 201 21.69 8.51 -13.84
C LEU B 201 21.53 7.21 -14.61
N ALA B 202 20.52 6.45 -14.22
CA ALA B 202 20.19 5.19 -14.85
C ALA B 202 18.67 5.19 -15.00
N LEU B 203 18.18 5.17 -16.23
CA LEU B 203 16.73 5.15 -16.49
C LEU B 203 16.27 3.72 -16.73
N VAL B 204 15.16 3.34 -16.13
CA VAL B 204 14.66 1.98 -16.32
C VAL B 204 13.29 1.97 -16.98
N MSE B 205 13.18 1.21 -18.07
CA MSE B 205 11.92 1.08 -18.78
C MSE B 205 11.49 -0.36 -18.65
O MSE B 205 12.33 -1.27 -18.67
CB MSE B 205 12.08 1.42 -20.26
CG MSE B 205 12.69 2.76 -20.57
SE MSE B 205 11.65 4.25 -19.92
CE MSE B 205 9.93 3.74 -20.59
N GLY B 206 10.18 -0.57 -18.51
CA GLY B 206 9.64 -1.92 -18.41
C GLY B 206 8.92 -2.23 -19.72
N ALA B 207 8.57 -3.51 -19.91
CA ALA B 207 7.86 -3.95 -21.12
C ALA B 207 6.51 -3.28 -21.22
N GLU B 208 6.04 -3.10 -22.45
CA GLU B 208 4.77 -2.42 -22.71
C GLU B 208 3.56 -2.84 -21.85
N GLY B 209 3.45 -4.13 -21.55
CA GLY B 209 2.30 -4.57 -20.77
C GLY B 209 2.57 -4.93 -19.34
N GLU B 210 3.56 -5.80 -19.13
CA GLU B 210 3.90 -6.23 -17.78
C GLU B 210 4.74 -5.20 -17.02
N GLY B 211 5.48 -4.35 -17.73
CA GLY B 211 6.29 -3.36 -17.06
C GLY B 211 7.43 -4.01 -16.29
N MSE B 212 8.00 -3.29 -15.33
CA MSE B 212 9.10 -3.84 -14.53
C MSE B 212 8.58 -4.91 -13.61
O MSE B 212 7.43 -4.85 -13.17
CB MSE B 212 9.75 -2.76 -13.65
CG MSE B 212 10.48 -1.69 -14.40
SE MSE B 212 11.58 -0.61 -13.25
CE MSE B 212 10.30 0.85 -12.98
N ARG B 213 9.41 -5.89 -13.31
CA ARG B 213 9.01 -6.93 -12.39
C ARG B 213 9.25 -6.31 -11.03
N ARG B 214 8.47 -6.74 -10.04
CA ARG B 214 8.53 -6.24 -8.66
C ARG B 214 9.89 -5.79 -8.14
N LEU B 215 10.88 -6.69 -8.15
CA LEU B 215 12.22 -6.38 -7.67
C LEU B 215 12.88 -5.16 -8.29
N THR B 216 12.88 -5.11 -9.62
CA THR B 216 13.49 -4.00 -10.34
C THR B 216 12.97 -2.65 -9.84
N ARG B 217 11.64 -2.49 -9.81
CA ARG B 217 11.10 -1.23 -9.36
C ARG B 217 11.29 -1.06 -7.86
N GLU B 218 11.51 -2.15 -7.15
CA GLU B 218 11.75 -2.06 -5.71
C GLU B 218 13.17 -1.53 -5.53
N HIS B 219 14.03 -1.84 -6.49
CA HIS B 219 15.41 -1.39 -6.44
C HIS B 219 15.58 -0.03 -7.12
N CYS B 220 14.50 0.61 -7.51
CA CYS B 220 14.62 1.93 -8.12
C CYS B 220 14.68 2.94 -6.98
N ASP B 221 15.39 4.04 -7.18
CA ASP B 221 15.50 5.10 -6.18
C ASP B 221 14.31 6.06 -6.29
N GLU B 222 13.69 6.09 -7.46
CA GLU B 222 12.57 6.98 -7.70
C GLU B 222 11.74 6.36 -8.82
N LEU B 223 10.43 6.53 -8.77
CA LEU B 223 9.57 5.99 -9.81
C LEU B 223 8.89 7.18 -10.44
N ILE B 224 8.61 7.10 -11.73
CA ILE B 224 7.96 8.20 -12.43
C ILE B 224 6.93 7.64 -13.38
N SER B 225 5.87 8.41 -13.58
CA SER B 225 4.79 7.99 -14.46
C SER B 225 4.75 8.88 -15.70
N ILE B 226 4.31 8.35 -16.83
CA ILE B 226 4.24 9.17 -18.02
C ILE B 226 2.81 9.64 -18.21
N PRO B 227 2.56 10.93 -18.12
CA PRO B 227 1.20 11.45 -18.28
C PRO B 227 0.51 10.86 -19.48
N MSE B 228 -0.82 10.87 -19.45
CA MSE B 228 -1.57 10.37 -20.58
C MSE B 228 -2.94 10.99 -20.62
O MSE B 228 -3.58 11.19 -19.59
CB MSE B 228 -1.69 8.86 -20.52
CG MSE B 228 -1.47 8.25 -21.88
SE MSE B 228 -0.28 6.77 -21.74
CE MSE B 228 1.38 7.69 -21.56
N ALA B 229 -3.38 11.32 -21.82
CA ALA B 229 -4.68 11.93 -22.00
C ALA B 229 -5.71 10.82 -22.08
N GLY B 230 -6.20 10.40 -20.92
CA GLY B 230 -7.18 9.33 -20.91
C GLY B 230 -6.90 8.22 -19.91
N SER B 231 -7.49 7.07 -20.19
CA SER B 231 -7.36 5.90 -19.32
C SER B 231 -7.11 4.68 -20.20
N VAL B 232 -7.46 4.80 -21.47
CA VAL B 232 -7.26 3.73 -22.43
C VAL B 232 -5.91 3.91 -23.12
N SER B 233 -5.42 5.15 -23.10
CA SER B 233 -4.16 5.49 -23.73
C SER B 233 -2.98 4.74 -23.12
N SER B 234 -2.10 4.30 -24.00
CA SER B 234 -0.89 3.58 -23.60
C SER B 234 0.15 4.03 -24.59
N LEU B 235 1.37 3.54 -24.41
CA LEU B 235 2.48 3.89 -25.29
C LEU B 235 3.30 2.65 -25.57
N ASN B 236 3.85 2.61 -26.77
CA ASN B 236 4.72 1.53 -27.23
C ASN B 236 6.04 1.80 -26.48
N VAL B 237 6.71 0.73 -26.02
CA VAL B 237 7.94 0.88 -25.26
C VAL B 237 9.04 1.69 -25.94
N SER B 238 9.11 1.62 -27.27
CA SER B 238 10.11 2.41 -28.01
C SER B 238 9.79 3.88 -27.87
N VAL B 239 8.56 4.27 -28.22
CA VAL B 239 8.15 5.66 -28.09
C VAL B 239 8.27 6.16 -26.65
N ALA B 240 7.88 5.32 -25.70
CA ALA B 240 7.95 5.72 -24.29
C ALA B 240 9.40 5.90 -23.83
N THR B 241 10.29 5.07 -24.37
CA THR B 241 11.70 5.14 -23.99
C THR B 241 12.29 6.44 -24.52
N GLY B 242 11.91 6.81 -25.74
CA GLY B 242 12.41 8.03 -26.32
C GLY B 242 11.94 9.23 -25.51
N ILE B 243 10.66 9.22 -25.16
CA ILE B 243 10.08 10.30 -24.39
C ILE B 243 10.84 10.52 -23.09
N CYS B 244 11.03 9.47 -22.29
CA CYS B 244 11.77 9.60 -21.02
C CYS B 244 13.26 9.92 -21.16
N LEU B 245 13.84 9.43 -22.25
CA LEU B 245 15.25 9.62 -22.51
C LEU B 245 15.48 11.08 -22.91
N PHE B 246 14.56 11.62 -23.70
CA PHE B 246 14.70 12.99 -24.14
C PHE B 246 14.23 14.03 -23.12
N GLU B 247 13.67 13.56 -22.01
CA GLU B 247 13.28 14.49 -20.96
C GLU B 247 14.57 14.65 -20.19
N ALA B 248 15.29 13.54 -20.09
CA ALA B 248 16.60 13.53 -19.44
C ALA B 248 17.52 14.44 -20.26
N VAL B 249 17.56 14.24 -21.58
CA VAL B 249 18.39 15.05 -22.47
C VAL B 249 18.14 16.53 -22.21
N ARG B 250 16.88 16.92 -22.10
CA ARG B 250 16.54 18.31 -21.86
C ARG B 250 16.98 18.82 -20.47
N GLN B 251 16.86 17.98 -19.45
CA GLN B 251 17.26 18.38 -18.11
C GLN B 251 18.78 18.45 -18.00
N ARG B 252 19.45 17.58 -18.75
CA ARG B 252 20.91 17.49 -18.69
C ARG B 252 21.68 18.42 -19.61
N SER B 253 21.00 19.39 -20.21
CA SER B 253 21.67 20.32 -21.11
C SER B 253 21.46 21.76 -20.69
N SER C 12 42.30 22.95 5.96
CA SER C 12 41.65 23.86 6.96
C SER C 12 40.57 24.72 6.34
N GLU C 13 39.58 25.09 7.16
CA GLU C 13 38.48 25.93 6.70
C GLU C 13 38.61 27.28 7.39
N MSE C 14 37.67 28.17 7.12
CA MSE C 14 37.70 29.50 7.71
C MSE C 14 36.30 30.02 8.00
O MSE C 14 35.52 30.29 7.09
CB MSE C 14 38.41 30.47 6.79
CG MSE C 14 39.93 30.47 6.94
SE MSE C 14 40.56 32.09 7.36
CE MSE C 14 40.90 32.14 9.11
N ILE C 15 36.04 30.18 9.28
CA ILE C 15 34.76 30.70 9.75
C ILE C 15 34.93 32.14 10.21
N TYR C 16 33.83 32.85 10.18
CA TYR C 16 33.81 34.24 10.65
C TYR C 16 32.48 34.53 11.35
N GLY C 17 32.54 35.40 12.35
CA GLY C 17 31.32 35.84 13.06
C GLY C 17 31.17 35.23 14.45
N ILE C 18 30.62 36.03 15.34
CA ILE C 18 30.39 35.63 16.73
C ILE C 18 29.75 34.26 16.84
N HIS C 19 28.69 34.05 16.07
CA HIS C 19 27.94 32.80 16.09
C HIS C 19 28.68 31.56 15.63
N ALA C 20 29.43 31.68 14.54
CA ALA C 20 30.19 30.54 14.04
C ALA C 20 31.24 30.17 15.11
N VAL C 21 31.95 31.17 15.60
CA VAL C 21 32.96 30.94 16.63
C VAL C 21 32.32 30.35 17.88
N GLN C 22 31.24 30.98 18.32
CA GLN C 22 30.51 30.55 19.50
C GLN C 22 30.17 29.05 19.45
N ALA C 23 29.52 28.64 18.37
CA ALA C 23 29.11 27.25 18.17
C ALA C 23 30.26 26.27 18.33
N LEU C 24 31.40 26.60 17.72
CA LEU C 24 32.56 25.71 17.81
C LEU C 24 32.99 25.67 19.25
N LEU C 25 33.03 26.83 19.89
CA LEU C 25 33.43 26.90 21.28
C LEU C 25 32.57 25.94 22.09
N GLU C 26 31.26 25.97 21.83
CA GLU C 26 30.32 25.10 22.53
C GLU C 26 30.29 23.65 22.05
N ARG C 27 30.45 23.43 20.74
CA ARG C 27 30.38 22.07 20.21
C ARG C 27 31.69 21.39 19.84
N ALA C 28 32.69 22.16 19.45
CA ALA C 28 33.96 21.56 19.10
C ALA C 28 35.15 22.50 19.20
N PRO C 29 35.55 22.84 20.44
CA PRO C 29 36.69 23.74 20.69
C PRO C 29 37.92 23.14 20.02
N GLU C 30 37.94 21.81 19.95
CA GLU C 30 39.01 21.02 19.37
C GLU C 30 39.40 21.49 17.97
N ARG C 31 38.39 21.79 17.16
CA ARG C 31 38.60 22.23 15.78
C ARG C 31 39.39 23.54 15.60
N PHE C 32 39.52 24.32 16.67
CA PHE C 32 40.26 25.58 16.59
C PHE C 32 41.77 25.39 16.38
N GLN C 33 42.36 26.28 15.59
CA GLN C 33 43.80 26.25 15.33
C GLN C 33 44.36 27.65 15.66
N GLU C 34 43.90 28.65 14.90
CA GLU C 34 44.29 30.05 15.10
C GLU C 34 43.04 30.92 14.99
N VAL C 35 42.93 31.93 15.87
CA VAL C 35 41.80 32.84 15.83
C VAL C 35 42.38 34.24 15.63
N PHE C 36 41.80 35.00 14.69
CA PHE C 36 42.26 36.35 14.42
C PHE C 36 41.18 37.35 14.77
N ILE C 37 41.55 38.35 15.56
CA ILE C 37 40.61 39.37 15.98
C ILE C 37 41.18 40.74 15.63
N LEU C 38 40.32 41.71 15.40
CA LEU C 38 40.82 43.04 15.05
C LEU C 38 41.25 43.83 16.28
N LYS C 39 42.47 44.34 16.22
CA LYS C 39 43.08 45.12 17.28
C LYS C 39 42.53 46.54 17.33
N GLY C 40 42.48 47.11 18.53
CA GLY C 40 42.01 48.47 18.68
C GLY C 40 40.68 48.67 19.39
N ARG C 41 39.60 48.22 18.74
CA ARG C 41 38.26 48.39 19.29
C ARG C 41 37.84 47.44 20.41
N GLU C 42 37.36 48.02 21.50
CA GLU C 42 36.89 47.22 22.63
C GLU C 42 35.53 46.72 22.16
N ASP C 43 35.25 45.45 22.39
CA ASP C 43 33.96 44.92 21.97
C ASP C 43 33.41 44.03 23.06
N LYS C 44 32.60 44.61 23.94
CA LYS C 44 32.02 43.87 25.05
C LYS C 44 31.43 42.56 24.53
N ARG C 45 31.10 42.54 23.24
CA ARG C 45 30.52 41.35 22.62
C ARG C 45 31.60 40.30 22.33
N LEU C 46 32.82 40.76 22.05
CA LEU C 46 33.93 39.86 21.77
C LEU C 46 34.71 39.49 23.03
N LEU C 47 34.90 40.45 23.93
CA LEU C 47 35.64 40.22 25.17
C LEU C 47 35.43 38.82 25.76
N PRO C 48 34.19 38.48 26.14
CA PRO C 48 33.91 37.15 26.71
C PRO C 48 34.31 36.00 25.80
N LEU C 49 34.26 36.24 24.49
CA LEU C 49 34.64 35.21 23.52
C LEU C 49 36.16 35.04 23.53
N ILE C 50 36.88 36.16 23.59
CA ILE C 50 38.32 36.11 23.62
C ILE C 50 38.74 35.32 24.88
N HIS C 51 38.25 35.76 26.04
CA HIS C 51 38.54 35.12 27.32
C HIS C 51 38.32 33.61 27.30
N ALA C 52 37.21 33.19 26.72
CA ALA C 52 36.88 31.77 26.64
C ALA C 52 37.88 31.03 25.76
N LEU C 53 38.29 31.66 24.66
CA LEU C 53 39.27 31.04 23.76
C LEU C 53 40.58 30.88 24.53
N GLU C 54 41.02 31.96 25.17
CA GLU C 54 42.24 31.93 25.95
C GLU C 54 42.14 30.80 26.98
N SER C 55 40.99 30.72 27.65
CA SER C 55 40.77 29.68 28.63
C SER C 55 40.92 28.33 27.93
N GLN C 56 40.36 28.22 26.73
CA GLN C 56 40.45 26.99 25.94
C GLN C 56 41.88 26.68 25.49
N GLY C 57 42.77 27.65 25.68
CA GLY C 57 44.15 27.48 25.27
C GLY C 57 44.36 27.77 23.79
N VAL C 58 43.33 28.30 23.14
CA VAL C 58 43.35 28.64 21.72
C VAL C 58 44.17 29.88 21.42
N VAL C 59 45.08 29.74 20.44
CA VAL C 59 45.97 30.82 20.03
C VAL C 59 45.23 31.97 19.36
N ILE C 60 45.45 33.18 19.86
CA ILE C 60 44.78 34.36 19.30
C ILE C 60 45.80 35.37 18.80
N GLN C 61 45.43 36.10 17.76
CA GLN C 61 46.31 37.11 17.18
C GLN C 61 45.50 38.30 16.70
N LEU C 62 46.07 39.48 16.87
CA LEU C 62 45.39 40.70 16.46
C LEU C 62 45.74 41.06 15.02
N ALA C 63 44.72 41.44 14.27
CA ALA C 63 44.89 41.84 12.88
C ALA C 63 44.35 43.25 12.73
N ASN C 64 44.26 43.72 11.49
CA ASN C 64 43.78 45.06 11.21
C ASN C 64 42.30 45.12 10.85
N ARG C 65 42.02 45.38 9.58
CA ARG C 65 40.66 45.49 9.09
C ARG C 65 40.68 44.90 7.68
N GLN C 66 41.70 45.31 6.92
CA GLN C 66 41.88 44.85 5.55
C GLN C 66 42.26 43.37 5.60
N TYR C 67 43.09 43.01 6.56
CA TYR C 67 43.53 41.62 6.73
C TYR C 67 42.32 40.71 6.91
N LEU C 68 41.43 41.08 7.84
CA LEU C 68 40.24 40.27 8.08
C LEU C 68 39.35 40.25 6.84
N ASP C 69 39.13 41.42 6.24
CA ASP C 69 38.29 41.53 5.05
C ASP C 69 38.75 40.72 3.85
N GLU C 70 40.05 40.68 3.60
CA GLU C 70 40.55 39.91 2.46
C GLU C 70 40.50 38.40 2.73
N LYS C 71 40.90 37.98 3.93
CA LYS C 71 40.86 36.56 4.29
C LYS C 71 39.42 36.05 4.20
N SER C 72 38.49 36.84 4.74
CA SER C 72 37.08 36.49 4.73
C SER C 72 36.44 36.89 3.42
N ASP C 73 37.26 37.38 2.49
CA ASP C 73 36.79 37.82 1.19
C ASP C 73 35.53 38.68 1.34
N GLY C 74 35.68 39.79 2.05
CA GLY C 74 34.58 40.72 2.26
C GLY C 74 33.35 40.20 2.98
N ALA C 75 33.52 39.17 3.81
CA ALA C 75 32.41 38.62 4.56
C ALA C 75 32.16 39.51 5.78
N VAL C 76 31.07 39.25 6.50
CA VAL C 76 30.73 40.03 7.69
C VAL C 76 31.30 39.32 8.92
N HIS C 77 32.60 39.47 9.11
CA HIS C 77 33.33 38.84 10.20
C HIS C 77 33.01 39.39 11.59
N GLN C 78 32.55 40.62 11.66
CA GLN C 78 32.23 41.25 12.94
C GLN C 78 33.49 41.43 13.78
N GLY C 79 34.65 41.48 13.12
CA GLY C 79 35.89 41.66 13.83
C GLY C 79 36.57 40.40 14.34
N ILE C 80 36.07 39.23 13.93
CA ILE C 80 36.64 37.96 14.36
C ILE C 80 36.53 36.82 13.33
N ILE C 81 37.67 36.23 12.99
CA ILE C 81 37.70 35.13 12.03
C ILE C 81 38.54 34.01 12.62
N ALA C 82 38.40 32.80 12.11
CA ALA C 82 39.18 31.72 12.67
C ALA C 82 39.53 30.62 11.71
N ARG C 83 40.79 30.20 11.75
CA ARG C 83 41.24 29.10 10.91
C ARG C 83 40.96 27.84 11.73
N VAL C 84 40.03 27.06 11.23
CA VAL C 84 39.58 25.84 11.89
C VAL C 84 39.78 24.61 11.01
N LYS C 85 39.98 23.46 11.64
CA LYS C 85 40.14 22.23 10.87
C LYS C 85 38.74 21.76 10.47
N PRO C 86 38.58 21.31 9.22
CA PRO C 86 37.27 20.84 8.74
C PRO C 86 36.58 19.93 9.76
N GLY C 87 35.28 20.12 9.95
CA GLY C 87 34.56 19.29 10.90
C GLY C 87 34.06 17.97 10.32
N ARG C 88 33.89 16.98 11.19
CA ARG C 88 33.40 15.67 10.75
C ARG C 88 32.22 15.88 9.83
N GLN C 89 31.99 14.93 8.92
CA GLN C 89 30.84 15.04 8.05
C GLN C 89 30.17 13.68 7.95
N TYR C 90 29.16 13.49 8.78
CA TYR C 90 28.41 12.24 8.82
C TYR C 90 27.78 11.91 7.48
N GLN C 91 28.24 10.82 6.87
CA GLN C 91 27.69 10.37 5.60
C GLN C 91 26.54 9.39 5.95
N GLU C 92 25.75 8.99 4.96
CA GLU C 92 24.63 8.09 5.21
C GLU C 92 24.99 6.88 6.06
N ASN C 93 26.17 6.31 5.83
CA ASN C 93 26.62 5.12 6.56
C ASN C 93 27.00 5.28 8.03
N ASP C 94 27.33 6.50 8.45
CA ASP C 94 27.73 6.70 9.85
C ASP C 94 26.51 6.77 10.75
N LEU C 95 25.35 7.00 10.13
CA LEU C 95 24.09 7.13 10.87
C LEU C 95 23.85 6.03 11.88
N PRO C 96 24.00 4.76 11.46
CA PRO C 96 23.77 3.67 12.41
C PRO C 96 24.61 3.77 13.67
N ASP C 97 25.91 4.00 13.53
CA ASP C 97 26.76 4.10 14.71
C ASP C 97 26.48 5.32 15.59
N LEU C 98 25.96 6.38 14.98
CA LEU C 98 25.62 7.61 15.71
C LEU C 98 24.44 7.33 16.64
N ILE C 99 23.40 6.72 16.08
CA ILE C 99 22.21 6.38 16.85
C ILE C 99 22.57 5.46 18.01
N ALA C 100 23.54 4.58 17.78
CA ALA C 100 24.00 3.65 18.80
C ALA C 100 24.58 4.40 19.99
N SER C 101 25.16 5.57 19.75
CA SER C 101 25.75 6.37 20.83
C SER C 101 24.75 7.25 21.59
N LEU C 102 23.52 7.35 21.09
CA LEU C 102 22.49 8.16 21.73
C LEU C 102 21.59 7.41 22.71
N ASP C 103 21.51 7.93 23.93
CA ASP C 103 20.68 7.36 24.98
C ASP C 103 19.22 7.37 24.56
N GLN C 104 18.73 8.55 24.17
CA GLN C 104 17.35 8.74 23.70
C GLN C 104 17.36 9.58 22.43
N PRO C 105 17.53 8.94 21.28
CA PRO C 105 17.57 9.66 20.00
C PRO C 105 16.42 10.64 19.79
N PHE C 106 16.78 11.83 19.31
CA PHE C 106 15.82 12.89 19.02
C PHE C 106 16.22 13.41 17.64
N LEU C 107 15.62 12.86 16.60
CA LEU C 107 15.95 13.24 15.24
C LEU C 107 14.90 14.03 14.47
N LEU C 108 15.39 14.75 13.46
CA LEU C 108 14.51 15.55 12.60
C LEU C 108 14.69 15.13 11.14
N ILE C 109 13.58 14.77 10.50
CA ILE C 109 13.61 14.38 9.11
C ILE C 109 12.86 15.42 8.27
N LEU C 110 13.51 15.95 7.23
CA LEU C 110 12.87 16.94 6.37
C LEU C 110 12.66 16.33 4.98
N ASP C 111 11.39 16.20 4.59
CA ASP C 111 11.07 15.61 3.32
C ASP C 111 10.75 16.67 2.27
N GLY C 112 11.78 17.25 1.67
CA GLY C 112 11.53 18.23 0.63
C GLY C 112 11.95 19.67 0.82
N VAL C 113 12.55 20.04 1.95
CA VAL C 113 12.99 21.41 2.14
C VAL C 113 14.03 21.72 1.04
N THR C 114 13.54 22.34 -0.02
CA THR C 114 14.34 22.65 -1.19
C THR C 114 15.05 24.01 -1.18
N ASP C 115 14.59 24.93 -0.35
CA ASP C 115 15.20 26.25 -0.26
C ASP C 115 16.26 26.39 0.84
N PRO C 116 17.50 26.77 0.47
CA PRO C 116 18.60 26.92 1.44
C PRO C 116 18.22 27.77 2.66
N HIS C 117 17.39 28.77 2.45
CA HIS C 117 16.97 29.62 3.56
C HIS C 117 16.17 28.79 4.58
N ASN C 118 15.27 27.95 4.09
CA ASN C 118 14.48 27.11 4.98
C ASN C 118 15.36 26.04 5.62
N LEU C 119 16.30 25.50 4.86
CA LEU C 119 17.19 24.49 5.40
C LEU C 119 17.92 25.03 6.60
N GLY C 120 18.56 26.18 6.42
CA GLY C 120 19.30 26.78 7.50
C GLY C 120 18.44 27.07 8.72
N ALA C 121 17.26 27.61 8.47
CA ALA C 121 16.34 27.96 9.56
C ALA C 121 15.93 26.73 10.34
N CYS C 122 15.77 25.60 9.64
CA CYS C 122 15.38 24.36 10.31
C CYS C 122 16.49 23.81 11.20
N LEU C 123 17.73 24.08 10.82
CA LEU C 123 18.91 23.63 11.57
C LEU C 123 19.04 24.43 12.84
N ARG C 124 18.67 25.69 12.75
CA ARG C 124 18.76 26.60 13.88
C ARG C 124 17.77 26.10 14.95
N SER C 125 16.55 25.79 14.55
CA SER C 125 15.55 25.31 15.50
C SER C 125 15.95 23.95 16.08
N ALA C 126 16.48 23.08 15.23
CA ALA C 126 16.87 21.75 15.68
C ALA C 126 17.96 21.87 16.73
N ASP C 127 18.88 22.80 16.50
CA ASP C 127 19.97 22.97 17.44
C ASP C 127 19.39 23.42 18.77
N ALA C 128 18.50 24.41 18.71
CA ALA C 128 17.84 24.96 19.88
C ALA C 128 17.01 23.92 20.62
N ALA C 129 16.38 23.02 19.87
CA ALA C 129 15.55 21.97 20.49
C ALA C 129 16.43 20.86 21.06
N GLY C 130 17.68 20.81 20.64
CA GLY C 130 18.58 19.77 21.13
C GLY C 130 18.57 18.53 20.26
N VAL C 131 18.14 18.66 19.02
CA VAL C 131 18.10 17.56 18.07
C VAL C 131 19.52 17.05 17.80
N HIS C 132 19.67 15.72 17.75
CA HIS C 132 20.95 15.08 17.52
C HIS C 132 21.42 15.08 16.06
N ALA C 133 20.47 15.12 15.12
CA ALA C 133 20.83 15.14 13.71
C ALA C 133 19.62 15.36 12.84
N VAL C 134 19.84 16.05 11.72
CA VAL C 134 18.78 16.28 10.77
C VAL C 134 19.08 15.32 9.64
N ILE C 135 18.02 14.74 9.08
CA ILE C 135 18.16 13.79 7.98
C ILE C 135 17.35 14.24 6.78
N VAL C 136 18.02 14.30 5.63
CA VAL C 136 17.36 14.70 4.39
C VAL C 136 17.64 13.73 3.25
N PRO C 137 16.79 13.74 2.23
CA PRO C 137 16.95 12.87 1.07
C PRO C 137 17.83 13.55 0.00
N LYS C 138 18.87 12.88 -0.48
CA LYS C 138 19.74 13.48 -1.52
C LYS C 138 18.85 14.03 -2.63
N ASP C 139 17.77 13.30 -2.91
CA ASP C 139 16.80 13.66 -3.92
C ASP C 139 16.42 15.15 -3.85
N ARG C 140 15.32 15.42 -3.17
CA ARG C 140 14.80 16.77 -3.03
C ARG C 140 15.28 17.44 -1.72
N SER C 141 16.36 18.21 -1.81
CA SER C 141 16.87 18.85 -0.61
C SER C 141 17.93 19.89 -0.91
N ALA C 142 17.66 21.12 -0.48
CA ALA C 142 18.58 22.24 -0.71
C ALA C 142 20.00 21.89 -0.31
N GLN C 143 20.92 22.82 -0.54
CA GLN C 143 22.32 22.57 -0.20
C GLN C 143 22.80 23.42 0.97
N LEU C 144 23.64 22.83 1.81
CA LEU C 144 24.17 23.52 2.96
C LEU C 144 25.23 24.49 2.45
N ASN C 145 24.77 25.48 1.69
CA ASN C 145 25.65 26.48 1.15
C ASN C 145 25.82 27.64 2.13
N ALA C 146 26.45 28.70 1.64
CA ALA C 146 26.71 29.88 2.45
C ALA C 146 25.46 30.58 2.97
N THR C 147 24.35 30.48 2.25
CA THR C 147 23.11 31.14 2.69
C THR C 147 22.45 30.31 3.81
N ALA C 148 22.58 29.00 3.71
CA ALA C 148 22.01 28.10 4.70
C ALA C 148 22.80 28.29 6.01
N LYS C 149 24.13 28.21 5.92
CA LYS C 149 24.98 28.39 7.11
C LYS C 149 24.70 29.73 7.75
N LYS C 150 24.37 30.70 6.92
CA LYS C 150 24.11 32.05 7.39
C LYS C 150 22.86 32.11 8.24
N VAL C 151 21.73 31.68 7.68
CA VAL C 151 20.46 31.68 8.41
C VAL C 151 20.50 30.74 9.62
N ALA C 152 21.34 29.72 9.54
CA ALA C 152 21.47 28.75 10.61
C ALA C 152 22.16 29.33 11.85
N CYS C 153 22.70 30.54 11.71
CA CYS C 153 23.41 31.27 12.77
C CYS C 153 24.33 30.42 13.63
N GLY C 154 25.16 29.61 12.98
CA GLY C 154 26.09 28.77 13.71
C GLY C 154 25.68 27.31 13.80
N ALA C 155 24.37 27.04 13.82
CA ALA C 155 23.87 25.67 13.93
C ALA C 155 24.44 24.73 12.88
N ALA C 156 24.97 25.26 11.79
CA ALA C 156 25.56 24.40 10.78
C ALA C 156 26.82 23.73 11.31
N GLU C 157 27.43 24.35 12.31
CA GLU C 157 28.66 23.81 12.88
C GLU C 157 28.40 22.83 14.02
N SER C 158 27.18 22.76 14.51
CA SER C 158 26.87 21.88 15.64
C SER C 158 25.91 20.73 15.36
N VAL C 159 24.96 20.90 14.43
CA VAL C 159 24.02 19.82 14.14
C VAL C 159 24.37 19.08 12.86
N PRO C 160 24.59 17.76 12.96
CA PRO C 160 24.94 16.91 11.83
C PRO C 160 23.82 16.90 10.79
N LEU C 161 24.18 17.21 9.55
CA LEU C 161 23.19 17.19 8.48
C LEU C 161 23.55 15.97 7.67
N ILE C 162 22.65 15.00 7.59
CA ILE C 162 22.95 13.79 6.86
C ILE C 162 22.07 13.58 5.65
N ARG C 163 22.70 13.49 4.47
CA ARG C 163 21.98 13.28 3.23
C ARG C 163 21.83 11.78 2.97
N VAL C 164 20.60 11.36 2.73
CA VAL C 164 20.30 9.94 2.53
C VAL C 164 19.85 9.60 1.11
N THR C 165 20.11 8.37 0.67
CA THR C 165 19.70 7.98 -0.69
C THR C 165 18.19 7.82 -0.77
N ASN C 166 17.66 6.85 -0.03
CA ASN C 166 16.22 6.66 -0.01
C ASN C 166 15.74 6.95 1.42
N LEU C 167 14.79 7.88 1.51
CA LEU C 167 14.25 8.30 2.79
C LEU C 167 13.61 7.12 3.50
N ALA C 168 12.82 6.36 2.74
CA ALA C 168 12.14 5.17 3.26
C ALA C 168 13.08 4.08 3.79
N ARG C 169 14.16 3.79 3.07
CA ARG C 169 15.06 2.75 3.55
C ARG C 169 15.69 3.14 4.88
N THR C 170 16.02 4.42 5.02
CA THR C 170 16.63 4.91 6.25
C THR C 170 15.60 4.92 7.38
N MSE C 171 14.37 5.25 7.04
CA MSE C 171 13.30 5.30 8.03
C MSE C 171 13.06 3.91 8.61
O MSE C 171 12.86 3.77 9.83
CB MSE C 171 12.03 5.85 7.40
CG MSE C 171 12.15 7.33 7.15
SE MSE C 171 10.68 8.03 6.16
CE MSE C 171 9.32 8.06 7.54
N ARG C 172 13.11 2.88 7.76
CA ARG C 172 12.92 1.50 8.21
C ARG C 172 14.04 1.13 9.16
N MSE C 173 15.25 1.54 8.82
CA MSE C 173 16.40 1.25 9.65
C MSE C 173 16.23 1.90 11.02
O MSE C 173 16.60 1.30 12.03
CB MSE C 173 17.67 1.78 8.96
CG MSE C 173 18.95 1.67 9.78
SE MSE C 173 19.17 3.07 11.11
CE MSE C 173 19.57 4.52 9.89
N LEU C 174 15.66 3.09 11.06
CA LEU C 174 15.46 3.78 12.34
C LEU C 174 14.44 3.02 13.20
N GLN C 175 13.34 2.60 12.59
CA GLN C 175 12.29 1.88 13.27
C GLN C 175 12.84 0.54 13.75
N GLU C 176 13.67 -0.09 12.92
CA GLU C 176 14.27 -1.35 13.33
C GLU C 176 15.11 -1.06 14.57
N GLU C 177 15.44 0.21 14.78
CA GLU C 177 16.23 0.61 15.94
C GLU C 177 15.39 1.20 17.05
N ASN C 178 14.11 0.81 17.07
CA ASN C 178 13.14 1.27 18.07
C ASN C 178 12.94 2.78 18.17
N ILE C 179 13.03 3.49 17.06
CA ILE C 179 12.80 4.91 17.13
C ILE C 179 11.42 5.18 16.56
N TRP C 180 10.62 5.92 17.32
CA TRP C 180 9.27 6.22 16.88
C TRP C 180 9.32 7.33 15.82
N ILE C 181 8.57 7.18 14.74
CA ILE C 181 8.57 8.18 13.69
C ILE C 181 7.24 8.91 13.54
N VAL C 182 7.25 10.23 13.79
CA VAL C 182 6.02 11.02 13.68
C VAL C 182 6.14 11.97 12.52
N GLY C 183 5.15 11.97 11.66
CA GLY C 183 5.17 12.85 10.51
C GLY C 183 4.01 13.81 10.57
N THR C 184 4.22 15.01 10.07
CA THR C 184 3.17 16.00 10.08
C THR C 184 2.42 15.80 8.77
N ALA C 185 1.10 15.95 8.80
CA ALA C 185 0.28 15.77 7.61
C ALA C 185 -1.14 16.15 7.93
N GLY C 186 -1.80 16.81 6.98
CA GLY C 186 -3.18 17.21 7.20
C GLY C 186 -4.11 16.02 7.26
N GLU C 187 -3.71 14.92 6.63
CA GLU C 187 -4.53 13.70 6.67
C GLU C 187 -4.82 13.42 8.13
N ALA C 188 -3.75 13.38 8.93
CA ALA C 188 -3.76 13.11 10.36
C ALA C 188 -5.12 13.06 11.04
N ASP C 189 -5.27 12.07 11.92
CA ASP C 189 -6.51 11.86 12.66
C ASP C 189 -6.45 12.50 14.05
N HIS C 190 -5.32 13.12 14.38
CA HIS C 190 -5.19 13.78 15.69
C HIS C 190 -4.15 14.86 15.58
N THR C 191 -4.11 15.74 16.56
CA THR C 191 -3.17 16.82 16.53
C THR C 191 -1.88 16.51 17.23
N LEU C 192 -0.95 17.43 17.04
CA LEU C 192 0.38 17.41 17.62
C LEU C 192 0.28 17.36 19.14
N TYR C 193 -0.78 17.96 19.67
CA TYR C 193 -0.97 18.01 21.11
C TYR C 193 -1.64 16.74 21.65
N GLN C 194 -1.95 15.80 20.75
CA GLN C 194 -2.58 14.54 21.13
C GLN C 194 -1.59 13.44 20.78
N SER C 195 -0.32 13.82 20.76
CA SER C 195 0.75 12.90 20.42
C SER C 195 1.68 12.75 21.61
N LYS C 196 2.33 11.60 21.72
CA LYS C 196 3.29 11.40 22.81
C LYS C 196 4.64 11.54 22.11
N MSE C 197 5.44 12.51 22.55
CA MSE C 197 6.71 12.74 21.89
C MSE C 197 7.91 12.60 22.77
O MSE C 197 8.87 13.37 22.69
CB MSE C 197 6.67 14.08 21.20
CG MSE C 197 5.54 14.13 20.19
SE MSE C 197 5.42 15.83 19.37
CE MSE C 197 6.72 15.52 17.93
N THR C 198 7.87 11.57 23.59
CA THR C 198 8.93 11.23 24.51
C THR C 198 9.60 9.98 23.94
N GLY C 199 10.75 9.62 24.50
CA GLY C 199 11.43 8.42 24.03
C GLY C 199 12.23 8.54 22.76
N ARG C 200 12.51 7.42 22.11
CA ARG C 200 13.27 7.42 20.87
C ARG C 200 12.34 7.98 19.83
N LEU C 201 12.67 9.16 19.31
CA LEU C 201 11.82 9.84 18.34
C LEU C 201 12.47 10.51 17.12
N ALA C 202 11.72 10.50 16.02
CA ALA C 202 12.14 11.14 14.78
C ALA C 202 10.90 11.87 14.27
N LEU C 203 11.01 13.20 14.20
CA LEU C 203 9.93 14.06 13.70
C LEU C 203 10.12 14.29 12.19
N VAL C 204 9.04 14.19 11.41
CA VAL C 204 9.11 14.41 9.96
C VAL C 204 8.29 15.62 9.49
N MSE C 205 8.95 16.55 8.80
CA MSE C 205 8.24 17.72 8.28
C MSE C 205 8.24 17.56 6.77
O MSE C 205 9.28 17.24 6.17
CB MSE C 205 8.95 19.02 8.63
CG MSE C 205 9.21 19.19 10.10
SE MSE C 205 7.62 19.02 11.16
CE MSE C 205 6.61 20.54 10.55
N GLY C 206 7.07 17.77 6.17
CA GLY C 206 6.97 17.69 4.73
C GLY C 206 7.25 19.05 4.15
N ALA C 207 7.29 19.14 2.83
CA ALA C 207 7.54 20.40 2.16
C ALA C 207 6.25 21.23 2.22
N GLU C 208 6.30 22.47 1.75
CA GLU C 208 5.14 23.33 1.81
C GLU C 208 4.09 23.06 0.72
N GLY C 209 4.48 23.28 -0.53
CA GLY C 209 3.56 23.09 -1.64
C GLY C 209 2.84 21.75 -1.68
N GLU C 210 3.60 20.67 -1.62
CA GLU C 210 3.04 19.32 -1.68
C GLU C 210 3.03 18.69 -0.30
N GLY C 211 4.15 18.83 0.40
CA GLY C 211 4.27 18.25 1.72
C GLY C 211 5.07 16.97 1.73
N MSE C 212 4.80 16.12 2.71
CA MSE C 212 5.47 14.85 2.83
C MSE C 212 4.96 13.97 1.67
O MSE C 212 3.77 13.97 1.36
CB MSE C 212 5.11 14.24 4.18
CG MSE C 212 6.05 13.16 4.68
SE MSE C 212 5.58 12.71 6.50
CE MSE C 212 5.80 14.46 7.25
N ARG C 213 5.86 13.25 1.02
CA ARG C 213 5.45 12.37 -0.08
C ARG C 213 4.73 11.10 0.43
N ARG C 214 3.84 10.54 -0.38
CA ARG C 214 3.08 9.33 -0.02
C ARG C 214 3.93 8.22 0.57
N LEU C 215 5.06 7.94 -0.06
CA LEU C 215 5.95 6.89 0.44
C LEU C 215 6.58 7.27 1.77
N THR C 216 6.77 8.57 2.01
CA THR C 216 7.36 9.03 3.26
C THR C 216 6.29 8.87 4.33
N ARG C 217 5.09 9.33 4.01
CA ARG C 217 3.94 9.30 4.90
C ARG C 217 3.64 7.88 5.37
N GLU C 218 3.62 6.93 4.43
CA GLU C 218 3.32 5.55 4.76
C GLU C 218 4.40 4.87 5.58
N HIS C 219 5.51 5.53 5.79
CA HIS C 219 6.55 4.90 6.61
C HIS C 219 6.60 5.44 8.04
N CYS C 220 5.73 6.40 8.35
CA CYS C 220 5.69 6.95 9.69
C CYS C 220 4.86 6.01 10.56
N ASP C 221 5.18 5.97 11.85
CA ASP C 221 4.42 5.16 12.79
C ASP C 221 3.15 5.94 13.12
N GLU C 222 3.23 7.25 12.95
CA GLU C 222 2.14 8.12 13.30
C GLU C 222 2.09 9.39 12.47
N LEU C 223 0.89 9.91 12.26
CA LEU C 223 0.70 11.15 11.54
C LEU C 223 0.01 12.13 12.49
N ILE C 224 0.49 13.38 12.50
CA ILE C 224 -0.08 14.42 13.35
C ILE C 224 -0.37 15.68 12.53
N SER C 225 -1.27 16.51 13.03
CA SER C 225 -1.58 17.74 12.31
C SER C 225 -1.41 18.90 13.28
N ILE C 226 -1.19 20.07 12.72
CA ILE C 226 -1.05 21.25 13.54
C ILE C 226 -2.37 22.03 13.45
N PRO C 227 -3.01 22.28 14.58
CA PRO C 227 -4.27 23.01 14.58
C PRO C 227 -4.18 24.37 13.84
N MSE C 228 -4.98 24.54 12.78
CA MSE C 228 -5.06 25.77 12.01
C MSE C 228 -6.35 26.48 12.46
O MSE C 228 -7.39 25.85 12.55
CB MSE C 228 -5.13 25.44 10.52
CG MSE C 228 -3.82 24.93 9.94
SE MSE C 228 -2.25 26.17 10.07
CE MSE C 228 -1.13 25.40 8.50
N ALA C 229 -6.28 27.78 12.77
CA ALA C 229 -7.46 28.54 13.20
C ALA C 229 -8.38 28.76 12.00
N GLY C 230 -7.79 29.14 10.89
CA GLY C 230 -8.58 29.35 9.68
C GLY C 230 -8.53 28.08 8.84
N SER C 231 -9.55 27.85 8.03
CA SER C 231 -9.57 26.66 7.18
C SER C 231 -8.62 26.89 6.00
N VAL C 232 -8.15 28.13 5.85
CA VAL C 232 -7.23 28.50 4.78
C VAL C 232 -5.84 28.89 5.33
N SER C 233 -5.71 28.89 6.65
CA SER C 233 -4.43 29.21 7.29
C SER C 233 -3.36 28.25 6.81
N SER C 234 -2.09 28.66 6.99
CA SER C 234 -0.94 27.84 6.60
C SER C 234 0.35 28.41 7.16
N LEU C 235 1.27 27.53 7.58
CA LEU C 235 2.56 27.95 8.15
C LEU C 235 3.75 27.56 7.32
N ASN C 236 4.77 28.42 7.38
CA ASN C 236 6.04 28.23 6.72
C ASN C 236 6.66 26.98 7.40
N VAL C 237 7.48 26.21 6.66
CA VAL C 237 8.09 24.99 7.23
C VAL C 237 9.00 25.15 8.45
N SER C 238 9.81 26.20 8.48
CA SER C 238 10.69 26.45 9.62
C SER C 238 9.83 26.65 10.87
N VAL C 239 8.85 27.54 10.76
CA VAL C 239 7.98 27.79 11.89
C VAL C 239 7.25 26.51 12.35
N ALA C 240 6.67 25.75 11.42
CA ALA C 240 5.99 24.52 11.81
C ALA C 240 6.97 23.54 12.49
N THR C 241 8.17 23.43 11.91
CA THR C 241 9.23 22.59 12.44
C THR C 241 9.52 23.02 13.90
N GLY C 242 9.74 24.32 14.10
CA GLY C 242 10.04 24.84 15.42
C GLY C 242 8.92 24.57 16.40
N ILE C 243 7.68 24.73 15.92
CA ILE C 243 6.50 24.52 16.75
C ILE C 243 6.38 23.04 17.15
N CYS C 244 6.78 22.15 16.24
CA CYS C 244 6.71 20.74 16.54
C CYS C 244 7.87 20.30 17.46
N LEU C 245 9.08 20.68 17.09
CA LEU C 245 10.23 20.33 17.92
C LEU C 245 10.02 20.80 19.35
N PHE C 246 9.43 21.98 19.52
CA PHE C 246 9.28 22.45 20.88
C PHE C 246 8.12 21.86 21.63
N GLU C 247 7.13 21.33 20.93
CA GLU C 247 6.04 20.67 21.63
C GLU C 247 6.75 19.45 22.25
N ALA C 248 7.73 18.95 21.51
CA ALA C 248 8.53 17.81 21.93
C ALA C 248 9.41 18.24 23.11
N VAL C 249 10.12 19.35 22.94
CA VAL C 249 10.99 19.83 24.00
C VAL C 249 10.16 19.92 25.28
N ARG C 250 8.97 20.47 25.15
CA ARG C 250 8.07 20.60 26.29
C ARG C 250 7.72 19.26 26.97
N GLN C 251 7.23 18.29 26.20
CA GLN C 251 6.86 16.99 26.75
C GLN C 251 8.08 16.21 27.29
N ARG C 252 9.25 16.53 26.76
CA ARG C 252 10.48 15.85 27.17
C ARG C 252 11.16 16.55 28.32
N SER C 253 10.59 17.68 28.75
CA SER C 253 11.21 18.41 29.85
C SER C 253 10.82 17.80 31.18
N HIS D 10 18.08 -15.65 47.71
CA HIS D 10 17.06 -16.29 46.82
C HIS D 10 15.69 -15.83 47.30
N MSE D 11 14.69 -15.88 46.42
CA MSE D 11 13.35 -15.44 46.77
C MSE D 11 12.28 -16.52 46.89
O MSE D 11 12.53 -17.71 46.67
CB MSE D 11 12.89 -14.39 45.73
CG MSE D 11 13.69 -13.08 45.75
SE MSE D 11 13.11 -11.78 47.11
CE MSE D 11 12.80 -10.24 45.97
N SER D 12 11.09 -16.07 47.28
CA SER D 12 9.91 -16.93 47.45
C SER D 12 8.67 -16.07 47.28
N GLU D 13 7.80 -16.48 46.38
CA GLU D 13 6.57 -15.75 46.12
C GLU D 13 5.45 -16.26 47.02
N MSE D 14 4.41 -15.45 47.14
CA MSE D 14 3.25 -15.78 47.96
C MSE D 14 2.01 -15.79 47.06
O MSE D 14 1.85 -14.92 46.20
CB MSE D 14 3.08 -14.70 49.03
CG MSE D 14 2.54 -15.17 50.36
SE MSE D 14 3.96 -15.83 51.50
CE MSE D 14 3.21 -17.56 51.96
N ILE D 15 1.16 -16.80 47.23
CA ILE D 15 -0.10 -16.87 46.50
C ILE D 15 -1.16 -17.14 47.56
N TYR D 16 -2.41 -16.79 47.28
CA TYR D 16 -3.50 -16.97 48.24
C TYR D 16 -4.83 -17.33 47.58
N GLY D 17 -5.69 -18.01 48.33
CA GLY D 17 -6.99 -18.36 47.79
C GLY D 17 -7.02 -19.77 47.24
N ILE D 18 -8.16 -20.41 47.43
CA ILE D 18 -8.38 -21.77 46.96
C ILE D 18 -8.03 -21.94 45.48
N HIS D 19 -8.68 -21.14 44.65
CA HIS D 19 -8.48 -21.18 43.21
C HIS D 19 -7.00 -21.18 42.78
N ALA D 20 -6.22 -20.29 43.39
CA ALA D 20 -4.80 -20.15 43.07
C ALA D 20 -3.92 -21.28 43.61
N VAL D 21 -4.18 -21.73 44.83
CA VAL D 21 -3.39 -22.82 45.37
C VAL D 21 -3.62 -24.09 44.53
N GLN D 22 -4.87 -24.34 44.16
CA GLN D 22 -5.25 -25.51 43.37
C GLN D 22 -4.68 -25.51 41.94
N ALA D 23 -4.62 -24.33 41.34
CA ALA D 23 -4.11 -24.19 39.99
C ALA D 23 -2.63 -24.53 39.96
N LEU D 24 -1.86 -23.98 40.90
CA LEU D 24 -0.43 -24.26 40.94
C LEU D 24 -0.23 -25.68 41.41
N LEU D 25 -1.27 -26.26 42.00
CA LEU D 25 -1.21 -27.64 42.46
C LEU D 25 -1.43 -28.54 41.25
N GLU D 26 -1.87 -27.94 40.14
CA GLU D 26 -2.11 -28.67 38.91
C GLU D 26 -1.05 -28.39 37.83
N ARG D 27 -0.41 -27.22 37.88
CA ARG D 27 0.62 -26.92 36.88
C ARG D 27 2.04 -27.18 37.35
N ALA D 28 2.33 -26.85 38.61
CA ALA D 28 3.68 -27.07 39.15
C ALA D 28 3.68 -27.25 40.66
N PRO D 29 3.37 -28.46 41.14
CA PRO D 29 3.33 -28.73 42.58
C PRO D 29 4.72 -28.52 43.19
N GLU D 30 5.73 -28.80 42.37
CA GLU D 30 7.14 -28.70 42.74
C GLU D 30 7.47 -27.31 43.26
N ARG D 31 6.63 -26.34 42.92
CA ARG D 31 6.87 -24.99 43.37
C ARG D 31 6.48 -24.76 44.84
N PHE D 32 5.59 -25.59 45.37
CA PHE D 32 5.16 -25.44 46.77
C PHE D 32 6.30 -25.54 47.80
N GLN D 33 6.42 -24.55 48.66
CA GLN D 33 7.45 -24.56 49.68
C GLN D 33 6.84 -24.68 51.07
N GLU D 34 5.77 -23.94 51.30
CA GLU D 34 5.11 -23.93 52.60
C GLU D 34 3.66 -23.44 52.52
N VAL D 35 2.74 -24.20 53.13
CA VAL D 35 1.34 -23.83 53.11
C VAL D 35 0.78 -23.48 54.50
N PHE D 36 0.07 -22.36 54.59
CA PHE D 36 -0.55 -21.90 55.83
C PHE D 36 -2.10 -21.91 55.82
N ILE D 37 -2.71 -22.54 56.81
CA ILE D 37 -4.18 -22.54 56.91
C ILE D 37 -4.56 -21.99 58.29
N LEU D 38 -5.81 -21.57 58.46
CA LEU D 38 -6.30 -21.03 59.74
C LEU D 38 -6.52 -22.14 60.76
N LYS D 39 -5.67 -22.20 61.79
CA LYS D 39 -5.77 -23.25 62.80
C LYS D 39 -7.14 -23.29 63.48
N GLY D 40 -7.50 -24.47 63.99
CA GLY D 40 -8.78 -24.62 64.65
C GLY D 40 -9.96 -24.52 63.72
N ARG D 41 -9.84 -23.68 62.69
CA ARG D 41 -10.92 -23.51 61.74
C ARG D 41 -10.95 -24.67 60.74
N GLU D 42 -12.02 -25.44 60.78
CA GLU D 42 -12.17 -26.55 59.86
C GLU D 42 -12.52 -25.87 58.54
N ASP D 43 -12.55 -26.64 57.46
CA ASP D 43 -12.89 -26.07 56.17
C ASP D 43 -13.04 -27.19 55.15
N LYS D 44 -14.30 -27.55 54.89
CA LYS D 44 -14.65 -28.60 53.94
C LYS D 44 -14.17 -28.27 52.52
N ARG D 45 -14.01 -26.98 52.25
CA ARG D 45 -13.57 -26.54 50.93
C ARG D 45 -12.05 -26.50 50.83
N LEU D 46 -11.38 -26.68 51.97
CA LEU D 46 -9.92 -26.70 52.04
C LEU D 46 -9.42 -28.12 52.20
N LEU D 47 -10.31 -29.01 52.62
CA LEU D 47 -9.97 -30.40 52.84
C LEU D 47 -9.32 -31.03 51.61
N PRO D 48 -9.87 -30.81 50.41
CA PRO D 48 -9.23 -31.43 49.24
C PRO D 48 -7.83 -30.90 48.96
N LEU D 49 -7.67 -29.59 48.92
CA LEU D 49 -6.35 -29.00 48.65
C LEU D 49 -5.36 -29.57 49.65
N ILE D 50 -5.71 -29.45 50.92
CA ILE D 50 -4.88 -29.94 52.01
C ILE D 50 -4.50 -31.41 51.84
N HIS D 51 -5.45 -32.24 51.42
CA HIS D 51 -5.19 -33.67 51.22
C HIS D 51 -4.21 -33.84 50.06
N ALA D 52 -4.45 -33.10 48.97
CA ALA D 52 -3.54 -33.15 47.84
C ALA D 52 -2.18 -32.61 48.30
N LEU D 53 -2.17 -31.64 49.22
CA LEU D 53 -0.92 -31.08 49.71
C LEU D 53 -0.16 -32.05 50.63
N GLU D 54 -0.89 -32.70 51.54
CA GLU D 54 -0.27 -33.66 52.45
C GLU D 54 0.40 -34.81 51.69
N SER D 55 -0.33 -35.44 50.76
CA SER D 55 0.20 -36.57 50.01
C SER D 55 1.40 -36.23 49.12
N GLN D 56 1.80 -34.97 49.10
CA GLN D 56 2.96 -34.53 48.31
C GLN D 56 4.02 -34.01 49.26
N GLY D 57 3.80 -34.26 50.55
CA GLY D 57 4.75 -33.87 51.56
C GLY D 57 5.03 -32.40 51.72
N VAL D 58 4.16 -31.54 51.22
CA VAL D 58 4.40 -30.10 51.42
C VAL D 58 4.06 -29.76 52.85
N VAL D 59 4.99 -29.12 53.55
CA VAL D 59 4.74 -28.74 54.93
C VAL D 59 3.51 -27.85 55.00
N ILE D 60 2.59 -28.23 55.89
CA ILE D 60 1.36 -27.49 56.12
C ILE D 60 1.44 -26.96 57.54
N GLN D 61 1.18 -25.68 57.70
CA GLN D 61 1.23 -25.02 58.99
C GLN D 61 -0.16 -24.52 59.40
N LEU D 62 -0.52 -24.76 60.66
CA LEU D 62 -1.80 -24.29 61.15
C LEU D 62 -1.44 -22.98 61.81
N ALA D 63 -1.80 -21.87 61.19
CA ALA D 63 -1.50 -20.56 61.75
C ALA D 63 -2.84 -19.95 62.13
N ASN D 64 -2.88 -18.63 62.28
CA ASN D 64 -4.15 -17.96 62.59
C ASN D 64 -4.34 -16.64 61.86
N ARG D 65 -5.59 -16.20 61.81
CA ARG D 65 -6.02 -14.97 61.16
C ARG D 65 -4.97 -13.87 60.96
N GLN D 66 -4.67 -13.12 62.01
CA GLN D 66 -3.70 -12.03 61.94
C GLN D 66 -2.41 -12.44 61.23
N TYR D 67 -2.16 -13.74 61.13
CA TYR D 67 -0.97 -14.21 60.45
C TYR D 67 -1.25 -14.28 58.94
N LEU D 68 -2.35 -14.94 58.57
CA LEU D 68 -2.71 -15.08 57.16
C LEU D 68 -3.15 -13.75 56.56
N ASP D 69 -3.72 -12.85 57.35
CA ASP D 69 -4.14 -11.56 56.81
C ASP D 69 -3.03 -10.52 56.77
N GLU D 70 -1.93 -10.78 57.48
CA GLU D 70 -0.80 -9.86 57.50
C GLU D 70 0.08 -10.03 56.26
N LYS D 71 0.38 -11.28 55.90
CA LYS D 71 1.22 -11.57 54.73
C LYS D 71 0.39 -11.53 53.45
N SER D 72 -0.93 -11.56 53.60
CA SER D 72 -1.85 -11.50 52.47
C SER D 72 -2.00 -10.03 52.07
N ASP D 73 -1.40 -9.15 52.86
CA ASP D 73 -1.45 -7.70 52.65
C ASP D 73 -2.80 -7.26 52.10
N GLY D 74 -3.87 -7.60 52.82
CA GLY D 74 -5.21 -7.22 52.40
C GLY D 74 -5.85 -7.98 51.26
N ALA D 75 -5.45 -9.23 51.04
CA ALA D 75 -6.04 -10.02 49.96
C ALA D 75 -7.00 -11.08 50.51
N VAL D 76 -7.80 -11.65 49.62
CA VAL D 76 -8.76 -12.68 50.01
C VAL D 76 -8.09 -14.05 49.97
N HIS D 77 -7.56 -14.49 51.12
CA HIS D 77 -6.86 -15.77 51.24
C HIS D 77 -7.77 -16.95 51.53
N GLN D 78 -9.01 -16.66 51.89
CA GLN D 78 -10.00 -17.71 52.19
C GLN D 78 -9.46 -18.76 53.16
N GLY D 79 -8.41 -18.41 53.89
CA GLY D 79 -7.84 -19.34 54.85
C GLY D 79 -6.74 -20.28 54.35
N ILE D 80 -6.08 -19.91 53.26
CA ILE D 80 -4.98 -20.71 52.69
C ILE D 80 -4.08 -19.81 51.86
N ILE D 81 -2.83 -19.74 52.29
CA ILE D 81 -1.81 -18.93 51.63
C ILE D 81 -0.65 -19.86 51.41
N ALA D 82 0.20 -19.56 50.44
CA ALA D 82 1.32 -20.44 50.16
C ALA D 82 2.56 -19.71 49.71
N ARG D 83 3.69 -20.13 50.26
CA ARG D 83 5.00 -19.56 49.93
C ARG D 83 5.50 -20.51 48.88
N VAL D 84 5.77 -19.99 47.68
CA VAL D 84 6.24 -20.87 46.62
C VAL D 84 7.58 -20.45 46.04
N LYS D 85 8.20 -21.36 45.28
CA LYS D 85 9.46 -21.06 44.62
C LYS D 85 8.97 -20.20 43.45
N PRO D 86 9.61 -19.05 43.20
CA PRO D 86 9.11 -18.25 42.07
C PRO D 86 9.28 -19.02 40.77
N GLY D 87 8.49 -18.65 39.77
CA GLY D 87 8.57 -19.34 38.49
C GLY D 87 9.82 -19.03 37.70
N ARG D 88 10.22 -19.97 36.85
CA ARG D 88 11.39 -19.76 36.03
C ARG D 88 11.25 -18.42 35.32
N GLN D 89 12.29 -17.59 35.38
CA GLN D 89 12.23 -16.31 34.69
C GLN D 89 12.81 -16.54 33.30
N TYR D 90 12.16 -15.97 32.29
CA TYR D 90 12.64 -16.12 30.94
C TYR D 90 13.11 -14.80 30.37
N GLN D 91 14.29 -14.83 29.74
CA GLN D 91 14.83 -13.64 29.11
C GLN D 91 14.50 -13.85 27.64
N GLU D 92 14.80 -12.84 26.83
CA GLU D 92 14.56 -12.92 25.39
C GLU D 92 15.18 -14.17 24.74
N ASN D 93 16.45 -14.40 25.02
CA ASN D 93 17.19 -15.54 24.48
C ASN D 93 16.62 -16.92 24.86
N ASP D 94 15.69 -16.95 25.82
CA ASP D 94 15.07 -18.21 26.28
C ASP D 94 13.76 -18.56 25.57
N LEU D 95 13.19 -17.61 24.84
CA LEU D 95 11.92 -17.82 24.16
C LEU D 95 11.85 -19.03 23.27
N PRO D 96 12.81 -19.17 22.32
CA PRO D 96 12.79 -20.33 21.42
C PRO D 96 12.66 -21.63 22.19
N ASP D 97 13.29 -21.69 23.36
CA ASP D 97 13.19 -22.89 24.18
C ASP D 97 11.79 -23.03 24.75
N LEU D 98 11.39 -22.04 25.55
CA LEU D 98 10.06 -22.04 26.16
C LEU D 98 9.03 -22.42 25.10
N ILE D 99 9.13 -21.82 23.92
CA ILE D 99 8.19 -22.13 22.87
C ILE D 99 8.24 -23.62 22.51
N ALA D 100 9.45 -24.15 22.43
CA ALA D 100 9.65 -25.57 22.09
C ALA D 100 8.95 -26.48 23.11
N SER D 101 8.86 -26.05 24.35
CA SER D 101 8.21 -26.85 25.37
C SER D 101 6.70 -26.74 25.36
N LEU D 102 6.13 -25.99 24.42
CA LEU D 102 4.68 -25.80 24.40
C LEU D 102 4.01 -26.45 23.19
N ASP D 103 2.95 -27.20 23.48
CA ASP D 103 2.20 -27.89 22.44
C ASP D 103 1.69 -26.90 21.40
N GLN D 104 0.81 -26.03 21.86
CA GLN D 104 0.24 -25.00 21.01
C GLN D 104 0.39 -23.64 21.67
N PRO D 105 1.58 -23.03 21.54
CA PRO D 105 1.88 -21.70 22.12
C PRO D 105 0.73 -20.69 21.94
N PHE D 106 0.39 -20.02 23.03
CA PHE D 106 -0.65 -18.99 23.08
C PHE D 106 0.09 -17.80 23.72
N LEU D 107 0.59 -16.89 22.87
CA LEU D 107 1.36 -15.73 23.33
C LEU D 107 0.65 -14.38 23.18
N LEU D 108 0.93 -13.48 24.11
CA LEU D 108 0.37 -12.12 24.11
C LEU D 108 1.51 -11.13 24.02
N ILE D 109 1.53 -10.35 22.94
CA ILE D 109 2.55 -9.33 22.75
C ILE D 109 1.87 -7.96 22.91
N LEU D 110 2.44 -7.10 23.76
CA LEU D 110 1.87 -5.78 23.98
C LEU D 110 2.89 -4.75 23.55
N ASP D 111 2.57 -4.04 22.47
CA ASP D 111 3.43 -3.01 21.96
C ASP D 111 2.90 -1.63 22.39
N GLY D 112 3.70 -0.88 23.12
CA GLY D 112 3.28 0.46 23.55
C GLY D 112 2.44 0.60 24.81
N VAL D 113 2.41 -0.39 25.69
CA VAL D 113 1.62 -0.26 26.90
C VAL D 113 2.56 0.28 28.00
N THR D 114 2.60 1.61 28.12
CA THR D 114 3.48 2.26 29.07
C THR D 114 2.96 2.42 30.49
N ASP D 115 1.65 2.33 30.67
CA ASP D 115 1.11 2.49 32.00
C ASP D 115 1.10 1.22 32.83
N PRO D 116 1.85 1.21 33.93
CA PRO D 116 1.94 0.06 34.82
C PRO D 116 0.58 -0.58 35.12
N HIS D 117 -0.44 0.26 35.32
CA HIS D 117 -1.78 -0.22 35.65
C HIS D 117 -2.35 -1.11 34.53
N ASN D 118 -2.18 -0.67 33.28
CA ASN D 118 -2.68 -1.46 32.16
C ASN D 118 -1.84 -2.72 32.02
N LEU D 119 -0.54 -2.59 32.21
CA LEU D 119 0.34 -3.73 32.11
C LEU D 119 -0.17 -4.80 33.08
N GLY D 120 -0.42 -4.42 34.33
CA GLY D 120 -0.92 -5.38 35.29
C GLY D 120 -2.27 -5.94 34.89
N ALA D 121 -3.10 -5.08 34.28
CA ALA D 121 -4.45 -5.48 33.87
C ALA D 121 -4.39 -6.51 32.76
N CYS D 122 -3.49 -6.29 31.80
CA CYS D 122 -3.37 -7.23 30.69
C CYS D 122 -2.84 -8.57 31.20
N LEU D 123 -1.89 -8.52 32.14
CA LEU D 123 -1.34 -9.75 32.68
C LEU D 123 -2.50 -10.53 33.30
N ARG D 124 -3.35 -9.83 34.05
CA ARG D 124 -4.49 -10.43 34.70
C ARG D 124 -5.37 -11.20 33.69
N SER D 125 -5.64 -10.57 32.56
CA SER D 125 -6.48 -11.18 31.52
C SER D 125 -5.72 -12.29 30.82
N ALA D 126 -4.41 -12.14 30.74
CA ALA D 126 -3.57 -13.15 30.11
C ALA D 126 -3.72 -14.48 30.87
N ASP D 127 -3.54 -14.42 32.19
CA ASP D 127 -3.64 -15.60 33.05
C ASP D 127 -5.04 -16.19 32.96
N ALA D 128 -6.03 -15.33 32.91
CA ALA D 128 -7.39 -15.82 32.81
C ALA D 128 -7.58 -16.59 31.49
N ALA D 129 -7.02 -16.06 30.40
CA ALA D 129 -7.12 -16.66 29.07
C ALA D 129 -6.29 -17.93 28.87
N GLY D 130 -5.28 -18.13 29.71
CA GLY D 130 -4.45 -19.31 29.55
C GLY D 130 -3.21 -19.04 28.71
N VAL D 131 -2.81 -17.78 28.62
CA VAL D 131 -1.64 -17.38 27.88
C VAL D 131 -0.37 -17.84 28.60
N HIS D 132 0.55 -18.46 27.84
CA HIS D 132 1.80 -18.97 28.39
C HIS D 132 2.82 -17.90 28.66
N ALA D 133 2.81 -16.84 27.87
CA ALA D 133 3.79 -15.79 28.07
C ALA D 133 3.41 -14.47 27.43
N VAL D 134 3.84 -13.38 28.07
CA VAL D 134 3.59 -12.03 27.59
C VAL D 134 4.92 -11.40 27.21
N ILE D 135 5.02 -10.96 25.95
CA ILE D 135 6.23 -10.35 25.41
C ILE D 135 6.03 -8.83 25.27
N VAL D 136 7.02 -8.06 25.71
CA VAL D 136 6.96 -6.61 25.64
C VAL D 136 8.31 -6.04 25.20
N PRO D 137 8.30 -4.94 24.43
CA PRO D 137 9.62 -4.40 24.04
C PRO D 137 10.19 -3.63 25.25
N LYS D 138 11.44 -3.87 25.58
CA LYS D 138 12.08 -3.20 26.72
C LYS D 138 11.89 -1.70 26.76
N ASP D 139 12.02 -1.06 25.61
CA ASP D 139 11.93 0.39 25.48
C ASP D 139 10.54 0.99 25.57
N ARG D 140 9.72 0.69 24.57
CA ARG D 140 8.37 1.20 24.48
C ARG D 140 7.33 0.43 25.34
N SER D 141 7.56 0.35 26.65
CA SER D 141 6.63 -0.35 27.54
C SER D 141 6.93 -0.15 29.02
N ALA D 142 5.91 -0.37 29.86
CA ALA D 142 6.02 -0.21 31.30
C ALA D 142 6.85 -1.27 32.01
N GLN D 143 7.10 -1.06 33.30
CA GLN D 143 7.89 -2.00 34.08
C GLN D 143 7.10 -2.57 35.25
N LEU D 144 7.17 -3.89 35.43
CA LEU D 144 6.47 -4.54 36.52
C LEU D 144 6.93 -3.95 37.85
N ASN D 145 6.14 -3.05 38.41
CA ASN D 145 6.47 -2.45 39.68
C ASN D 145 5.52 -3.06 40.72
N ALA D 146 5.32 -2.38 41.85
CA ALA D 146 4.44 -2.88 42.89
C ALA D 146 2.99 -2.71 42.46
N THR D 147 2.74 -1.65 41.67
CA THR D 147 1.41 -1.38 41.19
C THR D 147 0.93 -2.45 40.19
N ALA D 148 1.76 -2.76 39.21
CA ALA D 148 1.42 -3.75 38.20
C ALA D 148 1.15 -5.09 38.86
N LYS D 149 2.05 -5.48 39.75
CA LYS D 149 1.95 -6.75 40.47
C LYS D 149 0.66 -6.81 41.23
N LYS D 150 0.28 -5.68 41.82
CA LYS D 150 -0.93 -5.59 42.60
C LYS D 150 -2.13 -5.78 41.69
N VAL D 151 -2.23 -4.95 40.65
CA VAL D 151 -3.35 -5.08 39.71
C VAL D 151 -3.36 -6.42 38.97
N ALA D 152 -2.23 -7.09 38.88
CA ALA D 152 -2.23 -8.36 38.19
C ALA D 152 -3.02 -9.38 39.02
N CYS D 153 -3.33 -9.00 40.25
CA CYS D 153 -4.05 -9.87 41.16
C CYS D 153 -3.57 -11.30 41.06
N GLY D 154 -2.25 -11.45 41.03
CA GLY D 154 -1.64 -12.77 40.95
C GLY D 154 -0.94 -13.13 39.65
N ALA D 155 -1.49 -12.70 38.51
CA ALA D 155 -0.90 -13.00 37.20
C ALA D 155 0.58 -12.78 37.18
N ALA D 156 1.04 -11.80 37.96
CA ALA D 156 2.46 -11.47 38.02
C ALA D 156 3.28 -12.69 38.40
N GLU D 157 2.78 -13.46 39.36
CA GLU D 157 3.49 -14.64 39.84
C GLU D 157 3.08 -15.92 39.12
N SER D 158 2.51 -15.80 37.93
CA SER D 158 2.06 -17.02 37.24
C SER D 158 2.29 -16.97 35.75
N VAL D 159 2.25 -15.78 35.18
CA VAL D 159 2.44 -15.62 33.75
C VAL D 159 3.76 -14.88 33.53
N PRO D 160 4.70 -15.53 32.84
CA PRO D 160 6.02 -14.99 32.53
C PRO D 160 5.98 -13.72 31.67
N LEU D 161 6.70 -12.70 32.13
CA LEU D 161 6.78 -11.43 31.42
C LEU D 161 8.20 -11.37 30.81
N ILE D 162 8.30 -11.56 29.51
CA ILE D 162 9.60 -11.55 28.85
C ILE D 162 9.92 -10.26 28.07
N ARG D 163 10.93 -9.53 28.51
CA ARG D 163 11.33 -8.27 27.87
C ARG D 163 12.20 -8.56 26.67
N VAL D 164 11.94 -7.85 25.59
CA VAL D 164 12.66 -8.10 24.36
C VAL D 164 13.26 -6.82 23.82
N THR D 165 14.41 -6.94 23.18
CA THR D 165 15.11 -5.79 22.64
C THR D 165 14.58 -5.27 21.31
N ASN D 166 14.26 -6.20 20.41
CA ASN D 166 13.79 -5.85 19.08
C ASN D 166 12.53 -6.63 18.75
N LEU D 167 11.38 -6.05 19.04
CA LEU D 167 10.10 -6.71 18.80
C LEU D 167 9.99 -7.34 17.39
N ALA D 168 10.34 -6.56 16.37
CA ALA D 168 10.29 -7.07 15.01
C ALA D 168 11.14 -8.33 14.89
N ARG D 169 12.30 -8.30 15.54
CA ARG D 169 13.22 -9.43 15.49
C ARG D 169 12.59 -10.65 16.11
N THR D 170 12.11 -10.49 17.34
CA THR D 170 11.45 -11.57 18.07
C THR D 170 10.32 -12.14 17.23
N MSE D 171 9.53 -11.26 16.62
CA MSE D 171 8.44 -11.75 15.81
C MSE D 171 8.96 -12.60 14.65
O MSE D 171 8.35 -13.62 14.31
CB MSE D 171 7.60 -10.57 15.35
CG MSE D 171 7.06 -9.82 16.54
SE MSE D 171 5.85 -8.42 16.11
CE MSE D 171 4.38 -9.47 15.43
N ARG D 172 10.07 -12.19 14.04
CA ARG D 172 10.65 -12.98 12.96
C ARG D 172 10.82 -14.38 13.51
N MSE D 173 11.42 -14.45 14.69
CA MSE D 173 11.67 -15.70 15.40
C MSE D 173 10.39 -16.49 15.63
O MSE D 173 10.36 -17.70 15.43
CB MSE D 173 12.36 -15.37 16.73
CG MSE D 173 12.80 -16.58 17.56
SE MSE D 173 11.35 -17.41 18.55
CE MSE D 173 10.85 -15.84 19.56
N LEU D 174 9.32 -15.82 16.05
CA LEU D 174 8.08 -16.54 16.28
C LEU D 174 7.57 -17.12 14.95
N GLN D 175 7.83 -16.43 13.86
CA GLN D 175 7.38 -16.92 12.57
C GLN D 175 8.19 -18.16 12.16
N GLU D 176 9.47 -18.18 12.51
CA GLU D 176 10.32 -19.32 12.21
C GLU D 176 9.82 -20.52 13.02
N GLU D 177 9.22 -20.22 14.17
CA GLU D 177 8.71 -21.28 15.01
C GLU D 177 7.29 -21.69 14.66
N ASN D 178 6.85 -21.32 13.46
CA ASN D 178 5.52 -21.66 12.95
C ASN D 178 4.35 -21.22 13.85
N ILE D 179 4.34 -19.94 14.20
CA ILE D 179 3.29 -19.37 15.02
C ILE D 179 2.54 -18.32 14.20
N TRP D 180 1.22 -18.33 14.28
CA TRP D 180 0.39 -17.38 13.55
C TRP D 180 0.28 -16.15 14.45
N ILE D 181 0.57 -14.98 13.89
CA ILE D 181 0.53 -13.74 14.64
C ILE D 181 -0.64 -12.89 14.16
N VAL D 182 -1.46 -12.52 15.12
CA VAL D 182 -2.66 -11.73 14.86
C VAL D 182 -2.51 -10.40 15.57
N GLY D 183 -2.68 -9.33 14.81
CA GLY D 183 -2.53 -8.00 15.36
C GLY D 183 -3.84 -7.25 15.31
N THR D 184 -4.05 -6.48 16.35
CA THR D 184 -5.24 -5.65 16.48
C THR D 184 -4.97 -4.26 15.89
N ALA D 185 -5.72 -3.88 14.86
CA ALA D 185 -5.56 -2.56 14.21
C ALA D 185 -6.83 -2.11 13.46
N GLY D 186 -7.11 -0.81 13.46
CA GLY D 186 -8.29 -0.33 12.77
C GLY D 186 -8.14 -0.56 11.27
N GLU D 187 -6.89 -0.76 10.84
CA GLU D 187 -6.55 -0.99 9.45
C GLU D 187 -6.68 -2.46 9.05
N ALA D 188 -7.73 -3.10 9.54
CA ALA D 188 -7.98 -4.51 9.26
C ALA D 188 -9.07 -4.77 8.21
N ASP D 189 -8.87 -5.82 7.41
CA ASP D 189 -9.82 -6.21 6.35
C ASP D 189 -10.99 -6.98 6.94
N HIS D 190 -10.85 -7.40 8.19
CA HIS D 190 -11.91 -8.13 8.84
C HIS D 190 -11.88 -7.95 10.36
N THR D 191 -12.87 -8.55 11.00
CA THR D 191 -12.99 -8.43 12.44
C THR D 191 -12.43 -9.61 13.23
N LEU D 192 -12.31 -9.38 14.52
CA LEU D 192 -11.87 -10.37 15.49
C LEU D 192 -12.57 -11.71 15.22
N TYR D 193 -13.86 -11.64 14.95
CA TYR D 193 -14.70 -12.80 14.68
C TYR D 193 -14.52 -13.51 13.35
N GLN D 194 -13.71 -12.94 12.47
CA GLN D 194 -13.46 -13.57 11.19
C GLN D 194 -12.04 -14.09 11.19
N SER D 195 -11.47 -14.18 12.37
CA SER D 195 -10.10 -14.64 12.52
C SER D 195 -9.97 -16.09 12.96
N LYS D 196 -8.76 -16.62 12.90
CA LYS D 196 -8.51 -17.99 13.32
C LYS D 196 -7.53 -17.89 14.46
N MSE D 197 -7.99 -18.17 15.67
CA MSE D 197 -7.14 -18.04 16.83
C MSE D 197 -6.76 -19.36 17.46
O MSE D 197 -6.20 -19.41 18.56
CB MSE D 197 -7.84 -17.14 17.81
CG MSE D 197 -8.13 -15.81 17.18
SE MSE D 197 -7.31 -14.39 18.12
CE MSE D 197 -8.92 -13.64 18.69
N THR D 198 -7.03 -20.42 16.72
CA THR D 198 -6.69 -21.77 17.14
C THR D 198 -5.23 -22.03 16.77
N GLY D 199 -4.69 -23.16 17.21
CA GLY D 199 -3.31 -23.50 16.89
C GLY D 199 -2.25 -22.70 17.62
N ARG D 200 -1.08 -22.54 17.00
CA ARG D 200 0.03 -21.80 17.62
C ARG D 200 -0.25 -20.35 17.36
N LEU D 201 -0.54 -19.61 18.43
CA LEU D 201 -0.92 -18.19 18.34
C LEU D 201 -0.15 -17.14 19.16
N ALA D 202 0.00 -15.96 18.58
CA ALA D 202 0.61 -14.81 19.27
C ALA D 202 -0.35 -13.67 18.95
N LEU D 203 -0.94 -13.09 19.99
CA LEU D 203 -1.87 -12.00 19.79
C LEU D 203 -1.10 -10.73 20.09
N VAL D 204 -1.25 -9.73 19.22
CA VAL D 204 -0.59 -8.45 19.43
C VAL D 204 -1.56 -7.29 19.66
N MSE D 205 -1.34 -6.58 20.76
CA MSE D 205 -2.17 -5.43 21.12
C MSE D 205 -1.28 -4.19 21.15
O MSE D 205 -0.14 -4.24 21.62
CB MSE D 205 -2.81 -5.59 22.49
CG MSE D 205 -3.58 -6.89 22.71
SE MSE D 205 -5.08 -7.13 21.53
CE MSE D 205 -6.21 -5.67 22.15
N GLY D 206 -1.82 -3.10 20.64
CA GLY D 206 -1.07 -1.86 20.62
C GLY D 206 -1.60 -0.91 21.66
N ALA D 207 -0.84 0.15 21.91
CA ALA D 207 -1.26 1.15 22.88
C ALA D 207 -2.62 1.73 22.48
N GLU D 208 -3.41 2.12 23.46
CA GLU D 208 -4.72 2.67 23.19
C GLU D 208 -4.76 3.68 22.04
N GLY D 209 -3.86 4.65 22.06
CA GLY D 209 -3.89 5.66 21.01
C GLY D 209 -3.15 5.41 19.71
N GLU D 210 -1.83 5.28 19.81
CA GLU D 210 -0.98 5.08 18.66
C GLU D 210 -0.97 3.67 18.11
N GLY D 211 -1.33 2.69 18.95
CA GLY D 211 -1.32 1.31 18.48
C GLY D 211 0.06 0.73 18.25
N MSE D 212 0.12 -0.28 17.39
CA MSE D 212 1.37 -0.94 17.06
C MSE D 212 2.26 -0.03 16.21
O MSE D 212 1.77 0.87 15.55
CB MSE D 212 1.12 -2.22 16.24
CG MSE D 212 0.24 -3.28 16.88
SE MSE D 212 0.14 -4.87 15.75
CE MSE D 212 -1.47 -4.48 14.77
N ARG D 213 3.56 -0.29 16.21
CA ARG D 213 4.48 0.43 15.37
C ARG D 213 4.22 -0.10 13.97
N ARG D 214 4.68 0.60 12.94
CA ARG D 214 4.48 0.17 11.55
C ARG D 214 5.24 -1.13 11.32
N LEU D 215 6.38 -1.27 11.98
CA LEU D 215 7.19 -2.46 11.84
C LEU D 215 6.51 -3.65 12.50
N THR D 216 5.95 -3.45 13.70
CA THR D 216 5.26 -4.51 14.43
C THR D 216 4.10 -5.02 13.59
N ARG D 217 3.28 -4.08 13.12
CA ARG D 217 2.12 -4.38 12.28
C ARG D 217 2.53 -5.13 11.01
N GLU D 218 3.60 -4.67 10.40
CA GLU D 218 4.14 -5.27 9.18
C GLU D 218 4.40 -6.76 9.34
N HIS D 219 4.95 -7.15 10.48
CA HIS D 219 5.26 -8.55 10.74
C HIS D 219 4.09 -9.42 11.19
N CYS D 220 2.87 -8.87 11.28
CA CYS D 220 1.73 -9.69 11.67
C CYS D 220 1.28 -10.52 10.45
N ASP D 221 0.86 -11.76 10.67
CA ASP D 221 0.40 -12.58 9.55
C ASP D 221 -1.01 -12.15 9.17
N GLU D 222 -1.72 -11.58 10.14
CA GLU D 222 -3.10 -11.16 9.95
C GLU D 222 -3.46 -9.98 10.87
N LEU D 223 -4.28 -9.05 10.38
CA LEU D 223 -4.70 -7.89 11.17
C LEU D 223 -6.20 -8.01 11.41
N ILE D 224 -6.65 -7.71 12.62
CA ILE D 224 -8.07 -7.82 12.93
C ILE D 224 -8.53 -6.56 13.64
N SER D 225 -9.82 -6.32 13.63
CA SER D 225 -10.36 -5.14 14.30
C SER D 225 -11.52 -5.54 15.19
N ILE D 226 -11.74 -4.76 16.24
CA ILE D 226 -12.85 -5.01 17.15
C ILE D 226 -13.98 -4.13 16.63
N PRO D 227 -15.09 -4.74 16.21
CA PRO D 227 -16.17 -3.88 15.71
C PRO D 227 -16.71 -2.89 16.73
N MSE D 228 -16.69 -1.62 16.34
CA MSE D 228 -17.20 -0.56 17.19
C MSE D 228 -18.59 -0.23 16.65
O MSE D 228 -18.80 -0.14 15.44
CB MSE D 228 -16.31 0.67 17.06
CG MSE D 228 -14.90 0.47 17.55
SE MSE D 228 -14.85 0.32 19.47
CE MSE D 228 -14.99 -1.60 19.51
N ALA D 229 -19.56 -0.07 17.54
CA ALA D 229 -20.90 0.28 17.11
C ALA D 229 -20.85 1.80 17.11
N GLY D 230 -20.24 2.33 16.06
CA GLY D 230 -20.09 3.77 15.94
C GLY D 230 -18.82 4.12 15.19
N SER D 231 -18.41 5.38 15.27
CA SER D 231 -17.22 5.86 14.59
C SER D 231 -16.33 6.59 15.58
N VAL D 232 -16.88 6.85 16.77
CA VAL D 232 -16.14 7.55 17.82
C VAL D 232 -15.97 6.65 19.05
N SER D 233 -16.52 5.44 18.96
CA SER D 233 -16.41 4.47 20.03
C SER D 233 -15.00 3.93 19.98
N SER D 234 -14.40 3.74 21.16
CA SER D 234 -13.06 3.19 21.28
C SER D 234 -12.94 2.55 22.65
N LEU D 235 -12.03 1.59 22.78
CA LEU D 235 -11.88 0.89 24.04
C LEU D 235 -10.56 1.09 24.76
N ASN D 236 -10.58 0.87 26.06
CA ASN D 236 -9.36 0.96 26.86
C ASN D 236 -8.51 -0.30 26.55
N VAL D 237 -7.18 -0.14 26.52
CA VAL D 237 -6.26 -1.24 26.21
C VAL D 237 -6.57 -2.56 26.86
N SER D 238 -6.85 -2.54 28.16
CA SER D 238 -7.15 -3.75 28.91
C SER D 238 -8.44 -4.44 28.50
N VAL D 239 -9.51 -3.66 28.35
CA VAL D 239 -10.77 -4.25 27.93
C VAL D 239 -10.57 -4.85 26.55
N ALA D 240 -9.92 -4.09 25.68
CA ALA D 240 -9.68 -4.59 24.32
C ALA D 240 -8.82 -5.87 24.33
N THR D 241 -7.78 -5.90 25.15
CA THR D 241 -6.94 -7.09 25.25
C THR D 241 -7.80 -8.28 25.76
N GLY D 242 -8.61 -8.03 26.78
CA GLY D 242 -9.50 -9.06 27.31
C GLY D 242 -10.47 -9.59 26.25
N ILE D 243 -11.15 -8.67 25.56
CA ILE D 243 -12.12 -9.04 24.51
C ILE D 243 -11.45 -9.92 23.48
N CYS D 244 -10.30 -9.48 22.97
CA CYS D 244 -9.57 -10.27 21.96
C CYS D 244 -9.09 -11.64 22.43
N LEU D 245 -8.54 -11.66 23.63
CA LEU D 245 -8.04 -12.89 24.23
C LEU D 245 -9.17 -13.90 24.43
N PHE D 246 -10.35 -13.43 24.82
CA PHE D 246 -11.44 -14.41 25.05
C PHE D 246 -12.12 -14.92 23.80
N GLU D 247 -11.92 -14.24 22.69
CA GLU D 247 -12.46 -14.75 21.44
C GLU D 247 -11.55 -15.97 21.19
N ALA D 248 -10.27 -15.78 21.46
CA ALA D 248 -9.30 -16.85 21.30
C ALA D 248 -9.68 -18.00 22.22
N VAL D 249 -9.99 -17.71 23.50
CA VAL D 249 -10.40 -18.79 24.44
C VAL D 249 -11.63 -19.52 23.88
N ARG D 250 -12.61 -18.77 23.40
CA ARG D 250 -13.79 -19.39 22.83
C ARG D 250 -13.40 -20.31 21.64
N GLN D 251 -12.70 -19.78 20.64
CA GLN D 251 -12.29 -20.62 19.50
C GLN D 251 -11.45 -21.83 19.91
N ARG D 252 -10.56 -21.65 20.89
CA ARG D 252 -9.68 -22.73 21.33
C ARG D 252 -10.25 -23.76 22.30
N SER D 253 -11.43 -23.53 22.84
CA SER D 253 -11.94 -24.50 23.83
C SER D 253 -12.69 -25.69 23.26
N ARG E 88 -31.65 15.13 25.66
CA ARG E 88 -32.68 14.62 26.62
C ARG E 88 -32.06 13.70 27.66
N GLN E 89 -32.67 13.64 28.83
CA GLN E 89 -32.18 12.77 29.90
C GLN E 89 -33.31 11.86 30.36
N TYR E 90 -33.06 10.56 30.34
CA TYR E 90 -34.06 9.56 30.73
C TYR E 90 -34.17 9.28 32.21
N GLN E 91 -35.31 8.74 32.61
CA GLN E 91 -35.57 8.40 34.00
C GLN E 91 -36.37 7.09 34.04
N GLU E 92 -36.29 6.40 35.18
CA GLU E 92 -36.98 5.13 35.36
C GLU E 92 -38.35 5.07 34.70
N ASN E 93 -39.07 6.18 34.79
CA ASN E 93 -40.41 6.30 34.25
C ASN E 93 -40.47 6.37 32.73
N ASP E 94 -39.34 6.70 32.10
CA ASP E 94 -39.28 6.79 30.66
C ASP E 94 -38.70 5.50 30.10
N LEU E 95 -38.42 4.54 30.98
CA LEU E 95 -37.85 3.27 30.53
C LEU E 95 -38.73 2.54 29.53
N PRO E 96 -40.03 2.38 29.83
CA PRO E 96 -40.99 1.69 28.95
C PRO E 96 -41.14 2.24 27.54
N ASP E 97 -41.08 3.56 27.36
CA ASP E 97 -41.20 4.12 26.02
C ASP E 97 -39.94 3.77 25.26
N LEU E 98 -38.81 3.94 25.94
CA LEU E 98 -37.49 3.64 25.37
C LEU E 98 -37.51 2.23 24.78
N ILE E 99 -37.86 1.27 25.62
CA ILE E 99 -37.93 -0.14 25.23
C ILE E 99 -38.89 -0.40 24.06
N ALA E 100 -40.10 0.14 24.16
CA ALA E 100 -41.09 -0.06 23.12
C ALA E 100 -40.70 0.60 21.81
N SER E 101 -39.58 1.34 21.81
CA SER E 101 -39.13 2.01 20.58
C SER E 101 -37.92 1.31 19.99
N LEU E 102 -37.67 0.08 20.45
CA LEU E 102 -36.54 -0.68 19.99
C LEU E 102 -36.99 -2.02 19.47
N ASP E 103 -36.36 -2.51 18.41
CA ASP E 103 -36.72 -3.81 17.85
C ASP E 103 -35.98 -4.94 18.60
N GLN E 104 -34.67 -4.75 18.80
CA GLN E 104 -33.81 -5.72 19.51
C GLN E 104 -33.14 -5.02 20.70
N PRO E 105 -33.86 -4.80 21.81
CA PRO E 105 -33.29 -4.11 22.98
C PRO E 105 -32.00 -4.79 23.44
N PHE E 106 -30.96 -4.01 23.69
CA PHE E 106 -29.68 -4.59 24.12
C PHE E 106 -29.34 -3.78 25.37
N LEU E 107 -29.70 -4.30 26.53
CA LEU E 107 -29.43 -3.54 27.75
C LEU E 107 -28.37 -4.14 28.66
N LEU E 108 -27.69 -3.27 29.40
CA LEU E 108 -26.68 -3.68 30.36
C LEU E 108 -27.11 -3.21 31.75
N ILE E 109 -27.18 -4.14 32.71
CA ILE E 109 -27.51 -3.77 34.08
C ILE E 109 -26.26 -3.96 34.96
N LEU E 110 -25.91 -2.95 35.74
CA LEU E 110 -24.76 -3.03 36.64
C LEU E 110 -25.33 -3.06 38.05
N ASP E 111 -25.19 -4.17 38.76
CA ASP E 111 -25.77 -4.20 40.10
C ASP E 111 -24.80 -3.89 41.21
N GLY E 112 -24.92 -2.69 41.74
CA GLY E 112 -24.07 -2.27 42.84
C GLY E 112 -22.65 -1.87 42.50
N VAL E 113 -22.40 -1.39 41.29
CA VAL E 113 -21.06 -0.93 40.94
C VAL E 113 -20.85 0.40 41.70
N THR E 114 -20.15 0.34 42.82
CA THR E 114 -19.94 1.50 43.69
C THR E 114 -18.92 2.51 43.26
N ASP E 115 -17.90 2.07 42.54
CA ASP E 115 -16.84 2.97 42.12
C ASP E 115 -17.12 3.69 40.81
N PRO E 116 -17.06 5.03 40.84
CA PRO E 116 -17.30 5.88 39.66
C PRO E 116 -16.35 5.57 38.50
N HIS E 117 -15.14 5.13 38.81
CA HIS E 117 -14.20 4.81 37.75
C HIS E 117 -14.69 3.62 36.92
N ASN E 118 -15.14 2.56 37.60
CA ASN E 118 -15.64 1.39 36.88
C ASN E 118 -16.93 1.71 36.15
N LEU E 119 -17.72 2.59 36.73
CA LEU E 119 -19.00 2.99 36.14
C LEU E 119 -18.75 3.61 34.78
N GLY E 120 -17.70 4.42 34.70
CA GLY E 120 -17.34 5.08 33.45
C GLY E 120 -16.69 4.13 32.47
N ALA E 121 -15.92 3.17 32.97
CA ALA E 121 -15.25 2.20 32.11
C ALA E 121 -16.33 1.30 31.48
N CYS E 122 -17.35 0.95 32.28
CA CYS E 122 -18.43 0.10 31.79
C CYS E 122 -19.28 0.79 30.74
N LEU E 123 -19.54 2.08 30.93
CA LEU E 123 -20.33 2.86 29.99
C LEU E 123 -19.56 2.92 28.66
N ARG E 124 -18.25 3.10 28.76
CA ARG E 124 -17.42 3.16 27.55
C ARG E 124 -17.61 1.91 26.71
N SER E 125 -17.43 0.73 27.30
CA SER E 125 -17.60 -0.53 26.57
C SER E 125 -19.04 -0.68 26.12
N ALA E 126 -19.97 -0.28 26.96
CA ALA E 126 -21.39 -0.37 26.61
C ALA E 126 -21.61 0.34 25.26
N ASP E 127 -21.06 1.55 25.16
CA ASP E 127 -21.17 2.36 23.96
C ASP E 127 -20.59 1.62 22.76
N ALA E 128 -19.34 1.20 22.89
CA ALA E 128 -18.66 0.45 21.82
C ALA E 128 -19.48 -0.74 21.32
N ALA E 129 -20.18 -1.39 22.26
CA ALA E 129 -20.99 -2.55 21.94
C ALA E 129 -22.35 -2.23 21.32
N GLY E 130 -22.82 -1.00 21.49
CA GLY E 130 -24.11 -0.63 20.91
C GLY E 130 -25.28 -0.85 21.83
N VAL E 131 -25.05 -0.66 23.13
CA VAL E 131 -26.08 -0.82 24.15
C VAL E 131 -27.08 0.36 24.13
N HIS E 132 -28.37 0.05 24.20
CA HIS E 132 -29.37 1.10 24.18
C HIS E 132 -29.47 1.85 25.48
N ALA E 133 -29.20 1.17 26.57
CA ALA E 133 -29.27 1.82 27.85
C ALA E 133 -28.57 1.03 28.92
N VAL E 134 -28.09 1.74 29.92
CA VAL E 134 -27.43 1.11 31.04
C VAL E 134 -28.30 1.37 32.26
N ILE E 135 -28.91 0.32 32.79
CA ILE E 135 -29.78 0.45 33.96
C ILE E 135 -29.00 0.21 35.25
N VAL E 136 -29.32 0.99 36.26
CA VAL E 136 -28.62 0.88 37.53
C VAL E 136 -29.55 1.16 38.71
N PRO E 137 -29.31 0.49 39.85
CA PRO E 137 -30.17 0.76 41.01
C PRO E 137 -29.66 2.05 41.66
N LYS E 138 -30.57 2.89 42.15
CA LYS E 138 -30.17 4.17 42.76
C LYS E 138 -29.22 3.95 43.93
N ASP E 139 -29.62 3.06 44.81
CA ASP E 139 -28.87 2.72 46.03
C ASP E 139 -27.51 2.11 45.69
N ARG E 140 -26.55 2.51 46.50
CA ARG E 140 -25.16 2.01 46.47
C ARG E 140 -24.44 2.26 45.13
N SER E 141 -25.19 2.44 44.06
CA SER E 141 -24.57 2.63 42.73
C SER E 141 -23.76 3.93 42.70
N ALA E 142 -22.61 3.85 42.08
CA ALA E 142 -21.71 5.00 41.93
C ALA E 142 -22.46 6.09 41.19
N GLN E 143 -22.06 7.34 41.44
CA GLN E 143 -22.67 8.48 40.77
C GLN E 143 -21.84 8.76 39.53
N LEU E 144 -22.48 9.39 38.55
CA LEU E 144 -21.81 9.72 37.29
C LEU E 144 -21.13 11.09 37.44
N ASN E 145 -20.15 11.17 38.33
CA ASN E 145 -19.45 12.42 38.56
C ASN E 145 -18.42 12.76 37.48
N ALA E 146 -17.46 13.60 37.85
CA ALA E 146 -16.41 14.05 36.93
C ALA E 146 -15.52 12.90 36.45
N THR E 147 -15.12 12.06 37.41
CA THR E 147 -14.26 10.90 37.12
C THR E 147 -14.96 9.98 36.13
N ALA E 148 -16.17 9.57 36.48
CA ALA E 148 -16.93 8.67 35.63
C ALA E 148 -17.05 9.23 34.21
N LYS E 149 -17.29 10.52 34.10
CA LYS E 149 -17.45 11.16 32.80
C LYS E 149 -16.18 11.10 31.95
N LYS E 150 -15.02 11.24 32.60
CA LYS E 150 -13.76 11.20 31.89
C LYS E 150 -13.40 9.81 31.45
N VAL E 151 -13.59 8.84 32.33
CA VAL E 151 -13.26 7.46 32.01
C VAL E 151 -14.18 6.90 30.93
N ALA E 152 -15.41 7.40 30.88
CA ALA E 152 -16.38 6.97 29.88
C ALA E 152 -15.97 7.50 28.51
N CYS E 153 -14.90 8.29 28.50
CA CYS E 153 -14.37 8.87 27.27
C CYS E 153 -15.43 9.22 26.21
N GLY E 154 -16.50 9.90 26.65
CA GLY E 154 -17.54 10.31 25.71
C GLY E 154 -18.88 9.63 25.86
N ALA E 155 -18.85 8.32 26.12
CA ALA E 155 -20.06 7.52 26.27
C ALA E 155 -21.09 8.09 27.24
N ALA E 156 -20.64 8.91 28.18
CA ALA E 156 -21.58 9.47 29.14
C ALA E 156 -22.61 10.36 28.47
N GLU E 157 -22.27 10.90 27.31
CA GLU E 157 -23.19 11.77 26.58
C GLU E 157 -23.86 10.95 25.50
N SER E 158 -23.28 9.77 25.26
CA SER E 158 -23.76 8.89 24.23
C SER E 158 -24.76 7.84 24.71
N VAL E 159 -24.47 7.23 25.86
CA VAL E 159 -25.34 6.19 26.39
C VAL E 159 -26.17 6.55 27.63
N PRO E 160 -27.49 6.49 27.52
CA PRO E 160 -28.34 6.81 28.68
C PRO E 160 -28.07 5.88 29.86
N LEU E 161 -27.98 6.47 31.04
CA LEU E 161 -27.76 5.77 32.27
C LEU E 161 -29.00 6.03 33.11
N ILE E 162 -29.83 5.02 33.33
CA ILE E 162 -31.03 5.21 34.11
C ILE E 162 -30.97 4.55 35.48
N ARG E 163 -31.23 5.34 36.51
CA ARG E 163 -31.21 4.88 37.90
C ARG E 163 -32.61 4.50 38.37
N VAL E 164 -32.83 3.21 38.63
CA VAL E 164 -34.14 2.75 39.08
C VAL E 164 -34.20 2.63 40.59
N THR E 165 -35.40 2.51 41.14
CA THR E 165 -35.58 2.41 42.59
C THR E 165 -35.53 0.98 43.11
N ASN E 166 -36.14 0.06 42.37
CA ASN E 166 -36.17 -1.33 42.76
C ASN E 166 -35.77 -2.13 41.52
N LEU E 167 -34.48 -2.49 41.48
CA LEU E 167 -33.91 -3.21 40.35
C LEU E 167 -34.72 -4.44 39.96
N ALA E 168 -35.05 -5.26 40.95
CA ALA E 168 -35.82 -6.48 40.69
C ALA E 168 -37.17 -6.12 40.08
N ARG E 169 -37.77 -5.06 40.59
CA ARG E 169 -39.05 -4.63 40.05
C ARG E 169 -38.83 -4.25 38.58
N THR E 170 -37.76 -3.49 38.31
CA THR E 170 -37.47 -3.10 36.94
C THR E 170 -37.21 -4.35 36.09
N MSE E 171 -36.63 -5.39 36.67
CA MSE E 171 -36.37 -6.60 35.91
C MSE E 171 -37.62 -7.35 35.50
O MSE E 171 -37.65 -7.95 34.43
CB MSE E 171 -35.40 -7.49 36.68
CG MSE E 171 -34.00 -6.91 36.68
SE MSE E 171 -32.78 -7.69 37.95
CE MSE E 171 -32.21 -9.23 36.92
N ARG E 172 -38.66 -7.30 36.33
CA ARG E 172 -39.93 -7.97 36.01
C ARG E 172 -40.56 -7.19 34.86
N MSE E 173 -40.43 -5.87 34.91
CA MSE E 173 -40.99 -5.04 33.85
C MSE E 173 -40.31 -5.44 32.53
O MSE E 173 -40.99 -5.63 31.51
CB MSE E 173 -40.79 -3.56 34.17
CG MSE E 173 -41.35 -2.58 33.15
SE MSE E 173 -40.14 -2.24 31.67
CE MSE E 173 -38.83 -1.20 32.62
N LEU E 174 -38.99 -5.58 32.56
CA LEU E 174 -38.24 -5.96 31.36
C LEU E 174 -38.69 -7.33 30.87
N GLN E 175 -38.95 -8.24 31.80
CA GLN E 175 -39.37 -9.57 31.39
C GLN E 175 -40.81 -9.63 30.87
N GLU E 176 -41.68 -8.72 31.32
CA GLU E 176 -43.05 -8.72 30.81
C GLU E 176 -42.98 -8.27 29.36
N GLU E 177 -41.93 -7.53 29.04
CA GLU E 177 -41.69 -7.02 27.71
C GLU E 177 -40.87 -8.00 26.87
N ASN E 178 -40.78 -9.23 27.37
CA ASN E 178 -40.02 -10.32 26.74
C ASN E 178 -38.57 -10.02 26.44
N ILE E 179 -37.89 -9.50 27.46
CA ILE E 179 -36.47 -9.22 27.34
C ILE E 179 -35.81 -10.32 28.17
N TRP E 180 -34.94 -11.10 27.54
CA TRP E 180 -34.23 -12.20 28.20
C TRP E 180 -33.12 -11.60 29.07
N ILE E 181 -33.05 -12.02 30.33
CA ILE E 181 -32.03 -11.50 31.25
C ILE E 181 -30.92 -12.51 31.56
N VAL E 182 -29.71 -12.16 31.17
CA VAL E 182 -28.54 -13.00 31.37
C VAL E 182 -27.65 -12.30 32.38
N GLY E 183 -27.39 -12.99 33.49
CA GLY E 183 -26.56 -12.43 34.54
C GLY E 183 -25.29 -13.25 34.75
N THR E 184 -24.18 -12.57 35.02
CA THR E 184 -22.92 -13.26 35.24
C THR E 184 -22.75 -13.58 36.72
N ALA E 185 -22.53 -14.84 37.00
CA ALA E 185 -22.33 -15.33 38.34
C ALA E 185 -21.44 -16.57 38.25
N GLY E 186 -20.63 -16.79 39.29
CA GLY E 186 -19.76 -17.93 39.36
C GLY E 186 -20.55 -19.19 39.59
N GLU E 187 -21.73 -19.06 40.22
CA GLU E 187 -22.58 -20.22 40.48
C GLU E 187 -23.29 -20.73 39.23
N ALA E 188 -23.02 -20.09 38.08
CA ALA E 188 -23.63 -20.48 36.80
C ALA E 188 -23.25 -21.92 36.48
N ASP E 189 -23.97 -22.57 35.56
CA ASP E 189 -23.62 -23.95 35.28
C ASP E 189 -23.17 -24.15 33.85
N HIS E 190 -22.90 -23.04 33.18
CA HIS E 190 -22.40 -23.06 31.82
C HIS E 190 -21.76 -21.74 31.58
N THR E 191 -20.92 -21.64 30.56
CA THR E 191 -20.20 -20.40 30.28
C THR E 191 -20.97 -19.46 29.37
N LEU E 192 -20.50 -18.21 29.30
CA LEU E 192 -21.12 -17.20 28.44
C LEU E 192 -21.05 -17.68 27.00
N TYR E 193 -20.17 -18.65 26.74
CA TYR E 193 -20.04 -19.20 25.40
C TYR E 193 -21.11 -20.25 25.07
N GLN E 194 -21.88 -20.65 26.06
CA GLN E 194 -22.92 -21.64 25.84
C GLN E 194 -24.24 -20.94 26.09
N SER E 195 -24.19 -19.62 26.08
CA SER E 195 -25.38 -18.81 26.32
C SER E 195 -26.14 -18.36 25.06
N LYS E 196 -27.33 -17.81 25.29
CA LYS E 196 -28.19 -17.31 24.20
C LYS E 196 -28.25 -15.80 24.27
N MSE E 197 -27.36 -15.12 23.56
CA MSE E 197 -27.38 -13.67 23.67
C MSE E 197 -27.87 -12.89 22.47
O MSE E 197 -27.49 -11.73 22.26
CB MSE E 197 -26.01 -13.20 24.13
CG MSE E 197 -25.66 -13.81 25.48
SE MSE E 197 -24.30 -12.86 26.42
CE MSE E 197 -25.41 -11.63 27.37
N THR E 198 -28.74 -13.54 21.68
CA THR E 198 -29.35 -12.89 20.53
C THR E 198 -30.72 -12.43 21.04
N GLY E 199 -31.53 -11.90 20.15
CA GLY E 199 -32.91 -11.47 20.50
C GLY E 199 -32.94 -10.25 21.43
N ARG E 200 -33.96 -10.26 22.29
CA ARG E 200 -34.20 -9.17 23.25
C ARG E 200 -33.46 -9.52 24.54
N LEU E 201 -32.42 -8.76 24.84
CA LEU E 201 -31.59 -9.09 25.99
C LEU E 201 -31.11 -7.98 26.92
N ALA E 202 -30.95 -8.35 28.18
CA ALA E 202 -30.41 -7.45 29.18
C ALA E 202 -29.27 -8.25 29.80
N LEU E 203 -28.04 -7.70 29.76
CA LEU E 203 -26.90 -8.39 30.35
C LEU E 203 -26.70 -7.81 31.72
N VAL E 204 -26.51 -8.69 32.70
CA VAL E 204 -26.29 -8.25 34.07
C VAL E 204 -24.93 -8.59 34.66
N MSE E 205 -24.23 -7.54 35.08
CA MSE E 205 -22.95 -7.67 35.72
C MSE E 205 -23.13 -7.23 37.17
O MSE E 205 -24.01 -6.44 37.50
CB MSE E 205 -21.93 -6.75 35.05
CG MSE E 205 -21.80 -6.91 33.57
SE MSE E 205 -21.34 -8.68 32.98
CE MSE E 205 -19.56 -8.76 33.74
N GLY E 206 -22.30 -7.76 38.07
CA GLY E 206 -22.36 -7.39 39.48
C GLY E 206 -20.96 -6.96 39.90
N ALA E 207 -20.83 -6.43 41.12
CA ALA E 207 -19.53 -5.99 41.65
C ALA E 207 -18.53 -7.13 41.66
N GLU E 208 -17.26 -6.79 41.42
CA GLU E 208 -16.20 -7.78 41.39
C GLU E 208 -16.10 -8.58 42.69
N GLY E 209 -16.54 -7.99 43.79
CA GLY E 209 -16.50 -8.70 45.06
C GLY E 209 -17.82 -9.36 45.42
N GLU E 210 -18.85 -8.56 45.63
CA GLU E 210 -20.16 -9.08 45.97
C GLU E 210 -20.81 -9.92 44.85
N GLY E 211 -20.88 -9.36 43.65
CA GLY E 211 -21.54 -10.07 42.56
C GLY E 211 -22.95 -9.54 42.57
N MSE E 212 -23.91 -10.27 42.00
CA MSE E 212 -25.26 -9.76 42.03
C MSE E 212 -25.86 -10.10 43.40
O MSE E 212 -25.51 -11.11 44.02
CB MSE E 212 -26.11 -10.40 40.93
CG MSE E 212 -25.60 -10.24 39.51
SE MSE E 212 -26.81 -11.11 38.28
CE MSE E 212 -26.27 -12.94 38.58
N ARG E 213 -26.77 -9.26 43.88
CA ARG E 213 -27.43 -9.55 45.13
C ARG E 213 -28.31 -10.76 44.81
N ARG E 214 -28.65 -11.57 45.82
CA ARG E 214 -29.48 -12.76 45.63
C ARG E 214 -30.71 -12.46 44.78
N LEU E 215 -31.45 -11.45 45.23
CA LEU E 215 -32.67 -11.05 44.55
C LEU E 215 -32.41 -10.84 43.05
N THR E 216 -31.32 -10.14 42.72
CA THR E 216 -30.98 -9.84 41.32
C THR E 216 -30.64 -11.13 40.58
N ARG E 217 -29.90 -12.02 41.25
CA ARG E 217 -29.49 -13.30 40.69
C ARG E 217 -30.69 -14.19 40.36
N GLU E 218 -31.73 -14.12 41.20
CA GLU E 218 -32.94 -14.92 41.03
C GLU E 218 -33.86 -14.39 39.95
N HIS E 219 -33.71 -13.13 39.58
CA HIS E 219 -34.57 -12.57 38.55
C HIS E 219 -33.97 -12.70 37.16
N CYS E 220 -32.83 -13.37 37.05
CA CYS E 220 -32.21 -13.56 35.74
C CYS E 220 -32.83 -14.80 35.12
N ASP E 221 -32.92 -14.84 33.80
CA ASP E 221 -33.50 -16.02 33.21
C ASP E 221 -32.42 -17.06 33.10
N GLU E 222 -31.19 -16.60 32.90
CA GLU E 222 -30.03 -17.46 32.71
C GLU E 222 -28.79 -16.90 33.41
N LEU E 223 -27.99 -17.78 34.01
CA LEU E 223 -26.75 -17.39 34.68
C LEU E 223 -25.57 -17.90 33.85
N ILE E 224 -24.54 -17.06 33.68
CA ILE E 224 -23.37 -17.46 32.90
C ILE E 224 -22.08 -17.18 33.64
N SER E 225 -21.05 -17.98 33.37
CA SER E 225 -19.76 -17.73 34.00
C SER E 225 -18.73 -17.46 32.91
N ILE E 226 -17.58 -16.94 33.34
CA ILE E 226 -16.50 -16.66 32.43
C ILE E 226 -15.42 -17.62 32.89
N PRO E 227 -15.04 -18.55 32.01
CA PRO E 227 -14.00 -19.53 32.37
C PRO E 227 -12.67 -18.89 32.70
N MSE E 228 -12.13 -19.25 33.86
CA MSE E 228 -10.83 -18.79 34.34
C MSE E 228 -9.92 -19.98 34.10
O MSE E 228 -10.20 -21.08 34.59
CB MSE E 228 -10.89 -18.50 35.83
CG MSE E 228 -11.71 -17.30 36.20
SE MSE E 228 -11.01 -15.66 35.48
CE MSE E 228 -12.17 -15.52 33.97
N ALA E 229 -8.82 -19.77 33.39
CA ALA E 229 -7.96 -20.91 33.09
C ALA E 229 -6.71 -21.05 33.92
N GLY E 230 -6.33 -19.99 34.64
CA GLY E 230 -5.13 -20.01 35.45
C GLY E 230 -5.31 -19.84 36.95
N SER E 231 -4.52 -18.96 37.55
CA SER E 231 -4.59 -18.75 39.00
C SER E 231 -5.37 -17.50 39.42
N VAL E 232 -5.70 -16.65 38.48
CA VAL E 232 -6.50 -15.48 38.80
C VAL E 232 -7.91 -16.04 38.89
N SER E 233 -8.66 -15.60 39.89
CA SER E 233 -9.99 -16.11 40.11
C SER E 233 -11.07 -15.33 39.38
N SER E 234 -10.79 -14.07 39.08
CA SER E 234 -11.78 -13.27 38.37
C SER E 234 -11.10 -12.15 37.64
N LEU E 235 -11.87 -11.53 36.73
CA LEU E 235 -11.41 -10.41 35.94
C LEU E 235 -11.99 -9.18 36.62
N ASN E 236 -11.44 -7.99 36.38
CA ASN E 236 -12.04 -6.82 37.02
C ASN E 236 -13.32 -6.52 36.25
N VAL E 237 -14.32 -5.99 36.95
CA VAL E 237 -15.63 -5.68 36.35
C VAL E 237 -15.70 -5.04 34.97
N SER E 238 -14.78 -4.13 34.68
CA SER E 238 -14.77 -3.47 33.38
C SER E 238 -14.37 -4.42 32.21
N VAL E 239 -13.31 -5.20 32.41
CA VAL E 239 -12.85 -6.13 31.38
C VAL E 239 -13.91 -7.20 31.17
N ALA E 240 -14.49 -7.68 32.27
CA ALA E 240 -15.53 -8.71 32.20
C ALA E 240 -16.80 -8.23 31.49
N THR E 241 -17.18 -6.99 31.76
CA THR E 241 -18.36 -6.41 31.14
C THR E 241 -18.10 -6.35 29.66
N GLY E 242 -16.89 -5.92 29.29
CA GLY E 242 -16.56 -5.87 27.88
C GLY E 242 -16.60 -7.23 27.22
N ILE E 243 -15.91 -8.19 27.82
CA ILE E 243 -15.85 -9.55 27.29
C ILE E 243 -17.25 -10.10 27.05
N CYS E 244 -18.12 -9.89 28.03
CA CYS E 244 -19.50 -10.38 27.93
C CYS E 244 -20.30 -9.60 26.91
N LEU E 245 -20.15 -8.28 26.93
CA LEU E 245 -20.87 -7.41 26.00
C LEU E 245 -20.48 -7.79 24.59
N PHE E 246 -19.20 -8.06 24.35
CA PHE E 246 -18.80 -8.40 23.00
C PHE E 246 -19.09 -9.80 22.52
N GLU E 247 -19.41 -10.69 23.44
CA GLU E 247 -19.77 -12.06 23.06
C GLU E 247 -21.19 -11.94 22.55
N ALA E 248 -21.89 -10.91 23.06
CA ALA E 248 -23.26 -10.63 22.64
C ALA E 248 -23.12 -10.05 21.25
N VAL E 249 -22.26 -9.03 21.10
CA VAL E 249 -22.01 -8.40 19.80
C VAL E 249 -21.78 -9.49 18.75
N ARG E 250 -20.97 -10.46 19.10
CA ARG E 250 -20.63 -11.57 18.21
C ARG E 250 -21.87 -12.41 17.83
N GLN E 251 -22.59 -12.92 18.82
CA GLN E 251 -23.78 -13.72 18.55
C GLN E 251 -24.86 -12.90 17.83
N ARG E 252 -24.72 -11.58 17.89
CA ARG E 252 -25.68 -10.69 17.26
C ARG E 252 -25.23 -10.24 15.88
N SER E 253 -23.95 -10.46 15.59
CA SER E 253 -23.35 -10.10 14.32
C SER E 253 -23.68 -11.15 13.26
N SER F 1 -67.14 -42.35 -20.75
CA SER F 1 -68.19 -41.58 -20.05
C SER F 1 -67.67 -40.17 -19.74
N SER F 2 -66.35 -40.04 -19.71
CA SER F 2 -65.77 -38.74 -19.37
C SER F 2 -64.26 -38.61 -19.62
N GLY F 3 -63.61 -37.92 -18.69
CA GLY F 3 -62.18 -37.68 -18.75
C GLY F 3 -61.86 -36.65 -17.70
N LEU F 4 -61.09 -37.02 -16.68
CA LEU F 4 -60.74 -36.07 -15.64
C LEU F 4 -59.39 -35.46 -15.94
N VAL F 5 -59.21 -34.22 -15.50
CA VAL F 5 -57.98 -33.49 -15.73
C VAL F 5 -57.60 -32.63 -14.50
N PRO F 6 -56.39 -32.85 -13.95
CA PRO F 6 -55.97 -32.07 -12.79
C PRO F 6 -56.03 -30.58 -13.11
N ARG F 7 -56.92 -29.85 -12.44
CA ARG F 7 -57.06 -28.43 -12.70
C ARG F 7 -55.70 -27.74 -12.62
N GLY F 8 -54.82 -28.21 -11.75
CA GLY F 8 -53.51 -27.62 -11.64
C GLY F 8 -53.27 -26.79 -10.40
N SER F 9 -52.27 -27.20 -9.63
CA SER F 9 -51.93 -26.52 -8.40
C SER F 9 -50.64 -25.71 -8.59
N HIS F 10 -50.38 -24.82 -7.64
CA HIS F 10 -49.19 -23.97 -7.65
C HIS F 10 -48.50 -24.08 -6.29
N MSE F 11 -47.41 -24.83 -6.25
CA MSE F 11 -46.67 -25.02 -5.01
C MSE F 11 -45.33 -24.29 -5.06
O MSE F 11 -44.60 -24.38 -6.05
CB MSE F 11 -46.48 -26.53 -4.80
CG MSE F 11 -45.89 -26.97 -3.45
SE MSE F 11 -46.14 -28.88 -3.09
CE MSE F 11 -46.11 -29.57 -4.91
N SER F 12 -45.02 -23.55 -4.00
CA SER F 12 -43.76 -22.83 -3.95
C SER F 12 -42.63 -23.74 -3.48
N GLU F 13 -41.41 -23.29 -3.70
CA GLU F 13 -40.23 -24.04 -3.31
C GLU F 13 -39.39 -23.13 -2.44
N MSE F 14 -38.91 -23.63 -1.31
CA MSE F 14 -38.08 -22.81 -0.44
C MSE F 14 -36.62 -22.97 -0.80
O MSE F 14 -36.15 -24.09 -0.98
CB MSE F 14 -38.32 -23.18 1.03
CG MSE F 14 -38.84 -22.03 1.87
SE MSE F 14 -40.78 -21.89 1.92
CE MSE F 14 -41.24 -22.87 0.32
N ILE F 15 -35.91 -21.85 -0.89
CA ILE F 15 -34.50 -21.88 -1.23
C ILE F 15 -33.68 -21.56 0.03
N TYR F 16 -32.37 -21.76 0.00
CA TYR F 16 -31.57 -21.53 1.20
C TYR F 16 -30.30 -20.68 1.20
N GLY F 17 -29.26 -21.16 0.54
CA GLY F 17 -27.98 -20.45 0.55
C GLY F 17 -27.87 -19.12 -0.16
N ILE F 18 -26.84 -18.35 0.23
CA ILE F 18 -26.60 -17.06 -0.39
C ILE F 18 -26.33 -17.40 -1.84
N HIS F 19 -25.78 -18.59 -2.05
CA HIS F 19 -25.49 -19.03 -3.41
C HIS F 19 -26.77 -19.55 -4.06
N ALA F 20 -27.88 -18.92 -3.70
CA ALA F 20 -29.18 -19.29 -4.24
C ALA F 20 -30.09 -18.09 -3.97
N VAL F 21 -30.21 -17.71 -2.71
CA VAL F 21 -31.03 -16.55 -2.33
C VAL F 21 -30.44 -15.30 -2.95
N GLN F 22 -29.12 -15.20 -2.95
CA GLN F 22 -28.42 -14.05 -3.52
C GLN F 22 -28.02 -14.42 -4.94
N ALA F 23 -28.04 -15.71 -5.24
CA ALA F 23 -27.68 -16.15 -6.58
C ALA F 23 -28.92 -16.08 -7.46
N LEU F 24 -30.06 -16.54 -6.96
CA LEU F 24 -31.28 -16.49 -7.75
C LEU F 24 -31.81 -15.06 -7.87
N LEU F 25 -31.35 -14.17 -6.99
CA LEU F 25 -31.80 -12.79 -7.06
C LEU F 25 -31.39 -12.21 -8.42
N GLU F 26 -30.16 -12.49 -8.82
CA GLU F 26 -29.66 -12.01 -10.11
C GLU F 26 -29.83 -13.08 -11.20
N ARG F 27 -29.78 -14.34 -10.80
CA ARG F 27 -29.93 -15.43 -11.75
C ARG F 27 -31.38 -15.57 -12.23
N ALA F 28 -32.34 -15.47 -11.31
CA ALA F 28 -33.75 -15.57 -11.68
C ALA F 28 -34.66 -14.85 -10.67
N PRO F 29 -34.74 -13.52 -10.76
CA PRO F 29 -35.56 -12.72 -9.85
C PRO F 29 -37.08 -12.90 -9.96
N GLU F 30 -37.60 -13.04 -11.18
CA GLU F 30 -39.02 -13.22 -11.37
C GLU F 30 -39.67 -14.39 -10.60
N ARG F 31 -38.85 -15.35 -10.16
CA ARG F 31 -39.38 -16.51 -9.43
C ARG F 31 -39.62 -16.19 -7.95
N PHE F 32 -39.08 -15.05 -7.48
CA PHE F 32 -39.24 -14.65 -6.08
C PHE F 32 -40.67 -14.33 -5.65
N GLN F 33 -41.08 -14.87 -4.51
CA GLN F 33 -42.43 -14.62 -4.00
C GLN F 33 -42.40 -13.98 -2.61
N GLU F 34 -41.60 -14.55 -1.71
CA GLU F 34 -41.47 -14.03 -0.35
C GLU F 34 -40.07 -14.33 0.17
N VAL F 35 -39.51 -13.42 0.96
CA VAL F 35 -38.16 -13.59 1.49
C VAL F 35 -38.08 -13.36 3.00
N PHE F 36 -37.34 -14.22 3.70
CA PHE F 36 -37.19 -14.10 5.15
C PHE F 36 -35.76 -13.89 5.66
N ILE F 37 -35.63 -13.10 6.72
CA ILE F 37 -34.35 -12.79 7.36
C ILE F 37 -34.54 -12.60 8.88
N LEU F 38 -33.43 -12.37 9.59
CA LEU F 38 -33.47 -12.18 11.05
C LEU F 38 -34.11 -10.84 11.46
N LYS F 39 -34.96 -10.87 12.49
CA LYS F 39 -35.63 -9.63 12.93
C LYS F 39 -34.74 -8.64 13.68
N GLY F 40 -34.73 -7.40 13.19
CA GLY F 40 -33.92 -6.36 13.81
C GLY F 40 -32.51 -6.80 14.17
N ARG F 41 -31.89 -7.61 13.32
CA ARG F 41 -30.53 -8.10 13.57
C ARG F 41 -29.57 -7.73 12.46
N GLU F 42 -28.64 -6.81 12.76
CA GLU F 42 -27.66 -6.38 11.78
C GLU F 42 -26.86 -7.55 11.23
N ASP F 43 -26.52 -7.44 9.96
CA ASP F 43 -25.74 -8.46 9.26
C ASP F 43 -25.21 -7.76 8.01
N LYS F 44 -23.98 -7.27 8.10
CA LYS F 44 -23.32 -6.56 7.01
C LYS F 44 -23.26 -7.32 5.68
N ARG F 45 -23.51 -8.63 5.72
CA ARG F 45 -23.49 -9.45 4.52
C ARG F 45 -24.90 -9.57 3.93
N LEU F 46 -25.90 -9.27 4.75
CA LEU F 46 -27.31 -9.35 4.36
C LEU F 46 -27.81 -8.08 3.67
N LEU F 47 -27.19 -6.95 3.99
CA LEU F 47 -27.59 -5.68 3.40
C LEU F 47 -27.32 -5.63 1.89
N PRO F 48 -26.13 -6.04 1.46
CA PRO F 48 -25.87 -5.98 0.02
C PRO F 48 -26.87 -6.87 -0.72
N LEU F 49 -27.50 -7.76 0.04
CA LEU F 49 -28.48 -8.67 -0.51
C LEU F 49 -29.88 -8.04 -0.43
N ILE F 50 -30.33 -7.76 0.79
CA ILE F 50 -31.64 -7.18 1.02
C ILE F 50 -31.79 -5.83 0.32
N HIS F 51 -30.75 -5.44 -0.41
CA HIS F 51 -30.78 -4.20 -1.16
C HIS F 51 -31.42 -4.50 -2.50
N ALA F 52 -30.77 -5.38 -3.26
CA ALA F 52 -31.25 -5.75 -4.59
C ALA F 52 -32.62 -6.39 -4.53
N LEU F 53 -33.00 -6.88 -3.35
CA LEU F 53 -34.29 -7.50 -3.17
C LEU F 53 -35.41 -6.48 -3.08
N GLU F 54 -35.16 -5.38 -2.38
CA GLU F 54 -36.16 -4.34 -2.23
C GLU F 54 -36.38 -3.64 -3.56
N SER F 55 -35.29 -3.43 -4.30
CA SER F 55 -35.37 -2.79 -5.59
C SER F 55 -36.24 -3.58 -6.55
N GLN F 56 -36.18 -4.91 -6.43
CA GLN F 56 -36.95 -5.80 -7.28
C GLN F 56 -38.41 -5.88 -6.85
N GLY F 57 -38.74 -5.17 -5.78
CA GLY F 57 -40.11 -5.16 -5.27
C GLY F 57 -40.55 -6.49 -4.68
N VAL F 58 -39.59 -7.22 -4.08
CA VAL F 58 -39.90 -8.50 -3.46
C VAL F 58 -40.16 -8.31 -1.99
N VAL F 59 -41.15 -9.01 -1.46
CA VAL F 59 -41.45 -8.88 -0.04
C VAL F 59 -40.30 -9.45 0.79
N ILE F 60 -39.98 -8.78 1.89
CA ILE F 60 -38.90 -9.21 2.78
C ILE F 60 -39.40 -9.17 4.22
N GLN F 61 -39.44 -10.33 4.88
CA GLN F 61 -39.92 -10.42 6.26
C GLN F 61 -38.90 -10.97 7.25
N LEU F 62 -38.99 -10.49 8.49
CA LEU F 62 -38.09 -10.92 9.54
C LEU F 62 -38.72 -12.08 10.30
N ALA F 63 -37.88 -12.91 10.92
CA ALA F 63 -38.38 -14.06 11.67
C ALA F 63 -37.32 -14.64 12.62
N ASN F 64 -37.72 -15.65 13.40
CA ASN F 64 -36.82 -16.32 14.35
C ASN F 64 -35.96 -17.37 13.68
N ARG F 65 -35.10 -18.03 14.45
CA ARG F 65 -34.22 -19.07 13.92
C ARG F 65 -34.95 -20.41 13.99
N GLN F 66 -35.99 -20.47 14.80
CA GLN F 66 -36.80 -21.68 14.92
C GLN F 66 -37.58 -21.70 13.61
N TYR F 67 -38.14 -20.54 13.28
CA TYR F 67 -38.92 -20.37 12.05
C TYR F 67 -38.08 -20.71 10.82
N LEU F 68 -36.83 -20.22 10.80
CA LEU F 68 -35.93 -20.48 9.69
C LEU F 68 -35.55 -21.96 9.60
N ASP F 69 -35.02 -22.49 10.71
CA ASP F 69 -34.61 -23.89 10.76
C ASP F 69 -35.72 -24.93 10.67
N GLU F 70 -36.97 -24.50 10.83
CA GLU F 70 -38.10 -25.41 10.74
C GLU F 70 -38.57 -25.50 9.30
N LYS F 71 -38.71 -24.33 8.66
CA LYS F 71 -39.11 -24.28 7.27
C LYS F 71 -37.89 -24.48 6.40
N SER F 72 -36.80 -24.97 7.00
CA SER F 72 -35.57 -25.21 6.27
C SER F 72 -35.02 -26.61 6.57
N ASP F 73 -35.83 -27.42 7.19
CA ASP F 73 -35.40 -28.78 7.55
C ASP F 73 -34.01 -28.68 8.17
N GLY F 74 -33.91 -27.82 9.16
CA GLY F 74 -32.65 -27.54 9.85
C GLY F 74 -31.46 -27.56 8.86
N ALA F 75 -31.53 -26.68 7.85
CA ALA F 75 -30.48 -26.61 6.82
C ALA F 75 -29.66 -25.32 6.91
N VAL F 76 -28.45 -25.36 6.36
CA VAL F 76 -27.55 -24.21 6.38
C VAL F 76 -28.08 -23.12 5.45
N HIS F 77 -29.17 -22.49 5.86
CA HIS F 77 -29.77 -21.41 5.06
C HIS F 77 -28.95 -20.12 5.13
N GLN F 78 -28.29 -19.90 6.27
CA GLN F 78 -27.48 -18.72 6.49
C GLN F 78 -28.35 -17.49 6.74
N GLY F 79 -29.36 -17.67 7.58
CA GLY F 79 -30.27 -16.59 7.93
C GLY F 79 -31.06 -15.95 6.79
N ILE F 80 -31.10 -16.63 5.65
CA ILE F 80 -31.82 -16.13 4.47
C ILE F 80 -32.76 -17.17 3.86
N ILE F 81 -34.06 -17.03 4.11
CA ILE F 81 -35.02 -17.95 3.53
C ILE F 81 -35.45 -17.34 2.20
N ALA F 82 -36.37 -17.99 1.50
CA ALA F 82 -36.84 -17.48 0.23
C ALA F 82 -37.85 -18.41 -0.39
N ARG F 83 -39.08 -17.93 -0.50
CA ARG F 83 -40.11 -18.74 -1.12
C ARG F 83 -40.20 -18.28 -2.57
N VAL F 84 -40.00 -19.22 -3.50
CA VAL F 84 -40.02 -18.88 -4.91
C VAL F 84 -40.84 -19.85 -5.71
N LYS F 85 -41.16 -19.47 -6.94
CA LYS F 85 -41.94 -20.34 -7.82
C LYS F 85 -41.06 -21.47 -8.39
N PRO F 86 -41.68 -22.56 -8.86
CA PRO F 86 -40.91 -23.68 -9.43
C PRO F 86 -39.99 -23.21 -10.54
N GLY F 87 -38.86 -23.88 -10.68
CA GLY F 87 -37.93 -23.52 -11.72
C GLY F 87 -38.25 -24.21 -13.04
N ARG F 88 -38.10 -23.47 -14.13
CA ARG F 88 -38.35 -24.02 -15.46
C ARG F 88 -37.48 -25.26 -15.69
N GLN F 89 -38.08 -26.43 -15.81
CA GLN F 89 -37.32 -27.65 -16.04
C GLN F 89 -37.30 -27.92 -17.55
N TYR F 90 -36.13 -27.76 -18.18
CA TYR F 90 -36.01 -28.02 -19.63
C TYR F 90 -36.06 -29.52 -19.89
N GLN F 91 -36.72 -29.92 -20.96
CA GLN F 91 -36.81 -31.34 -21.30
C GLN F 91 -36.25 -31.54 -22.71
N GLU F 92 -36.05 -32.80 -23.08
CA GLU F 92 -35.52 -33.12 -24.40
C GLU F 92 -36.18 -32.31 -25.51
N ASN F 93 -37.50 -32.39 -25.61
CA ASN F 93 -38.24 -31.69 -26.67
C ASN F 93 -37.98 -30.19 -26.74
N ASP F 94 -37.56 -29.61 -25.61
CA ASP F 94 -37.27 -28.19 -25.56
C ASP F 94 -35.95 -27.86 -26.31
N LEU F 95 -35.09 -28.87 -26.46
CA LEU F 95 -33.79 -28.67 -27.09
C LEU F 95 -33.84 -27.96 -28.45
N PRO F 96 -34.65 -28.47 -29.36
CA PRO F 96 -34.70 -27.79 -30.66
C PRO F 96 -34.91 -26.28 -30.58
N ASP F 97 -35.82 -25.84 -29.73
CA ASP F 97 -36.08 -24.40 -29.64
C ASP F 97 -35.00 -23.59 -28.95
N LEU F 98 -34.43 -24.16 -27.89
CA LEU F 98 -33.35 -23.49 -27.20
C LEU F 98 -32.22 -23.22 -28.21
N ILE F 99 -31.90 -24.23 -29.01
CA ILE F 99 -30.85 -24.10 -30.01
C ILE F 99 -31.24 -23.07 -31.07
N ALA F 100 -32.52 -23.03 -31.39
CA ALA F 100 -33.04 -22.09 -32.39
C ALA F 100 -32.88 -20.62 -31.99
N SER F 101 -32.89 -20.35 -30.69
CA SER F 101 -32.75 -18.97 -30.18
C SER F 101 -31.30 -18.51 -29.99
N LEU F 102 -30.34 -19.38 -30.31
CA LEU F 102 -28.93 -19.07 -30.15
C LEU F 102 -28.26 -18.96 -31.51
N ASP F 103 -27.44 -17.93 -31.71
CA ASP F 103 -26.75 -17.76 -32.98
C ASP F 103 -25.53 -18.67 -33.02
N GLN F 104 -24.81 -18.73 -31.90
CA GLN F 104 -23.65 -19.59 -31.77
C GLN F 104 -23.75 -20.39 -30.48
N PRO F 105 -24.52 -21.48 -30.51
CA PRO F 105 -24.73 -22.37 -29.36
C PRO F 105 -23.40 -22.89 -28.83
N PHE F 106 -23.30 -22.99 -27.51
CA PHE F 106 -22.10 -23.45 -26.84
C PHE F 106 -22.65 -24.47 -25.84
N LEU F 107 -22.60 -25.74 -26.24
CA LEU F 107 -23.13 -26.83 -25.44
C LEU F 107 -22.07 -27.75 -24.84
N LEU F 108 -22.42 -28.30 -23.69
CA LEU F 108 -21.57 -29.23 -22.99
C LEU F 108 -22.33 -30.56 -22.87
N ILE F 109 -21.68 -31.65 -23.28
CA ILE F 109 -22.28 -32.99 -23.18
C ILE F 109 -21.45 -33.85 -22.20
N LEU F 110 -22.11 -34.38 -21.19
CA LEU F 110 -21.43 -35.23 -20.22
C LEU F 110 -21.91 -36.67 -20.36
N ASP F 111 -21.02 -37.53 -20.81
CA ASP F 111 -21.37 -38.93 -21.01
C ASP F 111 -20.77 -39.79 -19.92
N GLY F 112 -21.62 -40.25 -19.00
CA GLY F 112 -21.19 -41.13 -17.94
C GLY F 112 -20.84 -40.55 -16.57
N VAL F 113 -21.09 -39.26 -16.37
CA VAL F 113 -20.80 -38.67 -15.08
C VAL F 113 -21.93 -39.12 -14.17
N THR F 114 -21.68 -40.16 -13.40
CA THR F 114 -22.70 -40.70 -12.52
C THR F 114 -22.61 -40.23 -11.08
N ASP F 115 -21.53 -39.52 -10.74
CA ASP F 115 -21.36 -38.99 -9.39
C ASP F 115 -21.88 -37.56 -9.31
N PRO F 116 -22.96 -37.34 -8.55
CA PRO F 116 -23.58 -36.01 -8.38
C PRO F 116 -22.58 -34.89 -8.14
N HIS F 117 -21.58 -35.16 -7.33
CA HIS F 117 -20.56 -34.19 -7.04
C HIS F 117 -19.90 -33.73 -8.34
N ASN F 118 -19.53 -34.67 -9.20
CA ASN F 118 -18.91 -34.29 -10.47
C ASN F 118 -19.91 -33.57 -11.33
N LEU F 119 -21.17 -34.00 -11.33
CA LEU F 119 -22.19 -33.35 -12.14
C LEU F 119 -22.34 -31.91 -11.73
N GLY F 120 -22.33 -31.66 -10.42
CA GLY F 120 -22.45 -30.30 -9.95
C GLY F 120 -21.21 -29.46 -10.22
N ALA F 121 -20.04 -30.07 -10.05
CA ALA F 121 -18.77 -29.41 -10.29
C ALA F 121 -18.73 -28.96 -11.73
N CYS F 122 -19.18 -29.83 -12.63
CA CYS F 122 -19.17 -29.52 -14.05
C CYS F 122 -20.12 -28.41 -14.46
N LEU F 123 -21.30 -28.36 -13.83
CA LEU F 123 -22.27 -27.33 -14.14
C LEU F 123 -21.67 -26.01 -13.77
N ARG F 124 -21.04 -25.96 -12.61
CA ARG F 124 -20.41 -24.72 -12.13
C ARG F 124 -19.44 -24.15 -13.18
N SER F 125 -18.60 -25.02 -13.75
CA SER F 125 -17.63 -24.59 -14.76
C SER F 125 -18.37 -24.20 -16.04
N ALA F 126 -19.41 -24.94 -16.38
CA ALA F 126 -20.19 -24.64 -17.58
C ALA F 126 -20.77 -23.23 -17.51
N ASP F 127 -21.31 -22.89 -16.34
CA ASP F 127 -21.89 -21.58 -16.05
C ASP F 127 -20.83 -20.50 -16.16
N ALA F 128 -19.63 -20.79 -15.67
CA ALA F 128 -18.54 -19.83 -15.74
C ALA F 128 -18.11 -19.58 -17.18
N ALA F 129 -18.22 -20.60 -18.04
CA ALA F 129 -17.81 -20.49 -19.44
C ALA F 129 -18.87 -19.93 -20.38
N GLY F 130 -20.11 -19.88 -19.92
CA GLY F 130 -21.18 -19.35 -20.77
C GLY F 130 -21.89 -20.43 -21.54
N VAL F 131 -21.74 -21.67 -21.08
CA VAL F 131 -22.41 -22.77 -21.74
C VAL F 131 -23.92 -22.56 -21.67
N HIS F 132 -24.60 -22.70 -22.80
CA HIS F 132 -26.05 -22.52 -22.84
C HIS F 132 -26.84 -23.69 -22.26
N ALA F 133 -26.31 -24.90 -22.40
CA ALA F 133 -27.00 -26.07 -21.85
C ALA F 133 -26.07 -27.28 -21.74
N VAL F 134 -26.28 -28.06 -20.68
CA VAL F 134 -25.51 -29.27 -20.46
C VAL F 134 -26.48 -30.40 -20.78
N ILE F 135 -26.05 -31.32 -21.63
CA ILE F 135 -26.83 -32.47 -22.08
C ILE F 135 -26.20 -33.80 -21.60
N VAL F 136 -26.98 -34.59 -20.88
CA VAL F 136 -26.53 -35.87 -20.36
C VAL F 136 -27.54 -36.95 -20.73
N PRO F 137 -27.07 -38.20 -20.94
CA PRO F 137 -27.96 -39.31 -21.28
C PRO F 137 -28.70 -39.77 -20.03
N LYS F 138 -30.03 -39.84 -20.12
CA LYS F 138 -30.88 -40.26 -19.00
C LYS F 138 -30.41 -41.49 -18.24
N ASP F 139 -30.10 -42.53 -18.98
CA ASP F 139 -29.70 -43.80 -18.38
C ASP F 139 -28.24 -43.92 -18.00
N ARG F 140 -27.48 -42.85 -18.15
CA ARG F 140 -26.07 -42.94 -17.81
C ARG F 140 -25.56 -41.61 -17.25
N SER F 141 -26.20 -41.14 -16.20
CA SER F 141 -25.82 -39.87 -15.60
C SER F 141 -26.34 -39.69 -14.19
N ALA F 142 -25.74 -38.76 -13.46
CA ALA F 142 -26.17 -38.48 -12.11
C ALA F 142 -27.45 -37.66 -12.17
N GLN F 143 -28.09 -37.50 -11.01
CA GLN F 143 -29.31 -36.72 -10.87
C GLN F 143 -28.93 -35.36 -10.31
N LEU F 144 -29.57 -34.32 -10.80
CA LEU F 144 -29.27 -33.00 -10.29
C LEU F 144 -29.87 -32.90 -8.90
N ASN F 145 -29.36 -33.70 -7.96
CA ASN F 145 -29.88 -33.68 -6.61
C ASN F 145 -29.29 -32.55 -5.74
N ALA F 146 -29.68 -32.52 -4.46
CA ALA F 146 -29.22 -31.48 -3.56
C ALA F 146 -27.72 -31.41 -3.46
N THR F 147 -27.06 -32.56 -3.43
CA THR F 147 -25.60 -32.59 -3.38
C THR F 147 -25.07 -31.92 -4.66
N ALA F 148 -25.63 -32.28 -5.81
CA ALA F 148 -25.19 -31.69 -7.07
C ALA F 148 -25.43 -30.17 -7.03
N LYS F 149 -26.65 -29.78 -6.68
CA LYS F 149 -27.00 -28.36 -6.63
C LYS F 149 -26.08 -27.53 -5.76
N LYS F 150 -25.53 -28.13 -4.70
CA LYS F 150 -24.64 -27.40 -3.82
C LYS F 150 -23.25 -27.25 -4.42
N VAL F 151 -22.70 -28.34 -4.92
CA VAL F 151 -21.38 -28.24 -5.54
C VAL F 151 -21.44 -27.28 -6.74
N ALA F 152 -22.64 -27.07 -7.31
CA ALA F 152 -22.75 -26.19 -8.45
C ALA F 152 -22.73 -24.71 -8.10
N CYS F 153 -22.75 -24.40 -6.80
CA CYS F 153 -22.74 -23.01 -6.33
C CYS F 153 -23.74 -22.06 -6.98
N GLY F 154 -24.93 -22.55 -7.34
CA GLY F 154 -25.91 -21.67 -7.97
C GLY F 154 -26.16 -21.99 -9.43
N ALA F 155 -25.12 -22.34 -10.16
CA ALA F 155 -25.25 -22.67 -11.58
C ALA F 155 -26.49 -23.50 -11.85
N ALA F 156 -26.79 -24.42 -10.96
CA ALA F 156 -27.98 -25.26 -11.10
C ALA F 156 -29.22 -24.44 -11.45
N GLU F 157 -29.32 -23.22 -10.94
CA GLU F 157 -30.47 -22.39 -11.24
C GLU F 157 -30.28 -21.55 -12.54
N SER F 158 -29.07 -21.55 -13.11
CA SER F 158 -28.81 -20.75 -14.34
C SER F 158 -28.54 -21.61 -15.59
N VAL F 159 -28.05 -22.81 -15.42
CA VAL F 159 -27.72 -23.61 -16.60
C VAL F 159 -28.63 -24.80 -16.76
N PRO F 160 -29.46 -24.81 -17.79
CA PRO F 160 -30.34 -25.97 -17.95
C PRO F 160 -29.62 -27.27 -18.18
N LEU F 161 -30.11 -28.31 -17.51
CA LEU F 161 -29.57 -29.64 -17.60
C LEU F 161 -30.63 -30.47 -18.29
N ILE F 162 -30.39 -30.87 -19.53
CA ILE F 162 -31.39 -31.67 -20.22
C ILE F 162 -31.01 -33.16 -20.25
N ARG F 163 -31.89 -33.99 -19.71
CA ARG F 163 -31.63 -35.42 -19.70
C ARG F 163 -32.27 -35.97 -20.96
N VAL F 164 -31.50 -36.78 -21.68
CA VAL F 164 -31.94 -37.28 -22.96
C VAL F 164 -32.07 -38.78 -22.99
N THR F 165 -32.95 -39.17 -23.88
CA THR F 165 -33.32 -40.57 -24.05
C THR F 165 -32.26 -41.36 -24.83
N ASN F 166 -31.90 -40.88 -26.03
CA ASN F 166 -30.86 -41.55 -26.89
C ASN F 166 -29.80 -40.51 -27.24
N LEU F 167 -28.72 -40.47 -26.46
CA LEU F 167 -27.63 -39.52 -26.66
C LEU F 167 -27.13 -39.40 -28.11
N ALA F 168 -26.87 -40.52 -28.76
CA ALA F 168 -26.41 -40.51 -30.14
C ALA F 168 -27.43 -39.86 -31.07
N ARG F 169 -28.71 -40.16 -30.86
CA ARG F 169 -29.73 -39.57 -31.72
C ARG F 169 -29.81 -38.06 -31.49
N THR F 170 -29.74 -37.65 -30.23
CA THR F 170 -29.76 -36.22 -29.90
C THR F 170 -28.55 -35.56 -30.58
N MSE F 171 -27.41 -36.28 -30.62
CA MSE F 171 -26.20 -35.75 -31.25
C MSE F 171 -26.40 -35.54 -32.75
O MSE F 171 -25.93 -34.54 -33.30
CB MSE F 171 -25.01 -36.66 -30.95
CG MSE F 171 -24.45 -36.46 -29.55
SE MSE F 171 -23.22 -37.81 -28.94
CE MSE F 171 -21.57 -37.09 -29.63
N ARG F 172 -27.09 -36.48 -33.40
CA ARG F 172 -27.39 -36.37 -34.83
C ARG F 172 -28.24 -35.12 -35.07
N MSE F 173 -29.09 -34.81 -34.09
CA MSE F 173 -29.96 -33.63 -34.21
C MSE F 173 -29.10 -32.38 -34.12
O MSE F 173 -29.27 -31.42 -34.88
CB MSE F 173 -31.05 -33.68 -33.13
CG MSE F 173 -32.05 -32.52 -33.13
SE MSE F 173 -31.39 -30.97 -32.19
CE MSE F 173 -31.25 -31.81 -30.43
N LEU F 174 -28.15 -32.37 -33.18
CA LEU F 174 -27.25 -31.23 -33.02
C LEU F 174 -26.52 -30.98 -34.34
N GLN F 175 -26.00 -32.04 -34.94
CA GLN F 175 -25.26 -31.90 -36.19
C GLN F 175 -26.14 -31.43 -37.33
N GLU F 176 -27.41 -31.83 -37.32
CA GLU F 176 -28.35 -31.41 -38.35
C GLU F 176 -28.53 -29.91 -38.18
N GLU F 177 -28.31 -29.42 -36.97
CA GLU F 177 -28.43 -28.00 -36.70
C GLU F 177 -27.09 -27.29 -36.87
N ASN F 178 -26.16 -27.94 -37.59
CA ASN F 178 -24.83 -27.40 -37.86
C ASN F 178 -23.97 -27.13 -36.64
N ILE F 179 -24.17 -27.90 -35.59
CA ILE F 179 -23.35 -27.71 -34.41
C ILE F 179 -22.20 -28.69 -34.58
N TRP F 180 -20.98 -28.19 -34.43
CA TRP F 180 -19.80 -29.02 -34.55
C TRP F 180 -19.56 -29.68 -33.18
N ILE F 181 -19.38 -31.00 -33.18
CA ILE F 181 -19.17 -31.75 -31.94
C ILE F 181 -17.72 -32.23 -31.75
N VAL F 182 -17.09 -31.74 -30.68
CA VAL F 182 -15.73 -32.08 -30.34
C VAL F 182 -15.73 -32.92 -29.08
N GLY F 183 -15.21 -34.14 -29.16
CA GLY F 183 -15.16 -34.97 -27.98
C GLY F 183 -13.74 -35.14 -27.44
N THR F 184 -13.62 -35.26 -26.13
CA THR F 184 -12.32 -35.40 -25.48
C THR F 184 -12.02 -36.88 -25.27
N ALA F 185 -10.90 -37.34 -25.83
CA ALA F 185 -10.54 -38.73 -25.70
C ALA F 185 -9.03 -38.94 -25.88
N GLY F 186 -8.49 -39.95 -25.19
CA GLY F 186 -7.07 -40.22 -25.29
C GLY F 186 -6.71 -40.68 -26.68
N GLU F 187 -7.67 -41.34 -27.32
CA GLU F 187 -7.52 -41.87 -28.67
C GLU F 187 -7.39 -40.79 -29.76
N ALA F 188 -7.64 -39.53 -29.41
CA ALA F 188 -7.53 -38.46 -30.39
C ALA F 188 -6.11 -38.38 -30.96
N ASP F 189 -5.95 -37.77 -32.15
CA ASP F 189 -4.62 -37.64 -32.74
C ASP F 189 -4.06 -36.22 -32.75
N HIS F 190 -4.80 -35.29 -32.14
CA HIS F 190 -4.32 -33.91 -31.97
C HIS F 190 -4.91 -33.41 -30.65
N THR F 191 -4.33 -32.35 -30.09
CA THR F 191 -4.76 -31.78 -28.82
C THR F 191 -5.86 -30.75 -28.97
N LEU F 192 -6.43 -30.32 -27.84
CA LEU F 192 -7.50 -29.31 -27.89
C LEU F 192 -6.95 -27.99 -28.45
N TYR F 193 -5.64 -27.79 -28.33
CA TYR F 193 -5.01 -26.57 -28.84
C TYR F 193 -4.89 -26.52 -30.36
N GLN F 194 -5.02 -27.67 -31.01
CA GLN F 194 -4.93 -27.77 -32.48
C GLN F 194 -6.33 -27.80 -33.05
N SER F 195 -7.32 -27.62 -32.18
CA SER F 195 -8.71 -27.67 -32.60
C SER F 195 -9.31 -26.28 -32.77
N LYS F 196 -10.27 -26.18 -33.69
CA LYS F 196 -10.96 -24.92 -33.97
C LYS F 196 -12.26 -25.04 -33.15
N MSE F 197 -12.26 -24.40 -31.98
CA MSE F 197 -13.38 -24.46 -31.06
C MSE F 197 -14.33 -23.25 -31.05
O MSE F 197 -14.90 -22.88 -30.01
CB MSE F 197 -12.85 -24.71 -29.66
CG MSE F 197 -11.91 -25.89 -29.61
SE MSE F 197 -11.46 -26.42 -27.83
CE MSE F 197 -13.23 -27.20 -27.47
N THR F 198 -14.52 -22.65 -32.22
CA THR F 198 -15.40 -21.51 -32.32
C THR F 198 -16.72 -21.95 -32.95
N GLY F 199 -17.59 -20.99 -33.23
CA GLY F 199 -18.86 -21.25 -33.88
C GLY F 199 -19.88 -22.03 -33.07
N ARG F 200 -20.80 -22.72 -33.77
CA ARG F 200 -21.83 -23.52 -33.14
C ARG F 200 -21.06 -24.74 -32.64
N LEU F 201 -21.13 -24.99 -31.34
CA LEU F 201 -20.31 -26.06 -30.80
C LEU F 201 -20.84 -26.82 -29.60
N ALA F 202 -20.48 -28.09 -29.54
CA ALA F 202 -20.83 -28.94 -28.40
C ALA F 202 -19.53 -29.67 -28.00
N LEU F 203 -19.19 -29.61 -26.71
CA LEU F 203 -18.00 -30.25 -26.20
C LEU F 203 -18.47 -31.47 -25.45
N VAL F 204 -17.88 -32.63 -25.77
CA VAL F 204 -18.24 -33.86 -25.09
C VAL F 204 -17.13 -34.34 -24.19
N MSE F 205 -17.46 -34.61 -22.94
CA MSE F 205 -16.52 -35.11 -21.93
C MSE F 205 -17.05 -36.47 -21.47
O MSE F 205 -18.28 -36.68 -21.37
CB MSE F 205 -16.45 -34.20 -20.70
CG MSE F 205 -16.18 -32.74 -20.94
SE MSE F 205 -14.46 -32.36 -21.78
CE MSE F 205 -13.36 -33.32 -20.54
N GLY F 206 -16.15 -37.39 -21.20
CA GLY F 206 -16.55 -38.70 -20.71
C GLY F 206 -16.08 -38.83 -19.28
N ALA F 207 -16.65 -39.76 -18.54
CA ALA F 207 -16.25 -39.96 -17.15
C ALA F 207 -14.81 -40.45 -17.11
N GLU F 208 -14.23 -40.47 -15.91
CA GLU F 208 -12.86 -40.95 -15.76
C GLU F 208 -12.69 -42.43 -16.04
N GLY F 209 -13.71 -43.21 -15.71
CA GLY F 209 -13.62 -44.65 -15.92
C GLY F 209 -13.57 -45.13 -17.36
N GLU F 210 -14.68 -45.72 -17.77
CA GLU F 210 -14.83 -46.24 -19.11
C GLU F 210 -14.80 -45.12 -20.17
N GLY F 211 -14.66 -43.88 -19.71
CA GLY F 211 -14.63 -42.76 -20.63
C GLY F 211 -15.93 -42.65 -21.42
N MSE F 212 -15.84 -42.02 -22.58
CA MSE F 212 -16.95 -41.82 -23.48
C MSE F 212 -17.37 -43.16 -24.13
O MSE F 212 -16.54 -44.01 -24.38
CB MSE F 212 -16.48 -40.80 -24.53
CG MSE F 212 -17.49 -40.26 -25.50
SE MSE F 212 -16.80 -38.64 -26.43
CE MSE F 212 -14.91 -38.98 -26.21
N ARG F 213 -18.67 -43.38 -24.34
CA ARG F 213 -19.15 -44.61 -24.97
C ARG F 213 -18.64 -44.59 -26.42
N ARG F 214 -18.46 -45.76 -27.03
CA ARG F 214 -17.98 -45.84 -28.42
C ARG F 214 -18.95 -45.14 -29.36
N LEU F 215 -20.25 -45.33 -29.15
CA LEU F 215 -21.25 -44.68 -30.01
C LEU F 215 -21.17 -43.16 -29.91
N THR F 216 -20.83 -42.68 -28.72
CA THR F 216 -20.72 -41.23 -28.49
C THR F 216 -19.50 -40.72 -29.26
N ARG F 217 -18.41 -41.45 -29.10
CA ARG F 217 -17.16 -41.12 -29.75
C ARG F 217 -17.40 -41.04 -31.25
N GLU F 218 -18.13 -42.00 -31.80
CA GLU F 218 -18.38 -42.05 -33.23
C GLU F 218 -19.29 -40.97 -33.76
N HIS F 219 -20.03 -40.30 -32.88
CA HIS F 219 -20.91 -39.22 -33.33
C HIS F 219 -20.24 -37.87 -33.11
N CYS F 220 -18.97 -37.89 -32.78
CA CYS F 220 -18.25 -36.64 -32.61
C CYS F 220 -17.73 -36.29 -34.00
N ASP F 221 -17.55 -35.00 -34.27
CA ASP F 221 -17.02 -34.60 -35.56
C ASP F 221 -15.50 -34.62 -35.45
N GLU F 222 -15.01 -34.50 -34.23
CA GLU F 222 -13.60 -34.44 -33.96
C GLU F 222 -13.27 -34.91 -32.55
N LEU F 223 -12.06 -35.47 -32.38
CA LEU F 223 -11.66 -35.92 -31.08
C LEU F 223 -10.41 -35.18 -30.71
N ILE F 224 -10.32 -34.76 -29.45
CA ILE F 224 -9.15 -34.04 -28.96
C ILE F 224 -8.65 -34.65 -27.65
N SER F 225 -7.35 -34.48 -27.41
CA SER F 225 -6.74 -34.96 -26.20
C SER F 225 -6.19 -33.75 -25.47
N ILE F 226 -6.00 -33.89 -24.16
CA ILE F 226 -5.42 -32.86 -23.32
C ILE F 226 -4.02 -33.41 -23.13
N PRO F 227 -3.00 -32.65 -23.54
CA PRO F 227 -1.63 -33.16 -23.38
C PRO F 227 -1.19 -33.36 -21.94
N MSE F 228 -0.67 -34.54 -21.64
CA MSE F 228 -0.20 -34.86 -20.29
C MSE F 228 1.31 -34.84 -20.33
O MSE F 228 1.93 -35.29 -21.30
CB MSE F 228 -0.65 -36.26 -19.87
CG MSE F 228 -2.14 -36.50 -19.83
SE MSE F 228 -3.07 -35.66 -18.35
CE MSE F 228 -3.47 -33.97 -19.19
N ALA F 229 1.93 -34.33 -19.26
CA ALA F 229 3.39 -34.31 -19.19
C ALA F 229 3.77 -35.54 -18.40
N GLY F 230 4.00 -36.64 -19.12
CA GLY F 230 4.36 -37.90 -18.48
C GLY F 230 3.22 -38.91 -18.53
N SER F 231 3.53 -40.14 -18.94
CA SER F 231 2.58 -41.25 -19.03
C SER F 231 1.74 -41.42 -17.74
N VAL F 232 2.18 -40.72 -16.70
CA VAL F 232 1.53 -40.75 -15.38
C VAL F 232 0.29 -39.85 -15.28
N SER F 233 0.54 -38.55 -15.38
CA SER F 233 -0.48 -37.52 -15.31
C SER F 233 -1.86 -37.95 -15.79
N SER F 234 -2.90 -37.50 -15.09
CA SER F 234 -4.30 -37.80 -15.45
C SER F 234 -5.17 -36.77 -14.76
N LEU F 235 -6.29 -36.44 -15.39
CA LEU F 235 -7.15 -35.42 -14.83
C LEU F 235 -8.53 -35.87 -14.45
N ASN F 236 -9.06 -35.19 -13.44
CA ASN F 236 -10.40 -35.36 -12.89
C ASN F 236 -11.37 -34.76 -13.93
N VAL F 237 -12.55 -35.35 -14.11
CA VAL F 237 -13.54 -34.86 -15.10
C VAL F 237 -13.92 -33.39 -14.94
N SER F 238 -13.97 -32.92 -13.71
CA SER F 238 -14.33 -31.54 -13.49
C SER F 238 -13.20 -30.61 -13.93
N VAL F 239 -11.97 -30.90 -13.52
CA VAL F 239 -10.83 -30.09 -13.94
C VAL F 239 -10.69 -30.19 -15.46
N ALA F 240 -10.70 -31.41 -15.98
CA ALA F 240 -10.57 -31.63 -17.41
C ALA F 240 -11.63 -30.85 -18.18
N THR F 241 -12.88 -30.91 -17.69
CA THR F 241 -14.00 -30.20 -18.32
C THR F 241 -13.75 -28.70 -18.26
N GLY F 242 -13.29 -28.25 -17.11
CA GLY F 242 -12.98 -26.83 -16.97
C GLY F 242 -11.91 -26.40 -17.96
N ILE F 243 -10.85 -27.21 -18.07
CA ILE F 243 -9.75 -26.90 -18.98
C ILE F 243 -10.17 -26.80 -20.44
N CYS F 244 -10.90 -27.78 -20.93
CA CYS F 244 -11.36 -27.75 -22.32
C CYS F 244 -12.35 -26.62 -22.57
N LEU F 245 -13.28 -26.44 -21.65
CA LEU F 245 -14.29 -25.39 -21.78
C LEU F 245 -13.63 -24.03 -21.87
N PHE F 246 -12.60 -23.79 -21.08
CA PHE F 246 -11.96 -22.49 -21.17
C PHE F 246 -11.00 -22.28 -22.34
N GLU F 247 -10.53 -23.36 -22.96
CA GLU F 247 -9.68 -23.19 -24.13
C GLU F 247 -10.67 -22.70 -25.19
N ALA F 248 -11.89 -23.19 -25.10
CA ALA F 248 -12.90 -22.76 -26.05
C ALA F 248 -13.17 -21.29 -25.85
N VAL F 249 -13.40 -20.90 -24.60
CA VAL F 249 -13.68 -19.51 -24.27
C VAL F 249 -12.60 -18.60 -24.84
N ARG F 250 -11.34 -18.99 -24.63
CA ARG F 250 -10.22 -18.21 -25.10
C ARG F 250 -10.36 -18.01 -26.61
N GLN F 251 -10.62 -19.10 -27.30
CA GLN F 251 -10.77 -19.06 -28.75
C GLN F 251 -11.92 -18.24 -29.29
N ARG F 252 -13.04 -18.18 -28.56
CA ARG F 252 -14.16 -17.45 -29.09
C ARG F 252 -14.35 -16.07 -28.51
N SER F 253 -13.29 -15.55 -27.93
CA SER F 253 -13.35 -14.23 -27.33
C SER F 253 -12.53 -13.22 -28.12
N ARG G 88 -17.81 9.75 -35.29
CA ARG G 88 -17.98 10.44 -36.59
C ARG G 88 -16.75 10.32 -37.49
N GLN G 89 -16.97 10.25 -38.80
CA GLN G 89 -15.86 10.16 -39.75
C GLN G 89 -15.69 11.52 -40.43
N TYR G 90 -14.87 12.37 -39.83
CA TYR G 90 -14.61 13.72 -40.33
C TYR G 90 -13.97 13.74 -41.72
N GLN G 91 -14.51 14.65 -42.52
CA GLN G 91 -14.02 14.95 -43.87
C GLN G 91 -13.26 16.27 -43.77
N GLU G 92 -12.51 16.60 -44.79
CA GLU G 92 -11.72 17.83 -44.73
C GLU G 92 -12.63 19.02 -44.48
N ASN G 93 -13.79 18.95 -45.10
CA ASN G 93 -14.78 20.02 -45.05
C ASN G 93 -15.21 20.37 -43.61
N ASP G 94 -15.29 19.39 -42.75
CA ASP G 94 -15.74 19.60 -41.36
C ASP G 94 -14.66 20.26 -40.50
N LEU G 95 -13.41 20.18 -40.96
CA LEU G 95 -12.27 20.71 -40.22
C LEU G 95 -12.45 22.08 -39.56
N PRO G 96 -12.91 23.08 -40.33
CA PRO G 96 -13.10 24.43 -39.80
C PRO G 96 -14.01 24.53 -38.56
N ASP G 97 -15.01 23.66 -38.49
CA ASP G 97 -15.91 23.67 -37.34
C ASP G 97 -15.26 22.96 -36.15
N LEU G 98 -14.72 21.77 -36.38
CA LEU G 98 -14.07 21.03 -35.31
C LEU G 98 -13.06 21.93 -34.62
N ILE G 99 -12.34 22.71 -35.40
CA ILE G 99 -11.36 23.64 -34.84
C ILE G 99 -12.09 24.64 -33.98
N ALA G 100 -13.16 25.19 -34.53
CA ALA G 100 -13.96 26.17 -33.81
C ALA G 100 -14.49 25.56 -32.50
N SER G 101 -14.88 24.29 -32.58
CA SER G 101 -15.39 23.56 -31.42
C SER G 101 -14.30 23.41 -30.35
N LEU G 102 -13.07 23.76 -30.74
CA LEU G 102 -11.95 23.62 -29.84
C LEU G 102 -11.46 24.89 -29.17
N ASP G 103 -11.36 24.78 -27.85
CA ASP G 103 -10.91 25.81 -26.93
C ASP G 103 -9.46 26.22 -27.21
N GLN G 104 -8.61 25.19 -27.30
CA GLN G 104 -7.18 25.36 -27.55
C GLN G 104 -6.70 24.21 -28.43
N PRO G 105 -6.92 24.33 -29.75
CA PRO G 105 -6.53 23.29 -30.71
C PRO G 105 -5.12 22.75 -30.49
N PHE G 106 -5.01 21.42 -30.51
CA PHE G 106 -3.75 20.69 -30.35
C PHE G 106 -3.79 19.65 -31.46
N LEU G 107 -3.29 20.03 -32.63
CA LEU G 107 -3.30 19.16 -33.82
C LEU G 107 -1.93 18.61 -34.24
N LEU G 108 -1.95 17.43 -34.86
CA LEU G 108 -0.75 16.77 -35.39
C LEU G 108 -0.88 16.64 -36.91
N ILE G 109 0.06 17.25 -37.64
CA ILE G 109 0.07 17.18 -39.09
C ILE G 109 1.23 16.26 -39.53
N LEU G 110 0.91 15.21 -40.27
CA LEU G 110 1.93 14.28 -40.77
C LEU G 110 2.06 14.55 -42.26
N ASP G 111 3.20 15.12 -42.67
CA ASP G 111 3.38 15.47 -44.07
C ASP G 111 3.91 14.37 -44.96
N GLY G 112 3.03 13.44 -45.31
CA GLY G 112 3.40 12.34 -46.17
C GLY G 112 4.05 11.14 -45.52
N VAL G 113 3.46 10.62 -44.43
CA VAL G 113 4.00 9.41 -43.82
C VAL G 113 3.42 8.35 -44.75
N THR G 114 4.31 7.60 -45.40
CA THR G 114 3.90 6.61 -46.38
C THR G 114 3.54 5.21 -45.92
N ASP G 115 4.18 4.75 -44.86
CA ASP G 115 3.95 3.41 -44.36
C ASP G 115 2.79 3.34 -43.37
N PRO G 116 1.85 2.40 -43.60
CA PRO G 116 0.69 2.24 -42.73
C PRO G 116 1.09 2.09 -41.26
N HIS G 117 2.13 1.30 -41.02
CA HIS G 117 2.62 1.04 -39.67
C HIS G 117 2.98 2.34 -38.93
N ASN G 118 3.78 3.21 -39.55
CA ASN G 118 4.12 4.46 -38.88
C ASN G 118 2.90 5.36 -38.64
N LEU G 119 1.93 5.33 -39.54
CA LEU G 119 0.73 6.15 -39.39
C LEU G 119 0.01 5.69 -38.13
N GLY G 120 -0.11 4.38 -37.95
CA GLY G 120 -0.78 3.83 -36.78
C GLY G 120 -0.07 4.18 -35.48
N ALA G 121 1.26 4.04 -35.45
CA ALA G 121 2.04 4.35 -34.25
C ALA G 121 1.95 5.84 -33.86
N CYS G 122 1.89 6.74 -34.86
CA CYS G 122 1.77 8.17 -34.55
C CYS G 122 0.40 8.47 -33.91
N LEU G 123 -0.65 7.80 -34.40
CA LEU G 123 -2.00 7.99 -33.86
C LEU G 123 -2.02 7.63 -32.40
N ARG G 124 -1.42 6.49 -32.10
CA ARG G 124 -1.36 6.01 -30.73
C ARG G 124 -0.72 7.06 -29.83
N SER G 125 0.28 7.76 -30.37
CA SER G 125 0.96 8.80 -29.61
C SER G 125 0.11 10.06 -29.61
N ALA G 126 -0.52 10.34 -30.75
CA ALA G 126 -1.38 11.50 -30.90
C ALA G 126 -2.42 11.41 -29.78
N ASP G 127 -3.07 10.26 -29.70
CA ASP G 127 -4.09 9.99 -28.69
C ASP G 127 -3.50 10.18 -27.30
N ALA G 128 -2.47 9.42 -26.98
CA ALA G 128 -1.88 9.51 -25.66
C ALA G 128 -1.55 10.93 -25.17
N ALA G 129 -1.17 11.83 -26.09
CA ALA G 129 -0.82 13.20 -25.71
C ALA G 129 -1.99 14.19 -25.63
N GLY G 130 -3.16 13.78 -26.10
CA GLY G 130 -4.30 14.67 -26.02
C GLY G 130 -4.53 15.44 -27.29
N VAL G 131 -4.02 14.91 -28.38
CA VAL G 131 -4.19 15.56 -29.67
C VAL G 131 -5.66 15.38 -30.12
N HIS G 132 -6.27 16.48 -30.55
CA HIS G 132 -7.65 16.47 -31.01
C HIS G 132 -7.79 15.96 -32.44
N ALA G 133 -6.79 16.18 -33.29
CA ALA G 133 -6.91 15.72 -34.65
C ALA G 133 -5.61 15.55 -35.43
N VAL G 134 -5.61 14.59 -36.34
CA VAL G 134 -4.46 14.32 -37.14
C VAL G 134 -4.85 14.57 -38.57
N ILE G 135 -4.13 15.49 -39.21
CA ILE G 135 -4.37 15.87 -40.59
C ILE G 135 -3.23 15.40 -41.47
N VAL G 136 -3.56 14.87 -42.64
CA VAL G 136 -2.55 14.38 -43.57
C VAL G 136 -2.97 14.65 -45.00
N PRO G 137 -2.00 14.80 -45.90
CA PRO G 137 -2.45 15.05 -47.28
C PRO G 137 -2.98 13.71 -47.83
N LYS G 138 -3.88 13.79 -48.82
CA LYS G 138 -4.43 12.58 -49.42
C LYS G 138 -3.38 11.82 -50.22
N ASP G 139 -2.63 12.58 -50.99
CA ASP G 139 -1.60 12.00 -51.86
C ASP G 139 -0.38 11.55 -51.05
N ARG G 140 0.01 10.34 -51.36
CA ARG G 140 1.20 9.71 -50.77
C ARG G 140 0.97 9.16 -49.35
N SER G 141 0.01 9.70 -48.63
CA SER G 141 -0.20 9.29 -47.23
C SER G 141 -0.67 7.84 -47.14
N ALA G 142 -0.13 7.14 -46.15
CA ALA G 142 -0.47 5.72 -45.90
C ALA G 142 -1.92 5.62 -45.50
N GLN G 143 -2.71 4.88 -46.28
CA GLN G 143 -4.12 4.68 -45.99
C GLN G 143 -4.22 4.05 -44.60
N LEU G 144 -5.38 4.18 -43.97
CA LEU G 144 -5.60 3.62 -42.64
C LEU G 144 -6.14 2.19 -42.70
N ASN G 145 -5.27 1.22 -43.04
CA ASN G 145 -5.69 -0.18 -43.13
C ASN G 145 -5.66 -0.92 -41.80
N ALA G 146 -5.86 -2.23 -41.84
CA ALA G 146 -5.89 -3.08 -40.64
C ALA G 146 -4.60 -3.04 -39.82
N THR G 147 -3.48 -2.93 -40.54
CA THR G 147 -2.17 -2.88 -39.90
C THR G 147 -2.13 -1.58 -39.10
N ALA G 148 -2.46 -0.48 -39.74
CA ALA G 148 -2.46 0.82 -39.09
C ALA G 148 -3.36 0.78 -37.87
N LYS G 149 -4.57 0.23 -38.03
CA LYS G 149 -5.53 0.14 -36.93
C LYS G 149 -4.94 -0.68 -35.78
N LYS G 150 -4.25 -1.75 -36.13
CA LYS G 150 -3.61 -2.64 -35.16
C LYS G 150 -2.56 -1.91 -34.35
N VAL G 151 -1.64 -1.24 -35.04
CA VAL G 151 -0.59 -0.52 -34.33
C VAL G 151 -1.17 0.64 -33.53
N ALA G 152 -2.19 1.28 -34.07
CA ALA G 152 -2.85 2.38 -33.39
C ALA G 152 -3.36 1.91 -32.03
N CYS G 153 -3.32 0.60 -31.80
CA CYS G 153 -3.76 0.02 -30.53
C CYS G 153 -5.03 0.63 -29.92
N GLY G 154 -6.02 0.93 -30.78
CA GLY G 154 -7.27 1.51 -30.31
C GLY G 154 -7.37 2.99 -30.60
N ALA G 155 -6.34 3.54 -31.23
CA ALA G 155 -6.32 4.97 -31.55
C ALA G 155 -7.13 5.38 -32.77
N ALA G 156 -7.15 4.53 -33.80
CA ALA G 156 -7.89 4.85 -35.01
C ALA G 156 -9.35 5.12 -34.73
N GLU G 157 -9.81 4.75 -33.54
CA GLU G 157 -11.19 4.96 -33.12
C GLU G 157 -11.42 6.24 -32.35
N SER G 158 -10.50 6.60 -31.46
CA SER G 158 -10.69 7.81 -30.68
C SER G 158 -10.22 9.08 -31.40
N VAL G 159 -9.00 9.05 -31.92
CA VAL G 159 -8.45 10.21 -32.59
C VAL G 159 -8.84 10.23 -34.07
N PRO G 160 -9.46 11.34 -34.52
CA PRO G 160 -9.89 11.50 -35.91
C PRO G 160 -8.74 11.79 -36.90
N LEU G 161 -8.67 11.03 -37.98
CA LEU G 161 -7.63 11.21 -38.99
C LEU G 161 -8.33 11.83 -40.19
N ILE G 162 -7.95 13.05 -40.54
CA ILE G 162 -8.57 13.79 -41.64
C ILE G 162 -7.64 13.96 -42.85
N ARG G 163 -8.11 13.56 -44.01
CA ARG G 163 -7.32 13.67 -45.23
C ARG G 163 -7.59 15.00 -45.88
N VAL G 164 -6.51 15.62 -46.37
CA VAL G 164 -6.60 16.93 -46.97
C VAL G 164 -6.14 17.00 -48.41
N THR G 165 -6.84 17.82 -49.20
CA THR G 165 -6.51 17.99 -50.61
C THR G 165 -5.20 18.78 -50.78
N ASN G 166 -5.13 19.96 -50.19
CA ASN G 166 -3.93 20.77 -50.29
C ASN G 166 -3.45 21.13 -48.91
N LEU G 167 -2.49 20.35 -48.43
CA LEU G 167 -1.95 20.56 -47.11
C LEU G 167 -1.59 22.01 -46.81
N ALA G 168 -1.07 22.73 -47.79
CA ALA G 168 -0.69 24.14 -47.58
C ALA G 168 -1.92 25.02 -47.37
N ARG G 169 -2.94 24.83 -48.20
CA ARG G 169 -4.17 25.60 -48.09
C ARG G 169 -4.75 25.31 -46.70
N THR G 170 -4.75 24.04 -46.29
CA THR G 170 -5.27 23.70 -44.98
C THR G 170 -4.47 24.47 -43.91
N MSE G 171 -3.15 24.49 -44.07
CA MSE G 171 -2.31 25.19 -43.11
C MSE G 171 -2.62 26.68 -43.10
O MSE G 171 -2.65 27.29 -42.04
CB MSE G 171 -0.85 24.93 -43.45
CG MSE G 171 -0.46 23.50 -43.13
SE MSE G 171 1.23 22.95 -43.84
CE MSE G 171 2.40 23.61 -42.46
N ARG G 172 -2.87 27.23 -44.26
CA ARG G 172 -3.22 28.65 -44.33
C ARG G 172 -4.45 28.91 -43.47
N MSE G 173 -5.46 28.05 -43.59
CA MSE G 173 -6.66 28.23 -42.80
C MSE G 173 -6.32 28.06 -41.33
O MSE G 173 -6.81 28.82 -40.49
CB MSE G 173 -7.74 27.24 -43.20
CG MSE G 173 -8.95 27.28 -42.28
SE MSE G 173 -8.96 25.79 -41.03
CE MSE G 173 -9.62 24.47 -42.29
N LEU G 174 -5.51 27.08 -41.02
CA LEU G 174 -5.13 26.87 -39.62
C LEU G 174 -4.52 28.16 -39.07
N GLN G 175 -3.78 28.88 -39.90
CA GLN G 175 -3.16 30.11 -39.44
C GLN G 175 -4.23 31.22 -39.46
N GLU G 176 -5.11 31.16 -40.46
CA GLU G 176 -6.19 32.13 -40.60
C GLU G 176 -7.11 31.98 -39.40
N GLU G 177 -6.92 30.91 -38.66
CA GLU G 177 -7.73 30.64 -37.46
C GLU G 177 -6.85 30.75 -36.23
N ASN G 178 -5.71 31.42 -36.43
CA ASN G 178 -4.69 31.69 -35.43
C ASN G 178 -4.05 30.49 -34.73
N ILE G 179 -3.72 29.44 -35.49
CA ILE G 179 -3.08 28.28 -34.88
C ILE G 179 -1.60 28.34 -35.22
N TRP G 180 -0.76 28.25 -34.18
CA TRP G 180 0.69 28.30 -34.36
C TRP G 180 1.19 26.95 -34.91
N ILE G 181 1.85 26.98 -36.06
CA ILE G 181 2.37 25.78 -36.70
C ILE G 181 3.88 25.62 -36.47
N VAL G 182 4.27 24.58 -35.72
CA VAL G 182 5.65 24.27 -35.40
C VAL G 182 5.98 23.02 -36.20
N GLY G 183 6.99 23.12 -37.05
CA GLY G 183 7.39 22.00 -37.89
C GLY G 183 8.80 21.55 -37.56
N THR G 184 8.97 20.24 -37.48
CA THR G 184 10.24 19.65 -37.17
C THR G 184 11.07 19.52 -38.45
N ALA G 185 12.22 20.18 -38.48
CA ALA G 185 13.13 20.11 -39.63
C ALA G 185 14.60 20.33 -39.21
N GLY G 186 15.52 19.74 -39.96
CA GLY G 186 16.94 19.89 -39.67
C GLY G 186 17.42 21.31 -39.89
N GLU G 187 16.83 22.02 -40.86
CA GLU G 187 17.17 23.41 -41.15
C GLU G 187 16.85 24.39 -40.01
N ALA G 188 16.20 23.88 -38.95
CA ALA G 188 15.81 24.70 -37.80
C ALA G 188 17.02 25.30 -37.10
N ASP G 189 16.89 26.54 -36.65
CA ASP G 189 17.98 27.20 -35.95
C ASP G 189 17.83 27.11 -34.44
N HIS G 190 16.91 26.27 -33.95
CA HIS G 190 16.76 26.07 -32.51
C HIS G 190 16.04 24.77 -32.26
N THR G 191 16.28 24.20 -31.09
CA THR G 191 15.69 22.94 -30.71
C THR G 191 14.30 22.96 -30.12
N LEU G 192 13.77 21.76 -30.02
CA LEU G 192 12.47 21.43 -29.45
C LEU G 192 12.21 22.17 -28.14
N TYR G 193 13.20 22.11 -27.26
CA TYR G 193 13.06 22.74 -25.97
C TYR G 193 12.97 24.29 -25.98
N GLN G 194 13.47 24.91 -27.05
CA GLN G 194 13.49 26.36 -27.16
C GLN G 194 12.25 26.90 -27.87
N SER G 195 11.32 26.02 -28.21
CA SER G 195 10.12 26.44 -28.92
C SER G 195 8.93 26.81 -28.05
N LYS G 196 7.88 27.31 -28.71
CA LYS G 196 6.65 27.69 -28.03
C LYS G 196 5.56 26.75 -28.49
N MSE G 197 5.19 25.80 -27.64
CA MSE G 197 4.16 24.86 -28.02
C MSE G 197 2.97 24.92 -27.07
O MSE G 197 2.22 23.94 -26.92
CB MSE G 197 4.77 23.47 -28.07
CG MSE G 197 6.07 23.47 -28.87
SE MSE G 197 6.45 21.73 -29.56
CE MSE G 197 5.18 21.79 -31.00
N THR G 198 2.81 26.07 -26.43
CA THR G 198 1.73 26.35 -25.51
C THR G 198 0.79 27.27 -26.27
N GLY G 199 -0.51 26.94 -26.28
CA GLY G 199 -1.45 27.77 -27.00
C GLY G 199 -2.05 27.06 -28.20
N ARG G 200 -2.65 27.80 -29.11
CA ARG G 200 -3.25 27.17 -30.28
C ARG G 200 -2.03 26.61 -31.00
N LEU G 201 -1.96 25.29 -31.10
CA LEU G 201 -0.81 24.65 -31.69
C LEU G 201 -1.02 23.54 -32.72
N ALA G 202 -0.14 23.51 -33.71
CA ALA G 202 -0.15 22.46 -34.73
C ALA G 202 1.30 21.99 -34.92
N LEU G 203 1.58 20.75 -34.55
CA LEU G 203 2.90 20.18 -34.71
C LEU G 203 2.94 19.47 -36.07
N VAL G 204 3.97 19.72 -36.86
CA VAL G 204 4.11 19.08 -38.18
C VAL G 204 5.34 18.18 -38.25
N MSE G 205 5.13 16.88 -38.52
CA MSE G 205 6.26 15.96 -38.64
C MSE G 205 6.35 15.58 -40.10
O MSE G 205 5.33 15.57 -40.81
CB MSE G 205 6.05 14.69 -37.82
CG MSE G 205 5.68 14.92 -36.37
SE MSE G 205 7.06 15.77 -35.38
CE MSE G 205 8.49 14.49 -35.68
N GLY G 206 7.54 15.27 -40.58
CA GLY G 206 7.69 14.91 -41.98
C GLY G 206 8.07 13.45 -42.09
N ALA G 207 8.21 12.97 -43.33
CA ALA G 207 8.61 11.59 -43.58
C ALA G 207 10.05 11.41 -43.08
N GLU G 208 10.44 10.18 -42.77
CA GLU G 208 11.79 9.94 -42.25
C GLU G 208 12.89 10.25 -43.26
N GLY G 209 12.64 9.95 -44.52
CA GLY G 209 13.63 10.22 -45.56
C GLY G 209 13.64 11.67 -46.02
N GLU G 210 12.68 12.04 -46.86
CA GLU G 210 12.60 13.39 -47.38
C GLU G 210 12.16 14.44 -46.39
N GLY G 211 11.69 13.98 -45.23
CA GLY G 211 11.23 14.91 -44.22
C GLY G 211 10.02 15.69 -44.71
N MSE G 212 9.90 16.91 -44.21
CA MSE G 212 8.80 17.78 -44.55
C MSE G 212 9.02 18.37 -45.98
O MSE G 212 10.17 18.67 -46.35
CB MSE G 212 8.73 18.84 -43.45
CG MSE G 212 7.56 19.76 -43.45
SE MSE G 212 7.32 20.63 -41.69
CE MSE G 212 9.15 21.08 -41.21
N ARG G 213 7.96 18.51 -46.78
CA ARG G 213 8.09 19.08 -48.13
C ARG G 213 8.33 20.60 -48.01
N ARG G 214 9.10 21.14 -48.95
CA ARG G 214 9.41 22.57 -48.97
C ARG G 214 8.19 23.40 -48.63
N LEU G 215 7.20 23.39 -49.53
CA LEU G 215 5.97 24.15 -49.35
C LEU G 215 5.46 23.98 -47.92
N THR G 216 5.35 22.74 -47.46
CA THR G 216 4.89 22.47 -46.09
C THR G 216 5.81 23.18 -45.09
N ARG G 217 7.11 23.01 -45.27
CA ARG G 217 8.10 23.61 -44.39
C ARG G 217 8.00 25.10 -44.30
N GLU G 218 7.81 25.73 -45.46
CA GLU G 218 7.72 27.17 -45.54
C GLU G 218 6.43 27.71 -44.97
N HIS G 219 5.43 26.87 -44.81
CA HIS G 219 4.17 27.34 -44.24
C HIS G 219 4.11 27.12 -42.72
N CYS G 220 5.26 26.82 -42.11
CA CYS G 220 5.30 26.65 -40.67
C CYS G 220 5.65 28.00 -40.09
N ASP G 221 5.11 28.30 -38.92
CA ASP G 221 5.41 29.57 -38.29
C ASP G 221 6.80 29.47 -37.68
N GLU G 222 7.21 28.26 -37.37
CA GLU G 222 8.49 28.03 -36.72
C GLU G 222 9.01 26.62 -36.99
N LEU G 223 10.33 26.47 -37.02
CA LEU G 223 10.98 25.19 -37.22
C LEU G 223 11.73 24.74 -35.98
N ILE G 224 11.66 23.45 -35.65
CA ILE G 224 12.38 22.93 -34.50
C ILE G 224 13.14 21.68 -34.87
N SER G 225 14.30 21.48 -34.24
CA SER G 225 15.10 20.28 -34.50
C SER G 225 15.13 19.49 -33.20
N ILE G 226 15.57 18.23 -33.28
CA ILE G 226 15.67 17.36 -32.11
C ILE G 226 17.17 17.14 -32.00
N PRO G 227 17.78 17.62 -30.92
CA PRO G 227 19.24 17.46 -30.79
C PRO G 227 19.64 16.00 -30.81
N MSE G 228 20.63 15.70 -31.64
CA MSE G 228 21.13 14.36 -31.85
C MSE G 228 22.52 14.35 -31.25
O MSE G 228 23.38 15.07 -31.73
CB MSE G 228 21.17 14.09 -33.34
CG MSE G 228 20.47 12.84 -33.82
SE MSE G 228 18.76 12.49 -33.06
CE MSE G 228 17.68 13.63 -34.24
N ALA G 229 22.75 13.56 -30.22
CA ALA G 229 24.02 13.56 -29.54
C ALA G 229 25.03 12.51 -29.93
N GLY G 230 24.63 11.53 -30.74
CA GLY G 230 25.57 10.49 -31.11
C GLY G 230 25.81 10.30 -32.61
N SER G 231 25.81 9.04 -33.01
CA SER G 231 26.05 8.67 -34.40
C SER G 231 24.77 8.61 -35.24
N VAL G 232 23.70 8.14 -34.63
CA VAL G 232 22.44 8.05 -35.35
C VAL G 232 22.11 9.42 -35.95
N SER G 233 21.87 9.44 -37.26
CA SER G 233 21.55 10.69 -37.95
C SER G 233 20.12 11.17 -37.65
N SER G 234 19.19 10.24 -37.42
CA SER G 234 17.81 10.64 -37.14
C SER G 234 17.08 9.63 -36.28
N LEU G 235 15.97 10.06 -35.69
CA LEU G 235 15.13 9.19 -34.87
C LEU G 235 14.06 8.58 -35.76
N ASN G 236 13.44 7.50 -35.29
CA ASN G 236 12.35 6.86 -36.03
C ASN G 236 11.20 7.90 -36.03
N VAL G 237 10.39 7.94 -37.09
CA VAL G 237 9.32 8.92 -37.16
C VAL G 237 8.28 8.88 -36.04
N SER G 238 7.93 7.68 -35.60
CA SER G 238 6.95 7.56 -34.54
C SER G 238 7.57 8.01 -33.23
N VAL G 239 8.81 7.63 -32.98
CA VAL G 239 9.49 8.03 -31.77
C VAL G 239 9.69 9.54 -31.74
N ALA G 240 10.00 10.13 -32.88
CA ALA G 240 10.22 11.57 -32.93
C ALA G 240 8.89 12.28 -32.72
N THR G 241 7.83 11.73 -33.31
CA THR G 241 6.52 12.32 -33.17
C THR G 241 6.14 12.27 -31.69
N GLY G 242 6.42 11.15 -31.04
CA GLY G 242 6.11 11.02 -29.62
C GLY G 242 6.90 12.02 -28.79
N ILE G 243 8.21 12.05 -28.99
CA ILE G 243 9.10 12.96 -28.27
C ILE G 243 8.66 14.42 -28.38
N CYS G 244 8.28 14.85 -29.57
CA CYS G 244 7.84 16.20 -29.74
C CYS G 244 6.46 16.38 -29.09
N LEU G 245 5.53 15.52 -29.48
CA LEU G 245 4.17 15.57 -28.95
C LEU G 245 4.20 15.80 -27.45
N PHE G 246 5.05 15.04 -26.75
CA PHE G 246 5.16 15.16 -25.30
C PHE G 246 5.97 16.32 -24.72
N GLU G 247 6.66 17.04 -25.58
CA GLU G 247 7.41 18.19 -25.13
C GLU G 247 6.33 19.23 -25.04
N ALA G 248 5.39 19.15 -25.97
CA ALA G 248 4.26 20.07 -26.03
C ALA G 248 3.38 19.79 -24.83
N VAL G 249 3.18 18.51 -24.50
CA VAL G 249 2.37 18.14 -23.35
C VAL G 249 2.99 18.72 -22.08
N ARG G 250 4.30 18.60 -21.95
CA ARG G 250 5.00 19.12 -20.76
C ARG G 250 4.89 20.65 -20.65
N GLN G 251 4.99 21.34 -21.77
CA GLN G 251 4.90 22.79 -21.79
C GLN G 251 3.47 23.22 -21.53
N ARG G 252 2.54 22.44 -22.06
CA ARG G 252 1.11 22.71 -21.93
C ARG G 252 0.57 22.36 -20.53
N SER G 253 1.44 21.81 -19.69
CA SER G 253 1.05 21.45 -18.33
C SER G 253 0.96 22.72 -17.50
N LEU H 4 -9.04 73.75 1.92
CA LEU H 4 -9.03 72.74 0.81
C LEU H 4 -8.75 71.32 1.33
N VAL H 5 -9.76 70.46 1.21
CA VAL H 5 -9.67 69.09 1.65
C VAL H 5 -10.02 68.15 0.49
N PRO H 6 -9.14 67.16 0.22
CA PRO H 6 -9.37 66.21 -0.87
C PRO H 6 -10.63 65.37 -0.72
N ARG H 7 -11.52 65.47 -1.71
CA ARG H 7 -12.73 64.67 -1.67
C ARG H 7 -12.24 63.23 -1.87
N GLY H 8 -12.88 62.27 -1.20
CA GLY H 8 -12.47 60.88 -1.34
C GLY H 8 -12.84 60.24 -2.68
N SER H 9 -12.35 59.03 -2.93
CA SER H 9 -12.61 58.31 -4.18
C SER H 9 -12.66 56.80 -4.02
N HIS H 10 -13.05 56.09 -5.09
CA HIS H 10 -13.13 54.63 -5.03
C HIS H 10 -12.23 53.93 -6.07
N MSE H 11 -10.91 53.94 -5.83
CA MSE H 11 -9.99 53.29 -6.77
C MSE H 11 -9.76 51.80 -6.49
O MSE H 11 -9.57 51.40 -5.34
CB MSE H 11 -8.63 54.00 -6.78
CG MSE H 11 -7.78 53.60 -7.99
SE MSE H 11 -5.99 54.35 -8.03
CE MSE H 11 -6.17 55.63 -6.57
N SER H 12 -9.77 51.00 -7.55
CA SER H 12 -9.57 49.57 -7.40
C SER H 12 -8.10 49.18 -7.33
N GLU H 13 -7.83 48.14 -6.55
CA GLU H 13 -6.51 47.60 -6.34
C GLU H 13 -6.37 46.44 -7.33
N MSE H 14 -5.15 46.16 -7.78
CA MSE H 14 -4.93 45.08 -8.73
C MSE H 14 -4.05 43.97 -8.16
O MSE H 14 -2.90 44.20 -7.85
CB MSE H 14 -4.25 45.64 -9.97
CG MSE H 14 -4.59 44.89 -11.25
SE MSE H 14 -6.33 45.42 -11.89
CE MSE H 14 -6.78 43.83 -12.88
N ILE H 15 -4.60 42.77 -8.00
CA ILE H 15 -3.78 41.67 -7.51
C ILE H 15 -3.58 40.70 -8.66
N TYR H 16 -2.60 39.82 -8.56
CA TYR H 16 -2.34 38.89 -9.67
C TYR H 16 -1.70 37.60 -9.20
N GLY H 17 -1.89 36.55 -10.00
CA GLY H 17 -1.34 35.24 -9.67
C GLY H 17 -2.37 34.30 -9.07
N ILE H 18 -2.11 33.01 -9.19
CA ILE H 18 -3.01 31.99 -8.66
C ILE H 18 -3.17 32.00 -7.14
N HIS H 19 -2.06 32.03 -6.40
CA HIS H 19 -2.16 32.01 -4.97
C HIS H 19 -2.90 33.22 -4.40
N ALA H 20 -2.56 34.39 -4.91
CA ALA H 20 -3.15 35.63 -4.42
C ALA H 20 -4.66 35.70 -4.68
N VAL H 21 -5.08 35.35 -5.89
CA VAL H 21 -6.49 35.38 -6.29
C VAL H 21 -7.31 34.39 -5.48
N GLN H 22 -6.73 33.23 -5.21
CA GLN H 22 -7.42 32.20 -4.43
C GLN H 22 -7.45 32.58 -2.94
N ALA H 23 -6.35 33.11 -2.45
CA ALA H 23 -6.28 33.51 -1.04
C ALA H 23 -7.43 34.47 -0.74
N LEU H 24 -7.65 35.42 -1.65
CA LEU H 24 -8.69 36.42 -1.47
C LEU H 24 -10.08 35.80 -1.51
N LEU H 25 -10.33 35.00 -2.54
CA LEU H 25 -11.63 34.35 -2.68
C LEU H 25 -12.02 33.64 -1.41
N GLU H 26 -11.05 33.01 -0.77
CA GLU H 26 -11.25 32.27 0.46
C GLU H 26 -11.32 33.14 1.71
N ARG H 27 -10.70 34.31 1.65
CA ARG H 27 -10.67 35.19 2.81
C ARG H 27 -11.61 36.40 2.74
N ALA H 28 -11.78 36.97 1.55
CA ALA H 28 -12.64 38.13 1.40
C ALA H 28 -13.17 38.25 -0.03
N PRO H 29 -13.98 37.28 -0.48
CA PRO H 29 -14.56 37.26 -1.83
C PRO H 29 -15.38 38.49 -2.21
N GLU H 30 -15.88 39.22 -1.20
CA GLU H 30 -16.69 40.40 -1.45
C GLU H 30 -15.82 41.55 -1.96
N ARG H 31 -14.50 41.40 -1.84
CA ARG H 31 -13.62 42.45 -2.35
C ARG H 31 -13.40 42.30 -3.87
N PHE H 32 -13.84 41.18 -4.45
CA PHE H 32 -13.71 40.97 -5.89
C PHE H 32 -14.64 41.93 -6.69
N GLN H 33 -14.15 42.42 -7.83
CA GLN H 33 -14.92 43.29 -8.69
C GLN H 33 -14.99 42.65 -10.08
N GLU H 34 -13.82 42.41 -10.67
CA GLU H 34 -13.77 41.75 -11.96
C GLU H 34 -12.48 40.94 -12.12
N VAL H 35 -12.60 39.76 -12.72
CA VAL H 35 -11.46 38.90 -12.96
C VAL H 35 -11.19 38.77 -14.46
N PHE H 36 -9.90 38.66 -14.82
CA PHE H 36 -9.48 38.52 -16.22
C PHE H 36 -8.72 37.21 -16.41
N ILE H 37 -9.12 36.42 -17.41
CA ILE H 37 -8.48 35.14 -17.72
C ILE H 37 -7.95 35.02 -19.15
N LEU H 38 -6.97 34.13 -19.32
CA LEU H 38 -6.33 33.84 -20.60
C LEU H 38 -7.36 33.33 -21.62
N LYS H 39 -7.78 34.21 -22.52
CA LYS H 39 -8.79 33.85 -23.53
C LYS H 39 -8.53 32.56 -24.31
N GLY H 40 -9.34 31.55 -24.06
CA GLY H 40 -9.24 30.28 -24.76
C GLY H 40 -8.01 29.42 -24.47
N ARG H 41 -7.56 29.37 -23.22
CA ARG H 41 -6.40 28.55 -22.89
C ARG H 41 -6.64 27.74 -21.61
N GLU H 42 -6.77 26.42 -21.75
CA GLU H 42 -7.00 25.55 -20.61
C GLU H 42 -5.88 25.66 -19.58
N ASP H 43 -6.23 25.45 -18.32
CA ASP H 43 -5.26 25.51 -17.23
C ASP H 43 -5.81 24.66 -16.08
N LYS H 44 -5.40 23.40 -16.06
CA LYS H 44 -5.82 22.45 -15.04
C LYS H 44 -5.96 23.02 -13.64
N ARG H 45 -5.04 23.91 -13.26
CA ARG H 45 -5.05 24.52 -11.94
C ARG H 45 -6.03 25.70 -11.83
N LEU H 46 -6.30 26.35 -12.97
CA LEU H 46 -7.22 27.50 -13.02
C LEU H 46 -8.72 27.13 -13.01
N LEU H 47 -9.07 26.08 -13.75
CA LEU H 47 -10.47 25.66 -13.81
C LEU H 47 -11.10 25.51 -12.43
N PRO H 48 -10.52 24.67 -11.56
CA PRO H 48 -11.08 24.48 -10.21
C PRO H 48 -11.39 25.82 -9.55
N LEU H 49 -10.43 26.72 -9.61
CA LEU H 49 -10.54 28.06 -9.02
C LEU H 49 -11.58 28.91 -9.75
N ILE H 50 -11.51 28.94 -11.08
CA ILE H 50 -12.44 29.73 -11.87
C ILE H 50 -13.90 29.42 -11.57
N HIS H 51 -14.22 28.15 -11.30
CA HIS H 51 -15.60 27.80 -10.99
C HIS H 51 -15.95 28.27 -9.58
N ALA H 52 -14.95 28.31 -8.70
CA ALA H 52 -15.16 28.77 -7.33
C ALA H 52 -15.60 30.24 -7.35
N LEU H 53 -15.07 30.99 -8.32
CA LEU H 53 -15.42 32.40 -8.49
C LEU H 53 -16.83 32.48 -9.06
N GLU H 54 -17.10 31.64 -10.06
CA GLU H 54 -18.40 31.57 -10.70
C GLU H 54 -19.44 31.28 -9.62
N SER H 55 -19.06 30.45 -8.65
CA SER H 55 -19.98 30.12 -7.56
C SER H 55 -20.30 31.38 -6.77
N GLN H 56 -19.29 32.19 -6.50
CA GLN H 56 -19.48 33.42 -5.74
C GLN H 56 -20.08 34.53 -6.59
N GLY H 57 -20.24 34.27 -7.88
CA GLY H 57 -20.81 35.26 -8.77
C GLY H 57 -19.85 36.35 -9.14
N VAL H 58 -18.57 36.02 -9.26
CA VAL H 58 -17.56 37.00 -9.63
C VAL H 58 -17.49 37.18 -11.14
N VAL H 59 -17.54 38.43 -11.58
CA VAL H 59 -17.48 38.77 -13.00
C VAL H 59 -16.19 38.28 -13.63
N ILE H 60 -16.32 37.39 -14.61
CA ILE H 60 -15.13 36.86 -15.29
C ILE H 60 -15.07 37.26 -16.76
N GLN H 61 -14.04 38.02 -17.11
CA GLN H 61 -13.86 38.47 -18.49
C GLN H 61 -12.58 37.87 -19.06
N LEU H 62 -12.52 37.77 -20.39
CA LEU H 62 -11.35 37.21 -21.06
C LEU H 62 -10.59 38.28 -21.86
N ALA H 63 -9.29 38.38 -21.59
CA ALA H 63 -8.44 39.36 -22.25
C ALA H 63 -7.25 38.72 -22.97
N ASN H 64 -6.34 39.55 -23.47
CA ASN H 64 -5.15 39.08 -24.18
C ASN H 64 -3.94 38.97 -23.24
N ARG H 65 -2.96 38.15 -23.62
CA ARG H 65 -1.77 37.97 -22.80
C ARG H 65 -1.04 39.31 -22.72
N GLN H 66 -1.43 40.21 -23.62
CA GLN H 66 -0.87 41.55 -23.69
C GLN H 66 -1.57 42.44 -22.66
N TYR H 67 -2.80 42.05 -22.33
CA TYR H 67 -3.60 42.75 -21.34
C TYR H 67 -3.07 42.33 -19.97
N LEU H 68 -2.84 41.01 -19.83
CA LEU H 68 -2.34 40.42 -18.60
C LEU H 68 -0.98 40.96 -18.16
N ASP H 69 -0.07 41.15 -19.11
CA ASP H 69 1.25 41.68 -18.80
C ASP H 69 1.24 43.20 -18.66
N GLU H 70 0.28 43.85 -19.31
CA GLU H 70 0.14 45.30 -19.27
C GLU H 70 -0.62 45.76 -18.02
N LYS H 71 -1.28 44.81 -17.36
CA LYS H 71 -2.04 45.11 -16.15
C LYS H 71 -1.33 44.57 -14.91
N SER H 72 -0.56 43.50 -15.08
CA SER H 72 0.17 42.93 -13.95
C SER H 72 1.55 43.60 -13.91
N ASP H 73 1.71 44.66 -14.70
CA ASP H 73 2.95 45.42 -14.79
C ASP H 73 4.00 44.69 -15.61
N GLY H 74 3.91 43.36 -15.62
CA GLY H 74 4.86 42.55 -16.35
C GLY H 74 5.30 41.40 -15.48
N ALA H 75 4.57 41.17 -14.40
CA ALA H 75 4.88 40.09 -13.47
C ALA H 75 4.27 38.75 -13.90
N VAL H 76 4.58 37.70 -13.13
CA VAL H 76 4.08 36.36 -13.42
C VAL H 76 2.67 36.18 -12.86
N HIS H 77 1.69 36.51 -13.70
CA HIS H 77 0.30 36.41 -13.31
C HIS H 77 -0.24 34.99 -13.32
N GLN H 78 0.35 34.15 -14.16
CA GLN H 78 -0.06 32.75 -14.30
C GLN H 78 -1.40 32.61 -15.06
N GLY H 79 -1.75 33.65 -15.81
CA GLY H 79 -2.98 33.61 -16.59
C GLY H 79 -4.24 34.15 -15.93
N ILE H 80 -4.11 34.71 -14.72
CA ILE H 80 -5.27 35.25 -14.02
C ILE H 80 -4.97 36.53 -13.21
N ILE H 81 -5.82 37.52 -13.40
CA ILE H 81 -5.67 38.80 -12.70
C ILE H 81 -7.04 39.28 -12.20
N ALA H 82 -7.05 40.05 -11.11
CA ALA H 82 -8.29 40.54 -10.54
C ALA H 82 -8.24 41.99 -10.11
N ARG H 83 -9.35 42.69 -10.33
CA ARG H 83 -9.49 44.07 -9.90
C ARG H 83 -10.35 43.93 -8.65
N VAL H 84 -9.79 44.34 -7.51
CA VAL H 84 -10.49 44.22 -6.23
C VAL H 84 -10.51 45.52 -5.45
N LYS H 85 -11.46 45.64 -4.53
CA LYS H 85 -11.56 46.84 -3.71
C LYS H 85 -10.48 46.78 -2.63
N PRO H 86 -9.99 47.94 -2.21
CA PRO H 86 -8.94 47.94 -1.17
C PRO H 86 -9.47 47.27 0.08
N GLY H 87 -8.59 46.58 0.80
CA GLY H 87 -9.03 45.95 2.04
C GLY H 87 -9.04 47.00 3.15
N ARG H 88 -9.89 46.79 4.14
CA ARG H 88 -9.96 47.73 5.26
C ARG H 88 -8.63 47.85 6.00
N GLN H 89 -8.25 49.07 6.33
CA GLN H 89 -7.01 49.29 7.08
C GLN H 89 -7.36 49.79 8.47
N TYR H 90 -7.20 48.92 9.46
CA TYR H 90 -7.50 49.30 10.84
C TYR H 90 -6.59 50.38 11.36
N GLN H 91 -7.16 51.24 12.18
CA GLN H 91 -6.41 52.32 12.76
C GLN H 91 -6.45 52.17 14.28
N GLU H 92 -5.52 52.85 14.93
CA GLU H 92 -5.43 52.83 16.37
C GLU H 92 -6.78 53.02 17.06
N ASN H 93 -7.64 53.83 16.45
CA ASN H 93 -8.95 54.15 17.01
C ASN H 93 -9.99 53.05 16.94
N ASP H 94 -9.73 52.01 16.15
CA ASP H 94 -10.70 50.92 16.08
C ASP H 94 -10.40 49.88 17.14
N LEU H 95 -9.19 49.94 17.69
CA LEU H 95 -8.76 48.98 18.69
C LEU H 95 -9.81 48.75 19.79
N PRO H 96 -10.21 49.83 20.51
CA PRO H 96 -11.22 49.66 21.56
C PRO H 96 -12.48 48.90 21.10
N ASP H 97 -12.99 49.25 19.92
CA ASP H 97 -14.17 48.58 19.39
C ASP H 97 -13.87 47.13 19.04
N LEU H 98 -12.66 46.90 18.54
CA LEU H 98 -12.26 45.53 18.20
C LEU H 98 -12.24 44.74 19.50
N ILE H 99 -11.49 45.23 20.49
CA ILE H 99 -11.37 44.55 21.77
C ILE H 99 -12.70 44.34 22.47
N ALA H 100 -13.58 45.33 22.36
CA ALA H 100 -14.88 45.23 23.02
C ALA H 100 -15.74 44.13 22.40
N SER H 101 -15.47 43.82 21.14
CA SER H 101 -16.21 42.78 20.45
C SER H 101 -15.69 41.37 20.71
N LEU H 102 -14.54 41.24 21.35
CA LEU H 102 -13.99 39.91 21.64
C LEU H 102 -14.19 39.55 23.11
N ASP H 103 -14.58 38.29 23.34
CA ASP H 103 -14.79 37.79 24.70
C ASP H 103 -13.47 37.36 25.30
N GLN H 104 -12.61 36.74 24.47
CA GLN H 104 -11.28 36.31 24.88
C GLN H 104 -10.27 36.82 23.86
N PRO H 105 -9.89 38.10 23.97
CA PRO H 105 -8.92 38.73 23.07
C PRO H 105 -7.60 37.95 23.09
N PHE H 106 -7.07 37.73 21.90
CA PHE H 106 -5.82 36.99 21.69
C PHE H 106 -5.04 37.90 20.74
N LEU H 107 -4.18 38.75 21.31
CA LEU H 107 -3.42 39.69 20.50
C LEU H 107 -1.95 39.44 20.46
N LEU H 108 -1.34 39.86 19.35
CA LEU H 108 0.10 39.73 19.16
C LEU H 108 0.69 41.13 19.03
N ILE H 109 1.71 41.45 19.83
CA ILE H 109 2.40 42.74 19.75
C ILE H 109 3.86 42.53 19.28
N LEU H 110 4.20 43.13 18.15
CA LEU H 110 5.55 43.02 17.59
C LEU H 110 6.29 44.32 17.87
N ASP H 111 7.34 44.24 18.67
CA ASP H 111 8.10 45.42 19.02
C ASP H 111 9.46 45.37 18.36
N GLY H 112 9.65 46.15 17.31
CA GLY H 112 10.95 46.21 16.67
C GLY H 112 11.14 45.43 15.38
N VAL H 113 10.10 44.74 14.93
CA VAL H 113 10.24 44.00 13.69
C VAL H 113 10.25 45.01 12.54
N THR H 114 11.44 45.31 12.07
CA THR H 114 11.60 46.28 11.00
C THR H 114 11.82 45.65 9.63
N ASP H 115 12.06 44.33 9.58
CA ASP H 115 12.22 43.67 8.29
C ASP H 115 10.83 43.23 7.86
N PRO H 116 10.32 43.77 6.75
CA PRO H 116 8.98 43.43 6.25
C PRO H 116 8.80 41.93 6.01
N HIS H 117 9.88 41.27 5.68
CA HIS H 117 9.81 39.84 5.46
C HIS H 117 9.40 39.19 6.79
N ASN H 118 10.05 39.55 7.88
CA ASN H 118 9.68 39.00 9.20
C ASN H 118 8.25 39.39 9.55
N LEU H 119 7.90 40.65 9.33
CA LEU H 119 6.55 41.13 9.62
C LEU H 119 5.51 40.25 8.94
N GLY H 120 5.76 39.88 7.69
CA GLY H 120 4.84 39.04 6.96
C GLY H 120 4.80 37.63 7.54
N ALA H 121 5.96 37.11 7.93
CA ALA H 121 6.09 35.77 8.50
C ALA H 121 5.29 35.67 9.80
N CYS H 122 5.41 36.69 10.65
CA CYS H 122 4.67 36.68 11.91
C CYS H 122 3.18 36.77 11.64
N LEU H 123 2.81 37.49 10.58
CA LEU H 123 1.40 37.61 10.24
C LEU H 123 0.87 36.24 9.86
N ARG H 124 1.62 35.51 9.03
CA ARG H 124 1.20 34.18 8.62
C ARG H 124 0.92 33.34 9.85
N SER H 125 1.89 33.27 10.75
CA SER H 125 1.73 32.49 11.97
C SER H 125 0.55 33.00 12.80
N ALA H 126 0.42 34.32 12.88
CA ALA H 126 -0.65 34.95 13.65
C ALA H 126 -2.00 34.45 13.17
N ASP H 127 -2.19 34.52 11.86
CA ASP H 127 -3.40 34.06 11.21
C ASP H 127 -3.64 32.60 11.56
N ALA H 128 -2.61 31.75 11.39
CA ALA H 128 -2.75 30.33 11.70
C ALA H 128 -3.11 30.03 13.17
N ALA H 129 -2.69 30.91 14.08
CA ALA H 129 -2.95 30.72 15.49
C ALA H 129 -4.27 31.32 15.95
N GLY H 130 -4.92 32.07 15.08
CA GLY H 130 -6.20 32.66 15.45
C GLY H 130 -6.10 33.96 16.22
N VAL H 131 -5.03 34.71 15.98
CA VAL H 131 -4.87 36.01 16.64
C VAL H 131 -5.86 37.03 16.03
N HIS H 132 -6.49 37.85 16.87
CA HIS H 132 -7.46 38.83 16.37
C HIS H 132 -6.82 40.07 15.79
N ALA H 133 -5.79 40.57 16.46
CA ALA H 133 -5.11 41.73 15.95
C ALA H 133 -3.65 41.70 16.27
N VAL H 134 -2.85 42.22 15.34
CA VAL H 134 -1.43 42.35 15.55
C VAL H 134 -1.22 43.86 15.73
N ILE H 135 -0.53 44.25 16.81
CA ILE H 135 -0.28 45.66 17.11
C ILE H 135 1.21 46.01 17.01
N VAL H 136 1.52 47.09 16.30
CA VAL H 136 2.93 47.49 16.16
C VAL H 136 3.18 48.98 16.36
N PRO H 137 4.36 49.34 16.86
CA PRO H 137 4.65 50.76 17.06
C PRO H 137 4.97 51.41 15.70
N LYS H 138 4.21 52.44 15.34
CA LYS H 138 4.39 53.15 14.06
C LYS H 138 5.84 53.47 13.70
N ASP H 139 6.58 53.97 14.68
CA ASP H 139 7.94 54.38 14.46
C ASP H 139 9.02 53.34 14.76
N ARG H 140 8.62 52.09 14.97
CA ARG H 140 9.59 51.03 15.22
C ARG H 140 9.03 49.74 14.64
N SER H 141 8.57 49.81 13.39
CA SER H 141 8.02 48.64 12.73
C SER H 141 8.11 48.70 11.20
N ALA H 142 8.27 47.55 10.55
CA ALA H 142 8.36 47.54 9.11
C ALA H 142 7.01 47.94 8.55
N GLN H 143 6.97 48.26 7.26
CA GLN H 143 5.72 48.64 6.62
C GLN H 143 5.12 47.38 6.03
N LEU H 144 3.81 47.36 5.92
CA LEU H 144 3.13 46.22 5.32
C LEU H 144 3.25 46.33 3.81
N ASN H 145 4.48 46.17 3.33
CA ASN H 145 4.76 46.29 1.89
C ASN H 145 4.43 44.98 1.16
N ALA H 146 4.59 45.04 -0.15
CA ALA H 146 4.30 43.92 -1.05
C ALA H 146 5.02 42.65 -0.57
N THR H 147 6.25 42.83 -0.14
CA THR H 147 7.05 41.70 0.35
C THR H 147 6.38 41.11 1.60
N ALA H 148 6.00 41.98 2.53
CA ALA H 148 5.33 41.53 3.75
C ALA H 148 4.06 40.75 3.39
N LYS H 149 3.29 41.28 2.45
CA LYS H 149 2.06 40.62 2.04
C LYS H 149 2.31 39.31 1.30
N LYS H 150 3.44 39.22 0.60
CA LYS H 150 3.71 37.99 -0.12
C LYS H 150 4.11 36.91 0.89
N VAL H 151 5.03 37.26 1.77
CA VAL H 151 5.50 36.32 2.77
C VAL H 151 4.40 35.91 3.72
N ALA H 152 3.38 36.75 3.85
CA ALA H 152 2.28 36.44 4.75
C ALA H 152 1.32 35.40 4.15
N CYS H 153 1.59 34.99 2.91
CA CYS H 153 0.77 34.02 2.19
C CYS H 153 -0.73 34.17 2.44
N GLY H 154 -1.25 35.38 2.19
CA GLY H 154 -2.67 35.66 2.36
C GLY H 154 -3.12 36.24 3.69
N ALA H 155 -2.38 35.95 4.75
CA ALA H 155 -2.73 36.44 6.08
C ALA H 155 -3.06 37.92 6.11
N ALA H 156 -2.28 38.73 5.41
CA ALA H 156 -2.53 40.17 5.43
C ALA H 156 -3.94 40.59 5.01
N GLU H 157 -4.71 39.68 4.42
CA GLU H 157 -6.07 40.07 4.05
C GLU H 157 -7.07 39.68 5.15
N SER H 158 -6.59 39.05 6.21
CA SER H 158 -7.48 38.62 7.29
C SER H 158 -7.14 39.15 8.68
N VAL H 159 -5.85 39.22 8.99
CA VAL H 159 -5.44 39.71 10.30
C VAL H 159 -5.13 41.20 10.25
N PRO H 160 -5.89 41.97 11.03
CA PRO H 160 -5.66 43.42 11.05
C PRO H 160 -4.34 43.79 11.72
N LEU H 161 -3.59 44.66 11.05
CA LEU H 161 -2.31 45.13 11.53
C LEU H 161 -2.54 46.57 11.92
N ILE H 162 -2.49 46.85 13.21
CA ILE H 162 -2.74 48.19 13.71
C ILE H 162 -1.46 48.90 14.17
N ARG H 163 -1.15 50.02 13.52
CA ARG H 163 0.03 50.81 13.85
C ARG H 163 -0.35 51.80 14.91
N VAL H 164 0.44 51.83 15.98
CA VAL H 164 0.15 52.67 17.14
C VAL H 164 1.18 53.80 17.38
N THR H 165 0.73 54.90 17.97
CA THR H 165 1.60 56.05 18.21
C THR H 165 2.50 55.91 19.42
N ASN H 166 1.92 55.43 20.51
CA ASN H 166 2.65 55.22 21.73
C ASN H 166 2.31 53.81 22.24
N LEU H 167 3.16 52.85 21.89
CA LEU H 167 2.97 51.46 22.28
C LEU H 167 2.67 51.28 23.77
N ALA H 168 3.47 51.93 24.61
CA ALA H 168 3.27 51.82 26.05
C ALA H 168 1.89 52.30 26.45
N ARG H 169 1.43 53.43 25.88
CA ARG H 169 0.10 53.96 26.19
C ARG H 169 -0.94 52.93 25.73
N THR H 170 -0.74 52.40 24.53
CA THR H 170 -1.63 51.38 23.99
C THR H 170 -1.67 50.16 24.91
N MSE H 171 -0.52 49.78 25.47
CA MSE H 171 -0.47 48.61 26.36
C MSE H 171 -1.16 48.89 27.69
O MSE H 171 -1.65 47.97 28.34
CB MSE H 171 0.97 48.18 26.60
CG MSE H 171 1.63 47.51 25.39
SE MSE H 171 3.57 47.39 25.51
CE MSE H 171 3.71 45.85 26.65
N ARG H 172 -1.21 50.15 28.08
CA ARG H 172 -1.86 50.52 29.33
C ARG H 172 -3.36 50.34 29.13
N MSE H 173 -3.82 50.75 27.96
CA MSE H 173 -5.22 50.64 27.62
C MSE H 173 -5.56 49.15 27.56
O MSE H 173 -6.63 48.74 28.03
CB MSE H 173 -5.47 51.36 26.27
CG MSE H 173 -6.90 51.25 25.72
SE MSE H 173 -7.28 49.50 24.92
CE MSE H 173 -6.56 49.81 23.15
N LEU H 174 -4.68 48.32 27.04
CA LEU H 174 -4.96 46.88 26.98
C LEU H 174 -5.12 46.37 28.41
N GLN H 175 -4.26 46.81 29.32
CA GLN H 175 -4.36 46.35 30.69
C GLN H 175 -5.67 46.78 31.36
N GLU H 176 -6.13 48.00 31.07
CA GLU H 176 -7.39 48.47 31.66
C GLU H 176 -8.53 47.56 31.20
N GLU H 177 -8.36 46.92 30.06
CA GLU H 177 -9.40 46.04 29.55
C GLU H 177 -9.18 44.63 30.06
N ASN H 178 -8.41 44.52 31.15
CA ASN H 178 -8.10 43.24 31.76
C ASN H 178 -7.39 42.24 30.84
N ILE H 179 -6.65 42.72 29.85
CA ILE H 179 -5.92 41.80 28.98
C ILE H 179 -4.56 41.64 29.64
N TRP H 180 -4.12 40.39 29.81
CA TRP H 180 -2.84 40.10 30.43
C TRP H 180 -1.77 40.15 29.35
N ILE H 181 -0.66 40.84 29.62
CA ILE H 181 0.43 40.99 28.66
C ILE H 181 1.68 40.17 28.99
N VAL H 182 2.03 39.26 28.09
CA VAL H 182 3.18 38.38 28.26
C VAL H 182 4.28 38.73 27.25
N GLY H 183 5.47 38.99 27.77
CA GLY H 183 6.56 39.34 26.88
C GLY H 183 7.66 38.29 26.81
N THR H 184 8.21 38.12 25.62
CA THR H 184 9.26 37.15 25.44
C THR H 184 10.62 37.80 25.57
N ALA H 185 11.35 37.46 26.62
CA ALA H 185 12.71 37.98 26.87
C ALA H 185 13.62 36.90 27.46
N GLY H 186 14.85 36.82 26.96
CA GLY H 186 15.80 35.84 27.46
C GLY H 186 16.05 36.03 28.95
N GLU H 187 15.98 37.28 29.39
CA GLU H 187 16.18 37.66 30.78
C GLU H 187 15.06 37.25 31.74
N ALA H 188 14.08 36.49 31.26
CA ALA H 188 12.98 36.06 32.11
C ALA H 188 13.45 35.02 33.13
N ASP H 189 12.70 34.85 34.21
CA ASP H 189 13.08 33.86 35.22
C ASP H 189 12.35 32.51 35.06
N HIS H 190 11.32 32.45 34.21
CA HIS H 190 10.62 31.19 33.96
C HIS H 190 10.34 31.07 32.45
N THR H 191 9.92 29.90 31.98
CA THR H 191 9.65 29.67 30.54
C THR H 191 8.18 29.83 30.15
N LEU H 192 7.91 29.82 28.85
CA LEU H 192 6.54 29.96 28.40
C LEU H 192 5.68 28.78 28.88
N TYR H 193 6.31 27.63 29.14
CA TYR H 193 5.61 26.45 29.62
C TYR H 193 5.13 26.63 31.06
N GLN H 194 5.72 27.57 31.78
CA GLN H 194 5.32 27.81 33.17
C GLN H 194 4.38 29.04 33.26
N SER H 195 3.99 29.55 32.11
CA SER H 195 3.11 30.73 32.04
C SER H 195 1.68 30.32 31.75
N LYS H 196 0.74 31.06 32.33
CA LYS H 196 -0.68 30.79 32.13
C LYS H 196 -1.02 31.70 30.95
N MSE H 197 -1.18 31.12 29.77
CA MSE H 197 -1.47 31.90 28.58
C MSE H 197 -2.91 31.81 28.11
O MSE H 197 -3.19 31.93 26.92
CB MSE H 197 -0.52 31.47 27.47
CG MSE H 197 0.93 31.48 27.93
SE MSE H 197 2.16 31.15 26.51
CE MSE H 197 1.92 32.86 25.63
N THR H 198 -3.82 31.61 29.05
CA THR H 198 -5.22 31.53 28.71
C THR H 198 -5.86 32.89 28.96
N GLY H 199 -7.14 33.01 28.60
CA GLY H 199 -7.88 34.24 28.84
C GLY H 199 -7.64 35.44 27.96
N ARG H 200 -7.75 36.62 28.54
CA ARG H 200 -7.55 37.83 27.76
C ARG H 200 -6.04 37.97 27.68
N LEU H 201 -5.49 37.90 26.47
CA LEU H 201 -4.05 37.95 26.32
C LEU H 201 -3.44 38.68 25.13
N ALA H 202 -2.28 39.30 25.37
CA ALA H 202 -1.49 39.97 24.33
C ALA H 202 -0.09 39.36 24.53
N LEU H 203 0.48 38.82 23.46
CA LEU H 203 1.80 38.22 23.47
C LEU H 203 2.71 39.24 22.83
N VAL H 204 3.87 39.48 23.44
CA VAL H 204 4.82 40.47 22.90
C VAL H 204 6.13 39.82 22.51
N MSE H 205 6.54 40.07 21.28
CA MSE H 205 7.78 39.56 20.75
C MSE H 205 8.58 40.80 20.39
O MSE H 205 8.04 41.81 19.94
CB MSE H 205 7.50 38.75 19.49
CG MSE H 205 6.44 37.67 19.69
SE MSE H 205 6.98 36.33 20.96
CE MSE H 205 8.65 35.78 20.13
N GLY H 206 9.89 40.71 20.62
CA GLY H 206 10.77 41.82 20.26
C GLY H 206 11.61 41.33 19.12
N ALA H 207 12.24 42.24 18.39
CA ALA H 207 13.08 41.86 17.27
C ALA H 207 14.30 41.07 17.72
N GLU H 208 14.89 40.34 16.81
CA GLU H 208 16.08 39.56 17.10
C GLU H 208 17.22 40.39 17.72
N GLY H 209 17.56 41.49 17.07
CA GLY H 209 18.65 42.30 17.58
C GLY H 209 18.49 42.84 19.00
N GLU H 210 17.91 44.04 19.07
CA GLU H 210 17.72 44.76 20.32
C GLU H 210 16.64 44.26 21.30
N GLY H 211 15.72 43.40 20.85
CA GLY H 211 14.68 42.92 21.74
C GLY H 211 13.58 43.97 21.98
N MSE H 212 12.78 43.80 23.03
CA MSE H 212 11.73 44.79 23.32
C MSE H 212 12.42 46.02 23.91
O MSE H 212 13.45 45.89 24.55
CB MSE H 212 10.75 44.29 24.37
CG MSE H 212 10.08 42.97 24.10
SE MSE H 212 8.83 42.62 25.53
CE MSE H 212 9.79 41.16 26.38
N ARG H 213 11.86 47.19 23.70
CA ARG H 213 12.42 48.39 24.31
C ARG H 213 12.19 48.24 25.81
N ARG H 214 12.97 48.92 26.64
CA ARG H 214 12.77 48.81 28.07
C ARG H 214 11.32 49.14 28.44
N LEU H 215 10.80 50.25 27.90
CA LEU H 215 9.43 50.66 28.20
C LEU H 215 8.38 49.63 27.90
N THR H 216 8.62 48.82 26.86
CA THR H 216 7.69 47.76 26.49
C THR H 216 7.76 46.66 27.55
N ARG H 217 8.98 46.20 27.83
CA ARG H 217 9.15 45.16 28.83
C ARG H 217 8.52 45.57 30.16
N GLU H 218 8.65 46.85 30.49
CA GLU H 218 8.12 47.38 31.74
C GLU H 218 6.60 47.42 31.75
N HIS H 219 6.00 47.32 30.57
CA HIS H 219 4.55 47.30 30.53
C HIS H 219 4.01 45.89 30.29
N CYS H 220 4.86 44.89 30.49
CA CYS H 220 4.40 43.51 30.36
C CYS H 220 4.09 43.07 31.79
N ASP H 221 3.03 42.28 31.95
CA ASP H 221 2.68 41.78 33.26
C ASP H 221 3.60 40.64 33.55
N GLU H 222 4.22 40.08 32.53
CA GLU H 222 5.07 38.91 32.73
C GLU H 222 6.07 38.66 31.62
N LEU H 223 7.21 38.06 31.98
CA LEU H 223 8.25 37.76 31.02
C LEU H 223 8.46 36.26 30.92
N ILE H 224 8.61 35.76 29.69
CA ILE H 224 8.85 34.37 29.51
C ILE H 224 10.04 34.19 28.56
N SER H 225 10.63 33.00 28.63
CA SER H 225 11.76 32.65 27.81
C SER H 225 11.48 31.34 27.09
N ILE H 226 12.17 31.16 25.99
CA ILE H 226 12.06 29.94 25.20
C ILE H 226 13.32 29.18 25.58
N PRO H 227 13.18 28.04 26.25
CA PRO H 227 14.36 27.25 26.65
C PRO H 227 15.25 26.85 25.47
N MSE H 228 16.54 27.18 25.56
CA MSE H 228 17.51 26.85 24.52
C MSE H 228 18.33 25.65 24.97
O MSE H 228 18.72 25.57 26.15
CB MSE H 228 18.48 28.01 24.27
CG MSE H 228 17.85 29.27 23.73
SE MSE H 228 17.23 29.10 21.89
CE MSE H 228 15.48 28.35 22.27
N ALA H 229 18.64 24.75 24.05
CA ALA H 229 19.39 23.56 24.42
C ALA H 229 20.84 23.51 23.96
N GLY H 230 21.26 24.42 23.08
CA GLY H 230 22.64 24.34 22.63
C GLY H 230 23.51 25.59 22.63
N SER H 231 24.16 25.86 21.49
CA SER H 231 25.04 27.02 21.33
C SER H 231 24.20 28.21 20.90
N VAL H 232 23.24 27.92 20.03
CA VAL H 232 22.30 28.90 19.51
C VAL H 232 21.67 29.68 20.66
N SER H 233 22.09 30.93 20.82
CA SER H 233 21.59 31.80 21.88
C SER H 233 20.10 32.16 21.76
N SER H 234 19.63 32.36 20.53
CA SER H 234 18.23 32.68 20.31
C SER H 234 17.75 32.05 19.02
N LEU H 235 16.48 32.28 18.72
CA LEU H 235 15.88 31.77 17.51
C LEU H 235 15.42 32.95 16.67
N ASN H 236 15.09 32.68 15.42
CA ASN H 236 14.60 33.69 14.47
C ASN H 236 13.25 34.21 15.02
N VAL H 237 12.94 35.48 14.84
CA VAL H 237 11.69 36.02 15.37
C VAL H 237 10.37 35.39 14.87
N SER H 238 10.31 34.91 13.63
CA SER H 238 9.03 34.32 13.24
C SER H 238 8.90 32.93 13.83
N VAL H 239 9.97 32.15 13.82
CA VAL H 239 9.93 30.83 14.43
C VAL H 239 9.53 30.98 15.93
N ALA H 240 10.20 31.91 16.62
CA ALA H 240 9.96 32.16 18.03
C ALA H 240 8.52 32.61 18.24
N THR H 241 8.02 33.44 17.33
CA THR H 241 6.65 33.90 17.44
C THR H 241 5.72 32.70 17.23
N GLY H 242 5.99 31.90 16.20
CA GLY H 242 5.16 30.71 15.97
C GLY H 242 5.13 29.80 17.20
N ILE H 243 6.30 29.57 17.79
CA ILE H 243 6.43 28.71 18.96
C ILE H 243 5.65 29.22 20.17
N CYS H 244 5.78 30.50 20.50
CA CYS H 244 5.03 31.06 21.62
C CYS H 244 3.53 31.15 21.33
N LEU H 245 3.17 31.54 20.11
CA LEU H 245 1.77 31.63 19.73
C LEU H 245 1.14 30.25 19.90
N PHE H 246 1.82 29.23 19.40
CA PHE H 246 1.23 27.92 19.53
C PHE H 246 1.27 27.29 20.89
N GLU H 247 2.19 27.70 21.75
CA GLU H 247 2.18 27.14 23.11
C GLU H 247 0.90 27.68 23.77
N ALA H 248 0.50 28.87 23.32
CA ALA H 248 -0.70 29.49 23.84
C ALA H 248 -1.90 28.75 23.28
N VAL H 249 -1.87 28.40 21.99
CA VAL H 249 -2.97 27.67 21.37
C VAL H 249 -3.20 26.34 22.08
N ARG H 250 -2.10 25.68 22.45
CA ARG H 250 -2.20 24.40 23.15
C ARG H 250 -2.92 24.60 24.49
N GLN H 251 -2.53 25.62 25.25
CA GLN H 251 -3.14 25.89 26.53
C GLN H 251 -4.57 26.40 26.41
N ARG H 252 -4.89 27.01 25.29
CA ARG H 252 -6.21 27.59 25.13
C ARG H 252 -7.22 26.69 24.45
N SER H 253 -6.80 25.53 24.00
CA SER H 253 -7.71 24.63 23.34
C SER H 253 -7.96 23.44 24.24
#